data_4HRE
#
_entry.id   4HRE
#
_cell.length_a   50.791
_cell.length_b   74.346
_cell.length_c   154.466
_cell.angle_alpha   90.14
_cell.angle_beta   96.56
_cell.angle_gamma   108.37
#
_symmetry.space_group_name_H-M   'P 1'
#
loop_
_entity.id
_entity.type
_entity.pdbx_description
1 polymer 'Annexin A2'
2 polymer 'Protein S100-A10'
3 polymer 'Helicase-like transcription factor'
#
loop_
_entity_poly.entity_id
_entity_poly.type
_entity_poly.pdbx_seq_one_letter_code
_entity_poly.pdbx_strand_id
1 'polypeptide(L)'
;MSTVHEILCKLSLEGDHSTPPSAYGSVKPYTNFDAERDALNIETAVKTKGVDEVTIVNILTNRSNVQRQDIAFAYQRRTK
KELPSALKSALSGHLETVILGLLKTPAQYDASELKASMKGLGTDEDSLIEIICSRTNQELQEINRVYKEMYKTDLEKDII
SDTSGDFRKLMVALAKGRRAEDGSVIDYELIDQDARELYDAGVKRKGTDVPKWISIMTERSVCHLQKVFERYKSYSPYDM
LESIKKEVKGDLENAFLNLVQCIQNKPLYFADRLYDSMKGKGTRDKVLIRIMVSRSEVDMLKIRSEFKRKYGKSLYYYIQ
QDTKGDYQKALLYLCGGDD
;
A,C,B,D
2 'polypeptide(L)'
;SPSQMEHAMETMMFTFHKFAGDKGYLTKEDLRVLMEKEFPGFLENQKDPLAVDKIMKDLDQCRDGKVGFQSFFSLIAGLT
IACNDYFVVHMKQKGKK
;
E,F,I,J
3 'polypeptide(L)' PRLSYPTFFPRFEF G,H,K,L
#
# COMPACT_ATOMS: atom_id res chain seq x y z
N SER A 2 -5.60 49.71 -39.78
CA SER A 2 -6.40 48.49 -39.74
C SER A 2 -6.40 47.77 -41.09
N THR A 3 -5.25 47.19 -41.43
CA THR A 3 -5.09 46.44 -42.69
C THR A 3 -6.03 45.23 -42.79
N VAL A 4 -6.24 44.57 -41.65
CA VAL A 4 -7.16 43.42 -41.56
C VAL A 4 -8.51 43.70 -42.21
N HIS A 5 -9.04 44.90 -41.97
CA HIS A 5 -10.35 45.30 -42.45
C HIS A 5 -10.49 45.11 -43.97
N GLU A 6 -9.37 45.17 -44.68
CA GLU A 6 -9.36 44.88 -46.10
C GLU A 6 -9.50 43.37 -46.32
N ILE A 7 -8.49 42.64 -45.83
CA ILE A 7 -8.38 41.19 -45.99
C ILE A 7 -9.66 40.45 -45.55
N LEU A 8 -10.08 40.73 -44.33
CA LEU A 8 -11.32 40.21 -43.77
C LEU A 8 -12.51 40.44 -44.70
N CYS A 9 -12.54 41.60 -45.34
CA CYS A 9 -13.66 41.97 -46.19
C CYS A 9 -13.70 41.18 -47.50
N LYS A 10 -12.65 40.42 -47.79
CA LYS A 10 -12.67 39.51 -48.93
C LYS A 10 -13.17 38.12 -48.56
N LEU A 11 -13.29 37.86 -47.25
CA LEU A 11 -13.61 36.54 -46.73
C LEU A 11 -15.10 36.21 -46.78
N SER A 12 -15.39 34.91 -46.88
CA SER A 12 -16.77 34.42 -46.93
C SER A 12 -16.89 33.01 -46.38
N LEU A 13 -18.04 32.70 -45.78
CA LEU A 13 -18.37 31.35 -45.33
C LEU A 13 -18.39 30.35 -46.49
N GLU A 14 -19.35 30.54 -47.38
CA GLU A 14 -19.53 29.72 -48.58
C GLU A 14 -19.66 30.53 -49.89
N GLY A 15 -20.64 31.44 -50.02
CA GLY A 15 -21.66 31.73 -49.03
C GLY A 15 -22.82 30.78 -49.26
N ASP A 16 -23.50 30.36 -48.20
CA ASP A 16 -24.58 29.39 -48.36
C ASP A 16 -25.64 30.03 -49.24
N HIS A 17 -25.94 29.38 -50.37
CA HIS A 17 -26.64 30.08 -51.44
C HIS A 17 -28.15 30.09 -51.33
N SER A 18 -28.68 31.31 -51.27
CA SER A 18 -30.11 31.57 -51.32
C SER A 18 -30.49 31.74 -52.78
N THR A 19 -29.56 31.42 -53.67
CA THR A 19 -29.66 31.80 -55.06
C THR A 19 -29.98 30.58 -55.90
N PRO A 20 -30.72 30.78 -56.98
CA PRO A 20 -31.09 29.67 -57.87
C PRO A 20 -30.14 29.53 -59.05
N PRO A 21 -29.98 28.31 -59.55
CA PRO A 21 -29.09 28.05 -60.69
C PRO A 21 -29.75 28.51 -61.98
N SER A 22 -30.71 29.42 -61.87
CA SER A 22 -31.29 30.09 -63.05
C SER A 22 -32.45 29.37 -63.73
N ALA A 23 -32.89 28.25 -63.16
CA ALA A 23 -34.00 27.50 -63.72
C ALA A 23 -33.89 26.72 -65.02
N TYR A 24 -33.37 27.39 -66.05
CA TYR A 24 -33.19 26.76 -67.36
C TYR A 24 -31.85 26.07 -67.47
N GLY A 25 -31.06 26.14 -66.40
CA GLY A 25 -29.74 25.53 -66.37
C GLY A 25 -29.83 24.01 -66.42
N SER A 26 -28.86 23.37 -67.07
CA SER A 26 -28.80 21.92 -67.14
C SER A 26 -27.92 21.39 -66.02
N VAL A 27 -27.21 22.28 -65.36
CA VAL A 27 -26.34 21.90 -64.27
C VAL A 27 -26.92 22.44 -62.98
N LYS A 28 -27.04 21.58 -61.98
CA LYS A 28 -27.60 21.98 -60.69
C LYS A 28 -26.62 21.71 -59.55
N PRO A 29 -26.73 22.51 -58.49
CA PRO A 29 -25.85 22.36 -57.33
C PRO A 29 -25.94 20.97 -56.71
N TYR A 30 -24.81 20.28 -56.56
CA TYR A 30 -24.80 18.92 -56.04
C TYR A 30 -25.58 18.80 -54.74
N THR A 31 -26.31 17.69 -54.61
CA THR A 31 -27.21 17.45 -53.47
C THR A 31 -26.56 17.37 -52.07
N ASN A 32 -25.67 16.40 -51.83
CA ASN A 32 -24.91 16.41 -50.58
C ASN A 32 -23.46 16.68 -50.92
N PHE A 33 -23.02 17.90 -50.66
CA PHE A 33 -21.74 18.35 -51.17
C PHE A 33 -20.70 18.36 -50.08
N ASP A 34 -19.51 17.89 -50.42
CA ASP A 34 -18.34 18.17 -49.61
C ASP A 34 -17.16 18.45 -50.53
N ALA A 35 -16.59 19.64 -50.39
CA ALA A 35 -15.45 20.01 -51.21
C ALA A 35 -14.20 19.19 -50.86
N GLU A 36 -14.03 18.88 -49.58
CA GLU A 36 -12.82 18.15 -49.15
C GLU A 36 -12.69 16.76 -49.78
N ARG A 37 -13.74 15.95 -49.78
CA ARG A 37 -13.63 14.59 -50.31
C ARG A 37 -13.44 14.61 -51.82
N ASP A 38 -14.14 15.52 -52.50
CA ASP A 38 -14.01 15.71 -53.94
C ASP A 38 -12.58 16.08 -54.36
N ALA A 39 -11.93 16.94 -53.56
CA ALA A 39 -10.53 17.27 -53.77
C ALA A 39 -9.65 16.03 -53.65
N LEU A 40 -9.87 15.25 -52.59
CA LEU A 40 -9.16 13.99 -52.35
C LEU A 40 -9.27 13.09 -53.58
N ASN A 41 -10.49 12.95 -54.10
CA ASN A 41 -10.75 12.02 -55.17
C ASN A 41 -10.15 12.44 -56.50
N ILE A 42 -10.05 13.75 -56.73
CA ILE A 42 -9.35 14.26 -57.91
C ILE A 42 -7.85 14.03 -57.75
N GLU A 43 -7.31 14.44 -56.61
CA GLU A 43 -5.91 14.15 -56.27
C GLU A 43 -5.63 12.66 -56.45
N THR A 44 -6.44 11.82 -55.82
CA THR A 44 -6.27 10.37 -55.94
C THR A 44 -6.30 9.92 -57.40
N ALA A 45 -7.14 10.58 -58.21
CA ALA A 45 -7.30 10.18 -59.60
C ALA A 45 -6.13 10.63 -60.50
N VAL A 46 -5.47 11.72 -60.14
CA VAL A 46 -4.31 12.19 -60.90
C VAL A 46 -3.09 11.39 -60.55
N LYS A 47 -2.90 11.12 -59.26
CA LYS A 47 -1.70 10.43 -58.79
C LYS A 47 -1.85 8.92 -59.03
N THR A 48 -3.00 8.52 -59.56
CA THR A 48 -3.17 7.15 -60.03
C THR A 48 -2.46 6.98 -61.36
N LYS A 49 -1.88 5.80 -61.57
CA LYS A 49 -1.11 5.51 -62.77
C LYS A 49 -2.06 5.47 -63.96
N GLY A 50 -1.81 6.32 -64.94
CA GLY A 50 -2.69 6.40 -66.11
C GLY A 50 -3.91 7.26 -65.86
N VAL A 51 -3.86 8.13 -64.85
CA VAL A 51 -4.84 9.22 -64.68
C VAL A 51 -6.32 8.86 -64.78
N ASP A 52 -6.88 8.25 -63.74
CA ASP A 52 -8.32 8.01 -63.74
C ASP A 52 -8.99 9.33 -64.18
N GLU A 53 -9.56 9.31 -65.38
CA GLU A 53 -10.14 10.53 -66.00
C GLU A 53 -11.61 10.60 -65.64
N VAL A 54 -12.23 9.42 -65.74
CA VAL A 54 -13.65 9.22 -65.50
C VAL A 54 -14.09 9.86 -64.17
N THR A 55 -13.31 9.62 -63.11
CA THR A 55 -13.55 10.21 -61.79
C THR A 55 -13.44 11.75 -61.75
N ILE A 56 -12.36 12.29 -62.33
CA ILE A 56 -12.22 13.75 -62.48
C ILE A 56 -13.39 14.35 -63.27
N VAL A 57 -13.82 13.67 -64.33
CA VAL A 57 -14.89 14.16 -65.19
C VAL A 57 -16.26 14.04 -64.53
N ASN A 58 -16.55 12.86 -64.00
CA ASN A 58 -17.81 12.62 -63.29
C ASN A 58 -18.05 13.61 -62.15
N ILE A 59 -17.03 13.80 -61.29
CA ILE A 59 -17.13 14.77 -60.19
C ILE A 59 -17.35 16.22 -60.66
N LEU A 60 -16.46 16.76 -61.49
CA LEU A 60 -16.53 18.16 -61.89
C LEU A 60 -17.78 18.57 -62.70
N THR A 61 -18.20 17.72 -63.65
CA THR A 61 -19.37 18.03 -64.49
C THR A 61 -20.69 17.83 -63.75
N ASN A 62 -20.62 17.18 -62.59
CA ASN A 62 -21.76 17.05 -61.70
C ASN A 62 -21.75 18.05 -60.54
N ARG A 63 -20.76 18.95 -60.54
CA ARG A 63 -20.74 20.06 -59.60
C ARG A 63 -21.14 21.34 -60.31
N SER A 64 -21.85 22.22 -59.60
CA SER A 64 -22.12 23.55 -60.14
C SER A 64 -20.83 24.37 -60.05
N ASN A 65 -20.77 25.47 -60.80
CA ASN A 65 -19.57 26.30 -60.86
C ASN A 65 -19.09 26.71 -59.47
N VAL A 66 -20.04 26.97 -58.57
CA VAL A 66 -19.70 27.38 -57.22
C VAL A 66 -19.00 26.25 -56.46
N GLN A 67 -19.45 25.03 -56.68
CA GLN A 67 -18.88 23.88 -56.01
C GLN A 67 -17.51 23.52 -56.56
N ARG A 68 -17.26 23.86 -57.82
CA ARG A 68 -15.99 23.54 -58.45
C ARG A 68 -14.92 24.42 -57.85
N GLN A 69 -15.28 25.68 -57.62
CA GLN A 69 -14.41 26.67 -56.99
C GLN A 69 -14.14 26.33 -55.52
N ASP A 70 -15.10 25.67 -54.87
CA ASP A 70 -14.89 25.14 -53.53
C ASP A 70 -13.87 24.02 -53.60
N ILE A 71 -14.15 23.05 -54.47
CA ILE A 71 -13.26 21.92 -54.68
C ILE A 71 -11.85 22.39 -55.01
N ALA A 72 -11.74 23.29 -55.98
CA ALA A 72 -10.44 23.81 -56.38
C ALA A 72 -9.72 24.56 -55.24
N PHE A 73 -10.46 24.95 -54.22
CA PHE A 73 -9.87 25.62 -53.06
C PHE A 73 -9.29 24.60 -52.08
N ALA A 74 -10.16 23.71 -51.62
CA ALA A 74 -9.76 22.57 -50.79
C ALA A 74 -8.58 21.84 -51.40
N TYR A 75 -8.60 21.71 -52.72
CA TYR A 75 -7.47 21.12 -53.44
C TYR A 75 -6.16 21.88 -53.21
N GLN A 76 -6.21 23.21 -53.13
CA GLN A 76 -4.99 23.98 -52.90
C GLN A 76 -4.45 23.75 -51.49
N ARG A 77 -5.28 23.96 -50.47
CA ARG A 77 -4.82 23.85 -49.09
C ARG A 77 -4.43 22.43 -48.70
N ARG A 78 -5.04 21.43 -49.33
CA ARG A 78 -4.59 20.06 -49.14
C ARG A 78 -3.27 19.80 -49.82
N THR A 79 -3.19 20.06 -51.13
CA THR A 79 -2.00 19.70 -51.87
C THR A 79 -0.92 20.77 -52.03
N LYS A 80 -1.25 22.02 -51.73
CA LYS A 80 -0.33 23.14 -51.99
C LYS A 80 -0.11 23.42 -53.49
N LYS A 81 -0.78 22.64 -54.34
CA LYS A 81 -0.77 22.85 -55.78
C LYS A 81 -2.07 23.49 -56.28
N GLU A 82 -1.97 24.28 -57.35
CA GLU A 82 -3.15 24.80 -58.02
C GLU A 82 -3.84 23.68 -58.81
N LEU A 83 -5.15 23.54 -58.64
CA LEU A 83 -5.91 22.50 -59.32
C LEU A 83 -5.89 22.71 -60.83
N PRO A 84 -5.95 23.96 -61.25
CA PRO A 84 -5.94 24.30 -62.67
C PRO A 84 -4.76 23.68 -63.42
N SER A 85 -3.54 23.88 -62.91
CA SER A 85 -2.37 23.35 -63.60
C SER A 85 -2.06 21.90 -63.26
N ALA A 86 -2.60 21.40 -62.16
CA ALA A 86 -2.47 19.99 -61.84
C ALA A 86 -3.22 19.20 -62.90
N LEU A 87 -4.34 19.76 -63.35
CA LEU A 87 -5.17 19.13 -64.40
C LEU A 87 -4.65 19.40 -65.81
N LYS A 88 -3.95 20.52 -65.98
CA LYS A 88 -3.41 20.88 -67.29
C LYS A 88 -2.40 19.81 -67.73
N SER A 89 -1.65 19.29 -66.77
CA SER A 89 -0.69 18.23 -67.07
C SER A 89 -1.26 16.80 -67.09
N ALA A 90 -2.27 16.54 -66.27
CA ALA A 90 -2.83 15.20 -66.23
C ALA A 90 -3.77 14.93 -67.43
N LEU A 91 -4.26 16.00 -68.06
CA LEU A 91 -5.28 15.86 -69.10
C LEU A 91 -4.74 16.32 -70.46
N SER A 92 -5.37 15.86 -71.54
CA SER A 92 -4.99 16.25 -72.89
C SER A 92 -6.19 16.55 -73.80
N GLY A 93 -5.93 17.17 -74.95
CA GLY A 93 -6.96 17.36 -75.96
C GLY A 93 -8.23 18.11 -75.55
N HIS A 94 -9.33 17.83 -76.25
CA HIS A 94 -10.62 18.49 -76.01
C HIS A 94 -11.11 18.35 -74.57
N LEU A 95 -10.89 17.18 -73.96
CA LEU A 95 -11.25 16.98 -72.55
C LEU A 95 -10.57 18.00 -71.64
N GLU A 96 -9.27 18.18 -71.82
CA GLU A 96 -8.53 19.19 -71.08
C GLU A 96 -9.18 20.57 -71.26
N THR A 97 -9.42 20.94 -72.52
CA THR A 97 -10.04 22.22 -72.84
C THR A 97 -11.36 22.40 -72.07
N VAL A 98 -12.22 21.39 -72.11
CA VAL A 98 -13.49 21.43 -71.42
C VAL A 98 -13.36 21.57 -69.92
N ILE A 99 -12.69 20.58 -69.31
CA ILE A 99 -12.50 20.54 -67.86
C ILE A 99 -11.86 21.85 -67.40
N LEU A 100 -10.82 22.29 -68.11
CA LEU A 100 -10.19 23.58 -67.82
C LEU A 100 -11.18 24.75 -67.80
N GLY A 101 -12.14 24.77 -68.73
CA GLY A 101 -13.11 25.84 -68.79
C GLY A 101 -14.18 25.74 -67.71
N LEU A 102 -14.55 24.50 -67.38
CA LEU A 102 -15.50 24.24 -66.31
C LEU A 102 -15.01 24.80 -64.98
N LEU A 103 -13.70 24.83 -64.82
CA LEU A 103 -13.08 25.32 -63.59
C LEU A 103 -13.17 26.83 -63.44
N LYS A 104 -13.19 27.56 -64.55
CA LYS A 104 -13.28 29.02 -64.48
C LYS A 104 -14.71 29.47 -64.18
N THR A 105 -14.83 30.54 -63.40
CA THR A 105 -16.12 31.20 -63.18
C THR A 105 -16.63 31.77 -64.50
N PRO A 106 -17.95 32.03 -64.60
CA PRO A 106 -18.51 32.53 -65.86
C PRO A 106 -17.77 33.72 -66.47
N ALA A 107 -17.48 34.76 -65.67
CA ALA A 107 -16.85 35.96 -66.22
C ALA A 107 -15.37 35.76 -66.48
N GLN A 108 -14.77 34.85 -65.72
CA GLN A 108 -13.36 34.50 -65.87
C GLN A 108 -13.16 33.75 -67.17
N TYR A 109 -14.17 32.95 -67.52
CA TYR A 109 -14.11 32.12 -68.71
C TYR A 109 -14.39 32.93 -69.97
N ASP A 110 -15.34 33.86 -69.92
CA ASP A 110 -15.60 34.69 -71.09
C ASP A 110 -14.39 35.60 -71.41
N ALA A 111 -13.88 36.29 -70.40
CA ALA A 111 -12.72 37.17 -70.60
C ALA A 111 -11.54 36.39 -71.13
N SER A 112 -11.34 35.19 -70.60
CA SER A 112 -10.25 34.35 -71.03
C SER A 112 -10.43 33.99 -72.51
N GLU A 113 -11.66 33.60 -72.89
CA GLU A 113 -12.01 33.33 -74.30
C GLU A 113 -11.87 34.57 -75.18
N LEU A 114 -12.36 35.70 -74.70
CA LEU A 114 -12.27 36.95 -75.44
C LEU A 114 -10.82 37.39 -75.59
N LYS A 115 -10.03 37.16 -74.54
CA LYS A 115 -8.62 37.50 -74.57
C LYS A 115 -7.86 36.60 -75.54
N ALA A 116 -8.09 35.30 -75.44
CA ALA A 116 -7.45 34.33 -76.32
C ALA A 116 -7.79 34.63 -77.79
N SER A 117 -9.06 34.98 -78.02
CA SER A 117 -9.51 35.33 -79.36
C SER A 117 -8.98 36.69 -79.78
N MET A 118 -8.91 37.61 -78.83
CA MET A 118 -8.40 38.95 -79.09
C MET A 118 -7.11 39.00 -79.89
N LYS A 119 -6.04 38.47 -79.31
CA LYS A 119 -4.73 38.54 -79.93
C LYS A 119 -4.72 37.94 -81.34
N GLY A 120 -4.43 38.82 -82.29
CA GLY A 120 -4.38 38.51 -83.70
C GLY A 120 -4.51 39.83 -84.43
N LEU A 121 -4.05 39.86 -85.69
CA LEU A 121 -4.12 41.08 -86.50
C LEU A 121 -5.55 41.63 -86.55
N GLY A 122 -6.50 40.79 -86.97
CA GLY A 122 -6.20 39.42 -87.35
C GLY A 122 -6.40 38.44 -86.20
N THR A 123 -7.67 38.17 -85.90
CA THR A 123 -8.01 37.24 -84.83
C THR A 123 -9.32 36.53 -85.10
N ASP A 124 -9.85 35.86 -84.08
CA ASP A 124 -11.11 35.13 -84.22
C ASP A 124 -12.29 36.01 -83.83
N GLU A 125 -12.97 36.55 -84.84
CA GLU A 125 -14.12 37.41 -84.61
C GLU A 125 -15.37 36.67 -84.22
N ASP A 126 -15.55 35.46 -84.74
CA ASP A 126 -16.73 34.68 -84.39
C ASP A 126 -16.82 34.51 -82.88
N SER A 127 -15.70 34.24 -82.23
CA SER A 127 -15.65 34.16 -80.78
C SER A 127 -15.98 35.55 -80.22
N LEU A 128 -15.23 36.54 -80.67
CA LEU A 128 -15.46 37.92 -80.29
C LEU A 128 -16.93 38.29 -80.47
N ILE A 129 -17.44 38.08 -81.69
CA ILE A 129 -18.85 38.29 -81.99
C ILE A 129 -19.80 37.46 -81.13
N GLU A 130 -19.52 36.15 -80.97
CA GLU A 130 -20.37 35.27 -80.17
C GLU A 130 -20.55 35.79 -78.76
N ILE A 131 -19.45 36.17 -78.12
CA ILE A 131 -19.54 36.52 -76.73
C ILE A 131 -20.20 37.87 -76.56
N ILE A 132 -19.68 38.88 -77.27
CA ILE A 132 -20.19 40.24 -77.14
C ILE A 132 -21.67 40.45 -77.55
N CYS A 133 -22.15 39.68 -78.53
CA CYS A 133 -23.55 39.81 -78.95
C CYS A 133 -24.53 39.06 -78.07
N SER A 134 -24.02 38.08 -77.33
CA SER A 134 -24.90 37.26 -76.52
C SER A 134 -24.94 37.59 -75.02
N ARG A 135 -24.08 38.49 -74.56
CA ARG A 135 -23.97 38.71 -73.11
C ARG A 135 -24.81 39.89 -72.63
N THR A 136 -25.42 39.75 -71.46
CA THR A 136 -26.29 40.81 -70.93
C THR A 136 -25.49 41.92 -70.29
N ASN A 137 -26.18 42.97 -69.86
CA ASN A 137 -25.53 44.10 -69.21
C ASN A 137 -24.70 43.70 -68.00
N GLN A 138 -25.28 42.90 -67.09
CA GLN A 138 -24.59 42.45 -65.87
C GLN A 138 -23.48 41.49 -66.23
N GLU A 139 -23.78 40.55 -67.11
CA GLU A 139 -22.80 39.58 -67.57
C GLU A 139 -21.56 40.29 -68.12
N LEU A 140 -21.78 41.28 -68.98
CA LEU A 140 -20.69 42.07 -69.55
C LEU A 140 -19.91 42.86 -68.51
N GLN A 141 -20.63 43.50 -67.59
CA GLN A 141 -20.01 44.32 -66.57
C GLN A 141 -18.92 43.56 -65.80
N GLU A 142 -19.21 42.30 -65.47
CA GLU A 142 -18.25 41.45 -64.78
C GLU A 142 -17.09 41.02 -65.67
N ILE A 143 -17.36 40.77 -66.95
CA ILE A 143 -16.30 40.50 -67.93
C ILE A 143 -15.23 41.58 -67.83
N ASN A 144 -15.67 42.83 -67.94
CA ASN A 144 -14.80 43.99 -67.89
C ASN A 144 -14.01 44.08 -66.59
N ARG A 145 -14.65 43.81 -65.47
CA ARG A 145 -14.02 43.86 -64.16
C ARG A 145 -12.97 42.76 -64.06
N VAL A 146 -13.32 41.57 -64.53
CA VAL A 146 -12.43 40.43 -64.43
C VAL A 146 -11.34 40.45 -65.50
N TYR A 147 -11.67 40.97 -66.68
CA TYR A 147 -10.65 41.23 -67.70
C TYR A 147 -9.52 42.12 -67.13
N LYS A 148 -9.90 43.27 -66.58
CA LYS A 148 -8.95 44.22 -65.98
C LYS A 148 -8.04 43.55 -64.93
N GLU A 149 -8.65 42.85 -63.98
CA GLU A 149 -7.89 42.19 -62.91
C GLU A 149 -6.90 41.18 -63.48
N MET A 150 -7.32 40.44 -64.50
CA MET A 150 -6.46 39.41 -65.09
C MET A 150 -5.40 39.97 -66.04
N TYR A 151 -5.80 40.85 -66.94
CA TYR A 151 -4.88 41.34 -67.97
C TYR A 151 -4.31 42.75 -67.81
N LYS A 152 -4.79 43.46 -66.79
CA LYS A 152 -4.32 44.82 -66.47
C LYS A 152 -4.68 45.91 -67.48
N THR A 153 -5.29 45.51 -68.60
CA THR A 153 -5.84 46.47 -69.55
C THR A 153 -7.36 46.29 -69.66
N ASP A 154 -8.07 47.32 -70.13
CA ASP A 154 -9.51 47.23 -70.25
C ASP A 154 -9.92 46.42 -71.48
N LEU A 155 -11.06 45.74 -71.38
CA LEU A 155 -11.58 45.01 -72.52
C LEU A 155 -11.81 45.96 -73.69
N GLU A 156 -12.05 47.24 -73.40
CA GLU A 156 -12.34 48.22 -74.46
C GLU A 156 -11.12 48.56 -75.33
N LYS A 157 -9.99 48.86 -74.70
CA LYS A 157 -8.76 49.12 -75.44
C LYS A 157 -8.35 47.91 -76.28
N ASP A 158 -8.49 46.71 -75.72
CA ASP A 158 -8.21 45.49 -76.49
C ASP A 158 -9.02 45.38 -77.78
N ILE A 159 -10.34 45.49 -77.68
CA ILE A 159 -11.22 45.55 -78.85
C ILE A 159 -10.78 46.64 -79.85
N ILE A 160 -10.47 47.83 -79.32
CA ILE A 160 -9.96 48.92 -80.14
C ILE A 160 -8.68 48.55 -80.92
N SER A 161 -7.71 47.93 -80.25
CA SER A 161 -6.46 47.61 -80.91
C SER A 161 -6.57 46.34 -81.77
N ASP A 162 -7.52 45.49 -81.40
CA ASP A 162 -7.75 44.24 -82.12
C ASP A 162 -8.88 44.29 -83.15
N THR A 163 -9.47 45.46 -83.39
CA THR A 163 -10.48 45.62 -84.45
C THR A 163 -10.35 46.95 -85.20
N SER A 164 -11.16 47.16 -86.23
CA SER A 164 -11.13 48.40 -87.01
C SER A 164 -12.48 48.63 -87.69
N GLY A 165 -12.60 49.76 -88.39
CA GLY A 165 -13.83 50.08 -89.10
C GLY A 165 -15.06 50.11 -88.21
N ASP A 166 -16.22 49.90 -88.83
CA ASP A 166 -17.49 49.99 -88.13
C ASP A 166 -17.71 48.78 -87.25
N PHE A 167 -17.07 47.67 -87.62
CA PHE A 167 -17.05 46.49 -86.78
C PHE A 167 -16.49 46.82 -85.39
N ARG A 168 -15.42 47.61 -85.35
CA ARG A 168 -14.88 48.12 -84.10
C ARG A 168 -15.92 48.93 -83.32
N LYS A 169 -16.49 49.94 -83.98
CA LYS A 169 -17.55 50.75 -83.39
C LYS A 169 -18.65 49.88 -82.81
N LEU A 170 -19.09 48.88 -83.57
CA LEU A 170 -20.15 47.97 -83.12
C LEU A 170 -19.75 47.15 -81.89
N MET A 171 -18.58 46.51 -81.93
CA MET A 171 -18.16 45.68 -80.79
C MET A 171 -17.83 46.53 -79.54
N VAL A 172 -17.29 47.74 -79.72
CA VAL A 172 -17.04 48.63 -78.58
C VAL A 172 -18.36 49.04 -77.93
N ALA A 173 -19.36 49.33 -78.75
CA ALA A 173 -20.64 49.78 -78.22
C ALA A 173 -21.32 48.68 -77.40
N LEU A 174 -21.39 47.49 -77.95
CA LEU A 174 -22.04 46.40 -77.27
C LEU A 174 -21.33 46.08 -75.97
N ALA A 175 -20.00 46.08 -76.02
CA ALA A 175 -19.16 45.63 -74.90
C ALA A 175 -19.34 46.44 -73.62
N LYS A 176 -19.91 47.64 -73.75
CA LYS A 176 -20.10 48.54 -72.61
C LYS A 176 -21.21 48.06 -71.68
N GLY A 177 -22.12 47.25 -72.19
CA GLY A 177 -23.20 46.74 -71.37
C GLY A 177 -23.97 47.89 -70.75
N ARG A 178 -24.21 48.90 -71.58
CA ARG A 178 -25.09 49.99 -71.23
C ARG A 178 -26.49 49.87 -71.81
N ARG A 179 -26.82 48.72 -72.39
CA ARG A 179 -28.13 48.55 -73.05
C ARG A 179 -29.34 48.91 -72.18
N ALA A 180 -30.35 49.52 -72.81
CA ALA A 180 -31.58 49.86 -72.14
C ALA A 180 -32.33 48.61 -71.68
N GLU A 181 -33.13 48.81 -70.63
CA GLU A 181 -33.81 47.75 -69.89
C GLU A 181 -35.27 47.44 -70.23
N ASP A 182 -35.83 48.03 -71.30
CA ASP A 182 -37.23 48.50 -71.28
C ASP A 182 -38.20 47.58 -70.54
N GLY A 183 -39.00 48.21 -69.69
CA GLY A 183 -39.87 47.50 -68.78
C GLY A 183 -41.29 47.44 -69.31
N SER A 184 -42.24 47.50 -68.38
CA SER A 184 -43.66 47.38 -68.67
C SER A 184 -44.14 48.39 -69.73
N VAL A 185 -43.86 49.67 -69.48
CA VAL A 185 -44.18 50.72 -70.43
C VAL A 185 -43.52 50.47 -71.79
N ILE A 186 -44.30 50.55 -72.86
CA ILE A 186 -43.82 50.23 -74.20
C ILE A 186 -44.05 51.35 -75.23
N ASP A 187 -42.98 51.73 -75.95
CA ASP A 187 -43.00 52.97 -76.73
C ASP A 187 -43.26 52.68 -78.19
N TYR A 188 -44.51 52.88 -78.61
CA TYR A 188 -44.91 52.51 -79.96
C TYR A 188 -44.45 53.57 -80.94
N GLU A 189 -44.41 54.80 -80.44
CA GLU A 189 -43.89 55.93 -81.17
C GLU A 189 -42.43 55.65 -81.57
N LEU A 190 -41.64 55.17 -80.61
CA LEU A 190 -40.20 54.94 -80.79
C LEU A 190 -39.91 53.70 -81.64
N ILE A 191 -40.66 52.63 -81.39
CA ILE A 191 -40.61 51.43 -82.22
C ILE A 191 -40.75 51.77 -83.71
N ASP A 192 -41.79 52.55 -84.05
CA ASP A 192 -41.97 52.99 -85.45
C ASP A 192 -40.81 53.84 -85.97
N GLN A 193 -40.48 54.88 -85.21
CA GLN A 193 -39.36 55.74 -85.47
C GLN A 193 -38.11 54.91 -85.81
N ASP A 194 -37.81 53.96 -84.92
CA ASP A 194 -36.68 53.06 -85.12
C ASP A 194 -36.83 52.19 -86.39
N ALA A 195 -37.99 51.59 -86.58
CA ALA A 195 -38.23 50.73 -87.74
C ALA A 195 -37.90 51.48 -89.03
N ARG A 196 -38.31 52.73 -89.10
CA ARG A 196 -38.12 53.52 -90.32
C ARG A 196 -36.68 53.98 -90.49
N GLU A 197 -35.99 54.19 -89.36
CA GLU A 197 -34.59 54.60 -89.39
C GLU A 197 -33.73 53.47 -89.96
N LEU A 198 -34.00 52.25 -89.52
CA LEU A 198 -33.28 51.08 -89.99
C LEU A 198 -33.43 50.96 -91.50
N TYR A 199 -34.64 51.18 -91.98
CA TYR A 199 -34.92 51.15 -93.40
C TYR A 199 -34.30 52.37 -94.10
N ASP A 200 -34.53 53.56 -93.55
CA ASP A 200 -33.94 54.79 -94.10
C ASP A 200 -32.42 54.69 -94.21
N ALA A 201 -31.81 53.92 -93.31
CA ALA A 201 -30.38 53.69 -93.33
C ALA A 201 -29.97 52.70 -94.43
N GLY A 202 -30.32 51.43 -94.31
CA GLY A 202 -29.95 50.46 -95.33
C GLY A 202 -30.68 50.31 -96.66
N VAL A 203 -31.93 49.84 -96.62
CA VAL A 203 -32.60 49.32 -97.82
C VAL A 203 -33.16 50.42 -98.72
N LYS A 204 -33.76 51.43 -98.11
CA LYS A 204 -34.33 52.55 -98.85
C LYS A 204 -33.32 53.23 -99.78
N ARG A 205 -32.04 53.25 -99.40
CA ARG A 205 -31.00 53.95 -100.15
C ARG A 205 -29.86 53.04 -100.62
N LYS A 206 -29.09 53.50 -101.60
CA LYS A 206 -27.84 52.82 -101.94
C LYS A 206 -26.69 53.44 -101.15
N GLY A 207 -25.83 52.58 -100.63
CA GLY A 207 -24.98 52.95 -99.52
C GLY A 207 -25.76 52.61 -98.25
N THR A 208 -25.11 52.78 -97.11
CA THR A 208 -25.69 52.43 -95.82
C THR A 208 -25.23 53.42 -94.77
N ASP A 209 -26.14 53.85 -93.90
CA ASP A 209 -25.69 54.66 -92.77
C ASP A 209 -25.61 53.67 -91.59
N VAL A 210 -24.39 53.23 -91.33
CA VAL A 210 -24.12 52.20 -90.34
C VAL A 210 -24.27 52.65 -88.88
N PRO A 211 -23.75 53.85 -88.54
CA PRO A 211 -23.91 54.26 -87.14
C PRO A 211 -25.37 54.35 -86.75
N LYS A 212 -26.25 54.67 -87.70
CA LYS A 212 -27.67 54.63 -87.46
C LYS A 212 -28.05 53.25 -86.93
N TRP A 213 -27.67 52.21 -87.66
CA TRP A 213 -27.92 50.83 -87.25
C TRP A 213 -27.22 50.51 -85.93
N ILE A 214 -26.00 51.02 -85.78
CA ILE A 214 -25.23 50.78 -84.57
C ILE A 214 -25.90 51.41 -83.35
N SER A 215 -26.24 52.69 -83.39
CA SER A 215 -26.88 53.30 -82.24
C SER A 215 -28.15 52.54 -81.84
N ILE A 216 -29.09 52.41 -82.75
CA ILE A 216 -30.34 51.72 -82.43
C ILE A 216 -30.17 50.31 -81.82
N MET A 217 -29.42 49.43 -82.50
CA MET A 217 -29.33 48.02 -82.07
C MET A 217 -28.43 47.76 -80.85
N THR A 218 -27.57 48.72 -80.50
CA THR A 218 -26.89 48.65 -79.20
C THR A 218 -27.70 49.25 -78.04
N GLU A 219 -28.33 50.40 -78.29
CA GLU A 219 -28.98 51.17 -77.23
C GLU A 219 -30.33 50.64 -76.76
N ARG A 220 -31.18 50.24 -77.70
CA ARG A 220 -32.56 49.88 -77.37
C ARG A 220 -32.59 48.53 -76.67
N SER A 221 -33.63 48.34 -75.87
CA SER A 221 -33.84 47.09 -75.16
C SER A 221 -34.21 45.93 -76.08
N VAL A 222 -33.97 44.72 -75.60
CA VAL A 222 -34.28 43.52 -76.37
C VAL A 222 -35.76 43.47 -76.75
N CYS A 223 -36.62 43.63 -75.76
CA CYS A 223 -38.07 43.62 -75.99
C CYS A 223 -38.45 44.66 -77.03
N HIS A 224 -37.87 45.84 -76.92
CA HIS A 224 -38.16 46.92 -77.87
C HIS A 224 -37.65 46.59 -79.26
N LEU A 225 -36.45 46.02 -79.32
CA LEU A 225 -35.86 45.64 -80.61
C LEU A 225 -36.62 44.51 -81.33
N GLN A 226 -37.24 43.61 -80.57
CA GLN A 226 -38.12 42.58 -81.12
C GLN A 226 -39.31 43.22 -81.84
N LYS A 227 -39.83 44.31 -81.30
CA LYS A 227 -40.97 44.93 -81.93
C LYS A 227 -40.56 45.79 -83.13
N VAL A 228 -39.36 46.37 -83.06
CA VAL A 228 -38.84 47.16 -84.17
C VAL A 228 -38.60 46.28 -85.39
N PHE A 229 -38.05 45.09 -85.15
CA PHE A 229 -37.75 44.16 -86.22
C PHE A 229 -39.02 43.68 -86.90
N GLU A 230 -40.12 43.69 -86.15
CA GLU A 230 -41.41 43.31 -86.68
C GLU A 230 -42.01 44.45 -87.49
N ARG A 231 -42.08 45.63 -86.89
CA ARG A 231 -42.62 46.81 -87.55
C ARG A 231 -41.84 47.13 -88.83
N TYR A 232 -40.54 46.86 -88.80
CA TYR A 232 -39.69 47.09 -89.97
C TYR A 232 -40.25 46.44 -91.26
N LYS A 233 -40.88 45.28 -91.11
CA LYS A 233 -41.42 44.54 -92.23
C LYS A 233 -42.51 45.32 -92.97
N SER A 234 -43.02 46.37 -92.35
CA SER A 234 -43.99 47.23 -93.02
C SER A 234 -43.30 48.19 -93.97
N TYR A 235 -42.09 48.60 -93.60
CA TYR A 235 -41.34 49.51 -94.43
C TYR A 235 -40.37 48.83 -95.39
N SER A 236 -40.15 47.53 -95.21
CA SER A 236 -39.10 46.83 -95.94
C SER A 236 -39.57 45.52 -96.58
N PRO A 237 -39.15 45.27 -97.83
CA PRO A 237 -39.44 44.01 -98.53
C PRO A 237 -38.68 42.89 -97.86
N TYR A 238 -37.70 43.26 -97.06
CA TYR A 238 -36.84 42.27 -96.42
C TYR A 238 -36.95 42.32 -94.91
N ASP A 239 -36.84 41.17 -94.26
CA ASP A 239 -36.78 41.12 -92.81
C ASP A 239 -35.40 41.64 -92.37
N MET A 240 -35.15 41.75 -91.07
CA MET A 240 -33.91 42.37 -90.64
C MET A 240 -32.68 41.57 -91.10
N LEU A 241 -32.76 40.26 -90.96
CA LEU A 241 -31.68 39.38 -91.38
C LEU A 241 -31.30 39.53 -92.85
N GLU A 242 -32.26 39.34 -93.76
CA GLU A 242 -31.97 39.43 -95.18
C GLU A 242 -31.49 40.81 -95.57
N SER A 243 -32.03 41.84 -94.94
CA SER A 243 -31.59 43.21 -95.19
C SER A 243 -30.10 43.38 -94.85
N ILE A 244 -29.70 42.79 -93.72
CA ILE A 244 -28.31 42.83 -93.29
C ILE A 244 -27.40 42.22 -94.36
N LYS A 245 -27.82 41.08 -94.91
CA LYS A 245 -27.05 40.40 -95.93
C LYS A 245 -26.83 41.25 -97.17
N LYS A 246 -27.83 42.05 -97.51
CA LYS A 246 -27.75 42.91 -98.69
C LYS A 246 -26.96 44.20 -98.47
N GLU A 247 -27.08 44.77 -97.27
CA GLU A 247 -26.47 46.07 -97.03
C GLU A 247 -24.99 46.05 -96.65
N VAL A 248 -24.58 45.06 -95.87
CA VAL A 248 -23.23 45.01 -95.28
C VAL A 248 -22.56 43.64 -95.44
N LYS A 249 -21.23 43.62 -95.47
CA LYS A 249 -20.47 42.37 -95.63
C LYS A 249 -19.29 42.23 -94.67
N GLY A 250 -18.71 41.04 -94.62
CA GLY A 250 -17.51 40.82 -93.82
C GLY A 250 -17.79 40.57 -92.35
N ASP A 251 -16.85 40.99 -91.49
CA ASP A 251 -17.00 40.81 -90.04
C ASP A 251 -18.23 41.56 -89.56
N LEU A 252 -18.44 42.76 -90.11
CA LEU A 252 -19.60 43.60 -89.78
C LEU A 252 -20.91 42.86 -89.95
N GLU A 253 -21.07 42.22 -91.11
CA GLU A 253 -22.29 41.49 -91.42
C GLU A 253 -22.50 40.32 -90.46
N ASN A 254 -21.47 39.52 -90.27
CA ASN A 254 -21.52 38.40 -89.35
C ASN A 254 -21.90 38.90 -87.95
N ALA A 255 -21.24 39.96 -87.50
CA ALA A 255 -21.55 40.61 -86.23
C ALA A 255 -23.03 41.01 -86.10
N PHE A 256 -23.54 41.69 -87.12
CA PHE A 256 -24.94 42.09 -87.16
C PHE A 256 -25.90 40.92 -87.15
N LEU A 257 -25.67 39.92 -88.00
CA LEU A 257 -26.53 38.74 -88.03
C LEU A 257 -26.67 38.08 -86.64
N ASN A 258 -25.55 37.76 -86.00
CA ASN A 258 -25.61 37.12 -84.69
C ASN A 258 -26.42 37.98 -83.74
N LEU A 259 -26.14 39.27 -83.77
CA LEU A 259 -26.81 40.22 -82.88
C LEU A 259 -28.33 40.15 -82.97
N VAL A 260 -28.86 40.15 -84.18
CA VAL A 260 -30.29 40.06 -84.37
C VAL A 260 -30.87 38.76 -83.82
N GLN A 261 -30.28 37.63 -84.22
CA GLN A 261 -30.64 36.33 -83.66
C GLN A 261 -30.68 36.35 -82.14
N CYS A 262 -29.61 36.88 -81.56
CA CYS A 262 -29.55 37.09 -80.12
C CYS A 262 -30.73 37.86 -79.54
N ILE A 263 -31.09 38.99 -80.16
CA ILE A 263 -32.25 39.74 -79.71
C ILE A 263 -33.58 38.99 -79.98
N GLN A 264 -33.68 38.26 -81.08
CA GLN A 264 -34.92 37.60 -81.45
C GLN A 264 -35.20 36.32 -80.68
N ASN A 265 -34.40 35.27 -80.89
CA ASN A 265 -34.42 34.10 -80.01
C ASN A 265 -33.02 33.65 -79.58
N LYS A 266 -32.64 33.98 -78.35
CA LYS A 266 -31.26 33.72 -77.90
C LYS A 266 -30.90 32.23 -77.75
N PRO A 267 -31.78 31.45 -77.09
CA PRO A 267 -31.51 30.01 -77.02
C PRO A 267 -31.36 29.36 -78.40
N LEU A 268 -32.31 29.65 -79.29
CA LEU A 268 -32.26 29.19 -80.68
C LEU A 268 -30.96 29.62 -81.36
N TYR A 269 -30.45 30.78 -81.01
CA TYR A 269 -29.19 31.24 -81.57
C TYR A 269 -28.10 30.23 -81.21
N PHE A 270 -28.03 29.84 -79.95
CA PHE A 270 -27.01 28.87 -79.60
C PHE A 270 -27.26 27.53 -80.29
N ALA A 271 -28.50 27.08 -80.34
CA ALA A 271 -28.83 25.83 -81.02
C ALA A 271 -28.25 25.79 -82.44
N ASP A 272 -28.55 26.81 -83.23
CA ASP A 272 -27.95 26.98 -84.55
C ASP A 272 -26.41 26.93 -84.51
N ARG A 273 -25.81 27.70 -83.60
CA ARG A 273 -24.36 27.69 -83.42
C ARG A 273 -23.83 26.29 -83.10
N LEU A 274 -24.47 25.62 -82.14
CA LEU A 274 -24.16 24.24 -81.79
C LEU A 274 -24.35 23.32 -83.00
N TYR A 275 -25.42 23.54 -83.74
CA TYR A 275 -25.67 22.73 -84.93
C TYR A 275 -24.62 22.92 -86.01
N ASP A 276 -24.26 24.17 -86.29
CA ASP A 276 -23.19 24.46 -87.26
C ASP A 276 -21.84 23.86 -86.86
N SER A 277 -21.63 23.66 -85.55
CA SER A 277 -20.35 23.16 -85.07
C SER A 277 -20.16 21.69 -85.39
N MET A 278 -21.21 20.88 -85.27
CA MET A 278 -21.07 19.48 -85.63
C MET A 278 -21.58 19.09 -87.02
N LYS A 279 -22.18 20.04 -87.73
CA LYS A 279 -22.94 19.68 -88.94
C LYS A 279 -22.12 19.12 -90.12
N GLY A 280 -20.85 19.47 -90.20
CA GLY A 280 -20.04 19.05 -91.33
C GLY A 280 -19.42 17.68 -91.17
N LYS A 281 -18.25 17.50 -91.77
CA LYS A 281 -17.39 16.37 -91.45
C LYS A 281 -16.59 16.75 -90.22
N GLY A 282 -16.47 15.83 -89.25
CA GLY A 282 -15.83 16.14 -87.99
C GLY A 282 -16.69 17.06 -87.14
N THR A 283 -16.11 18.15 -86.65
CA THR A 283 -16.74 19.02 -85.65
C THR A 283 -15.84 20.24 -85.41
N ARG A 284 -16.41 21.34 -84.90
CA ARG A 284 -15.63 22.48 -84.42
C ARG A 284 -15.77 22.50 -82.92
N ASP A 285 -14.76 22.00 -82.24
CA ASP A 285 -14.92 21.65 -80.84
C ASP A 285 -14.84 22.91 -79.99
N LYS A 286 -14.11 23.90 -80.49
CA LYS A 286 -13.95 25.19 -79.83
C LYS A 286 -15.30 25.90 -79.63
N VAL A 287 -16.10 26.03 -80.70
CA VAL A 287 -17.42 26.61 -80.55
C VAL A 287 -18.28 25.74 -79.62
N LEU A 288 -18.31 24.44 -79.88
CA LEU A 288 -19.11 23.50 -79.09
C LEU A 288 -18.84 23.62 -77.59
N ILE A 289 -17.58 23.44 -77.21
CA ILE A 289 -17.17 23.52 -75.80
C ILE A 289 -17.57 24.83 -75.11
N ARG A 290 -17.21 25.96 -75.72
CA ARG A 290 -17.54 27.26 -75.14
C ARG A 290 -19.03 27.36 -74.82
N ILE A 291 -19.86 26.94 -75.76
CA ILE A 291 -21.31 26.96 -75.55
C ILE A 291 -21.78 25.97 -74.46
N MET A 292 -21.32 24.72 -74.50
CA MET A 292 -21.71 23.75 -73.46
C MET A 292 -21.27 24.18 -72.04
N VAL A 293 -20.12 24.83 -71.94
CA VAL A 293 -19.64 25.35 -70.66
C VAL A 293 -20.34 26.62 -70.24
N SER A 294 -20.45 27.58 -71.16
CA SER A 294 -20.97 28.90 -70.83
C SER A 294 -22.48 28.90 -70.60
N ARG A 295 -23.19 28.05 -71.33
CA ARG A 295 -24.63 28.08 -71.23
C ARG A 295 -25.18 27.02 -70.29
N SER A 296 -24.30 26.16 -69.79
CA SER A 296 -24.72 25.00 -68.99
C SER A 296 -25.62 25.43 -67.84
N GLU A 297 -25.19 26.47 -67.14
CA GLU A 297 -25.87 26.95 -65.93
C GLU A 297 -26.88 28.08 -66.17
N VAL A 298 -27.08 28.46 -67.42
CA VAL A 298 -27.96 29.57 -67.70
C VAL A 298 -29.21 29.18 -68.48
N ASP A 299 -29.10 29.08 -69.81
CA ASP A 299 -30.25 28.74 -70.65
C ASP A 299 -30.31 27.33 -71.26
N MET A 300 -29.33 26.49 -70.93
CA MET A 300 -29.10 25.22 -71.65
C MET A 300 -30.37 24.41 -71.95
N LEU A 301 -31.27 24.32 -70.98
CA LEU A 301 -32.53 23.62 -71.17
C LEU A 301 -33.28 24.14 -72.39
N LYS A 302 -33.29 25.46 -72.57
CA LYS A 302 -34.07 26.04 -73.67
C LYS A 302 -33.38 25.89 -75.02
N ILE A 303 -32.05 26.01 -75.03
CA ILE A 303 -31.27 25.67 -76.21
C ILE A 303 -31.63 24.26 -76.63
N ARG A 304 -31.73 23.36 -75.66
CA ARG A 304 -32.13 22.01 -75.95
C ARG A 304 -33.56 21.96 -76.46
N SER A 305 -34.44 22.80 -75.91
CA SER A 305 -35.84 22.84 -76.35
C SER A 305 -35.95 23.29 -77.80
N GLU A 306 -35.18 24.31 -78.16
CA GLU A 306 -35.15 24.78 -79.55
C GLU A 306 -34.38 23.83 -80.46
N PHE A 307 -33.40 23.12 -79.90
CA PHE A 307 -32.58 22.27 -80.75
C PHE A 307 -33.37 21.08 -81.26
N LYS A 308 -34.33 20.58 -80.48
CA LYS A 308 -35.17 19.48 -80.94
C LYS A 308 -36.25 19.97 -81.93
N ARG A 309 -36.73 21.18 -81.72
CA ARG A 309 -37.76 21.78 -82.57
C ARG A 309 -37.29 21.85 -84.02
N LYS A 310 -36.16 22.51 -84.24
CA LYS A 310 -35.64 22.80 -85.57
C LYS A 310 -34.98 21.59 -86.23
N TYR A 311 -34.17 20.87 -85.49
CA TYR A 311 -33.43 19.76 -86.09
C TYR A 311 -34.06 18.36 -85.96
N GLY A 312 -35.09 18.24 -85.13
CA GLY A 312 -35.86 17.01 -85.05
C GLY A 312 -35.20 15.97 -84.18
N LYS A 313 -33.92 16.17 -83.90
CA LYS A 313 -33.17 15.33 -82.98
C LYS A 313 -32.71 16.19 -81.83
N SER A 314 -32.51 15.55 -80.67
CA SER A 314 -31.97 16.22 -79.49
C SER A 314 -30.49 16.57 -79.64
N LEU A 315 -30.03 17.56 -78.88
CA LEU A 315 -28.60 17.86 -78.76
C LEU A 315 -27.83 16.64 -78.27
N TYR A 316 -28.42 15.89 -77.35
CA TYR A 316 -27.78 14.71 -76.78
C TYR A 316 -27.40 13.73 -77.89
N TYR A 317 -28.29 13.60 -78.87
CA TYR A 317 -28.04 12.78 -80.03
C TYR A 317 -26.78 13.21 -80.78
N TYR A 318 -26.68 14.50 -81.09
CA TYR A 318 -25.55 15.02 -81.85
C TYR A 318 -24.21 14.89 -81.16
N ILE A 319 -24.13 15.34 -79.91
CA ILE A 319 -22.91 15.19 -79.14
C ILE A 319 -22.45 13.75 -79.19
N GLN A 320 -23.38 12.84 -78.95
CA GLN A 320 -23.08 11.41 -78.95
C GLN A 320 -22.53 10.98 -80.31
N GLN A 321 -23.14 11.48 -81.37
CA GLN A 321 -22.75 11.17 -82.76
C GLN A 321 -21.48 11.81 -83.27
N ASP A 322 -21.21 13.05 -82.85
CA ASP A 322 -20.05 13.80 -83.33
C ASP A 322 -18.79 13.73 -82.46
N THR A 323 -18.90 13.20 -81.24
CA THR A 323 -17.77 13.04 -80.32
C THR A 323 -17.83 11.67 -79.66
N LYS A 324 -16.69 11.22 -79.16
CA LYS A 324 -16.61 9.94 -78.45
C LYS A 324 -15.67 10.09 -77.26
N GLY A 325 -15.49 9.01 -76.50
CA GLY A 325 -14.56 9.01 -75.38
C GLY A 325 -14.98 9.78 -74.14
N ASP A 326 -14.00 10.11 -73.29
CA ASP A 326 -14.24 10.91 -72.09
C ASP A 326 -14.74 12.30 -72.43
N TYR A 327 -14.24 12.85 -73.54
CA TYR A 327 -14.69 14.15 -74.03
C TYR A 327 -16.20 14.15 -74.19
N GLN A 328 -16.71 13.15 -74.90
CA GLN A 328 -18.14 13.07 -75.14
C GLN A 328 -18.97 13.02 -73.86
N LYS A 329 -18.59 12.13 -72.96
CA LYS A 329 -19.31 11.96 -71.71
C LYS A 329 -19.38 13.29 -70.97
N ALA A 330 -18.29 14.04 -71.00
CA ALA A 330 -18.28 15.38 -70.39
C ALA A 330 -19.33 16.30 -70.99
N LEU A 331 -19.36 16.39 -72.32
CA LEU A 331 -20.31 17.27 -72.99
C LEU A 331 -21.72 16.82 -72.68
N LEU A 332 -21.88 15.51 -72.52
CA LEU A 332 -23.20 14.95 -72.23
C LEU A 332 -23.72 15.36 -70.85
N TYR A 333 -22.88 15.28 -69.81
CA TYR A 333 -23.27 15.76 -68.49
C TYR A 333 -23.63 17.25 -68.53
N LEU A 334 -22.86 18.04 -69.25
CA LEU A 334 -23.17 19.44 -69.40
C LEU A 334 -24.49 19.64 -70.15
N CYS A 335 -24.78 18.75 -71.09
CA CYS A 335 -26.05 18.77 -71.83
C CYS A 335 -27.27 18.69 -70.91
N GLY A 336 -27.26 17.72 -70.00
CA GLY A 336 -28.28 17.59 -68.97
C GLY A 336 -29.25 16.43 -69.10
N GLY A 337 -29.39 15.90 -70.31
CA GLY A 337 -30.28 14.79 -70.54
C GLY A 337 -30.74 14.74 -71.98
N ASP A 338 -31.72 13.88 -72.27
CA ASP A 338 -32.22 13.74 -73.62
C ASP A 338 -33.59 14.40 -73.78
N ASP A 339 -33.85 14.95 -74.97
CA ASP A 339 -35.11 15.65 -75.27
C ASP A 339 -35.95 14.90 -76.29
N SER B 2 -2.65 46.36 -17.51
CA SER B 2 -4.11 46.26 -17.52
C SER B 2 -4.64 45.29 -16.47
N THR B 3 -5.95 45.22 -16.34
CA THR B 3 -6.59 44.21 -15.51
C THR B 3 -6.54 42.86 -16.21
N VAL B 4 -6.11 42.85 -17.47
CA VAL B 4 -5.83 41.61 -18.16
C VAL B 4 -4.45 41.10 -17.74
N HIS B 5 -3.58 42.01 -17.31
CA HIS B 5 -2.27 41.63 -16.80
C HIS B 5 -2.36 41.13 -15.36
N GLU B 6 -3.30 41.71 -14.60
CA GLU B 6 -3.50 41.32 -13.20
C GLU B 6 -3.93 39.85 -13.08
N ILE B 7 -4.76 39.42 -14.02
CA ILE B 7 -5.22 38.03 -14.11
C ILE B 7 -4.11 37.17 -14.69
N LEU B 8 -3.38 37.76 -15.63
CA LEU B 8 -2.24 37.12 -16.29
C LEU B 8 -1.08 36.81 -15.32
N CYS B 9 -1.06 37.51 -14.19
CA CYS B 9 0.06 37.37 -13.26
C CYS B 9 -0.02 36.06 -12.48
N LYS B 10 -1.23 35.51 -12.36
CA LYS B 10 -1.49 34.44 -11.40
C LYS B 10 -1.45 32.97 -11.91
N LEU B 11 -1.13 32.73 -13.17
CA LEU B 11 -1.35 31.39 -13.72
C LEU B 11 -0.16 30.65 -14.35
N SER B 12 -0.40 29.39 -14.74
CA SER B 12 0.56 28.49 -15.41
C SER B 12 -0.02 27.11 -15.65
N LEU B 13 0.69 26.23 -16.35
CA LEU B 13 0.31 24.81 -16.41
C LEU B 13 1.47 23.81 -16.21
N GLU B 14 1.12 22.53 -16.31
CA GLU B 14 1.87 21.41 -15.73
C GLU B 14 1.85 20.17 -16.61
N GLY B 15 2.16 19.05 -15.96
CA GLY B 15 2.21 17.73 -16.55
C GLY B 15 3.60 17.14 -16.63
N ASP B 16 4.63 17.99 -16.64
CA ASP B 16 5.92 17.61 -16.06
C ASP B 16 6.22 18.30 -14.71
N HIS B 17 5.27 19.10 -14.25
CA HIS B 17 5.50 20.06 -13.16
C HIS B 17 5.28 19.55 -11.72
N SER B 18 6.13 20.02 -10.81
CA SER B 18 7.29 20.82 -11.22
C SER B 18 8.56 20.12 -10.78
N THR B 19 8.97 20.31 -9.53
CA THR B 19 9.81 19.33 -8.84
C THR B 19 9.65 19.24 -7.31
N PRO B 20 8.42 19.03 -6.80
CA PRO B 20 8.33 18.50 -5.43
C PRO B 20 8.20 16.98 -5.25
N PRO B 21 9.25 16.23 -5.55
CA PRO B 21 9.21 14.76 -5.41
C PRO B 21 8.96 14.22 -4.01
N SER B 22 9.93 14.40 -3.12
CA SER B 22 9.83 13.92 -1.75
C SER B 22 9.65 12.41 -1.60
N ALA B 23 10.66 11.66 -2.04
CA ALA B 23 10.62 10.21 -1.98
C ALA B 23 10.06 9.72 -0.65
N TYR B 24 10.07 10.57 0.35
CA TYR B 24 9.56 10.16 1.65
C TYR B 24 8.04 10.22 1.70
N GLY B 25 7.44 10.55 0.56
CA GLY B 25 6.00 10.51 0.43
C GLY B 25 5.59 9.20 -0.22
N SER B 26 4.45 8.66 0.20
CA SER B 26 3.90 7.47 -0.44
C SER B 26 2.94 7.83 -1.58
N VAL B 27 2.60 9.12 -1.70
CA VAL B 27 1.73 9.57 -2.77
C VAL B 27 2.50 10.24 -3.90
N LYS B 28 2.49 9.60 -5.06
CA LYS B 28 3.17 10.12 -6.24
C LYS B 28 2.14 10.53 -7.28
N PRO B 29 2.45 11.58 -8.03
CA PRO B 29 1.55 12.06 -9.08
C PRO B 29 1.22 10.94 -10.06
N TYR B 30 -0.01 10.93 -10.57
CA TYR B 30 -0.41 9.93 -11.55
C TYR B 30 0.39 10.10 -12.83
N THR B 31 0.89 8.98 -13.37
CA THR B 31 1.69 9.02 -14.59
C THR B 31 1.06 9.78 -15.75
N ASN B 32 0.00 9.19 -16.31
CA ASN B 32 -0.62 9.65 -17.55
C ASN B 32 -1.72 10.70 -17.43
N PHE B 33 -1.68 11.43 -16.31
CA PHE B 33 -2.77 12.26 -15.77
C PHE B 33 -3.55 13.13 -16.77
N ASP B 34 -4.89 13.02 -16.69
CA ASP B 34 -5.79 13.90 -17.41
C ASP B 34 -6.80 14.46 -16.42
N ALA B 35 -6.68 15.77 -16.17
CA ALA B 35 -7.55 16.43 -15.21
C ALA B 35 -9.01 16.45 -15.63
N GLU B 36 -9.24 16.69 -16.93
CA GLU B 36 -10.60 16.79 -17.50
C GLU B 36 -11.33 15.45 -17.46
N ARG B 37 -10.68 14.41 -17.96
CA ARG B 37 -11.24 13.07 -17.97
C ARG B 37 -11.53 12.57 -16.54
N ASP B 38 -10.70 12.99 -15.59
CA ASP B 38 -10.92 12.66 -14.17
C ASP B 38 -12.11 13.42 -13.59
N ALA B 39 -12.19 14.72 -13.88
CA ALA B 39 -13.32 15.54 -13.44
C ALA B 39 -14.61 15.01 -14.02
N LEU B 40 -14.54 14.59 -15.28
CA LEU B 40 -15.63 13.95 -15.97
C LEU B 40 -16.12 12.75 -15.18
N ASN B 41 -15.30 11.71 -15.13
CA ASN B 41 -15.66 10.48 -14.42
C ASN B 41 -16.22 10.75 -13.01
N ILE B 42 -15.56 11.65 -12.29
CA ILE B 42 -16.08 12.08 -10.98
C ILE B 42 -17.49 12.62 -11.05
N GLU B 43 -17.78 13.51 -12.01
CA GLU B 43 -19.13 14.04 -12.17
C GLU B 43 -20.11 12.92 -12.51
N THR B 44 -19.66 12.02 -13.39
CA THR B 44 -20.42 10.82 -13.71
C THR B 44 -20.67 9.97 -12.46
N ALA B 45 -19.66 9.86 -11.61
CA ALA B 45 -19.75 9.03 -10.42
C ALA B 45 -20.71 9.59 -9.38
N VAL B 46 -20.78 10.91 -9.29
CA VAL B 46 -21.63 11.55 -8.29
C VAL B 46 -23.10 11.57 -8.72
N LYS B 47 -23.34 11.56 -10.02
CA LYS B 47 -24.71 11.59 -10.55
C LYS B 47 -25.34 10.20 -10.53
N THR B 48 -24.50 9.17 -10.42
CA THR B 48 -24.98 7.80 -10.34
C THR B 48 -25.83 7.69 -9.10
N LYS B 49 -27.01 7.10 -9.20
CA LYS B 49 -27.88 7.03 -8.04
C LYS B 49 -27.25 6.04 -7.10
N GLY B 50 -27.04 6.46 -5.87
CA GLY B 50 -26.27 5.67 -4.92
C GLY B 50 -24.87 6.22 -4.71
N VAL B 51 -24.40 7.05 -5.64
CA VAL B 51 -23.02 7.58 -5.62
C VAL B 51 -21.79 6.67 -5.78
N ASP B 52 -21.54 6.13 -6.97
CA ASP B 52 -20.29 5.37 -7.15
C ASP B 52 -19.22 6.10 -6.31
N GLU B 53 -18.73 5.46 -5.26
CA GLU B 53 -17.73 6.04 -4.35
C GLU B 53 -16.42 5.49 -4.85
N VAL B 54 -16.47 4.21 -5.16
CA VAL B 54 -15.31 3.44 -5.52
C VAL B 54 -14.48 4.18 -6.55
N THR B 55 -15.16 4.76 -7.55
CA THR B 55 -14.47 5.58 -8.55
C THR B 55 -13.82 6.84 -7.95
N ILE B 56 -14.63 7.67 -7.29
CA ILE B 56 -14.15 8.91 -6.69
C ILE B 56 -12.95 8.68 -5.75
N VAL B 57 -13.12 7.79 -4.76
CA VAL B 57 -12.01 7.40 -3.91
C VAL B 57 -10.82 6.90 -4.73
N ASN B 58 -11.06 5.96 -5.63
CA ASN B 58 -9.96 5.39 -6.42
C ASN B 58 -9.18 6.45 -7.17
N ILE B 59 -9.88 7.37 -7.82
CA ILE B 59 -9.21 8.47 -8.52
C ILE B 59 -8.43 9.40 -7.60
N LEU B 60 -9.06 9.93 -6.55
CA LEU B 60 -8.48 11.05 -5.79
C LEU B 60 -7.33 10.65 -4.87
N THR B 61 -7.41 9.45 -4.28
CA THR B 61 -6.35 8.96 -3.41
C THR B 61 -5.17 8.50 -4.27
N ASN B 62 -5.45 8.38 -5.56
CA ASN B 62 -4.45 7.96 -6.52
C ASN B 62 -3.83 9.09 -7.32
N ARG B 63 -4.22 10.33 -7.04
CA ARG B 63 -3.64 11.50 -7.69
C ARG B 63 -2.89 12.29 -6.65
N SER B 64 -1.91 13.07 -7.10
CA SER B 64 -1.13 13.91 -6.18
C SER B 64 -1.95 15.15 -5.81
N ASN B 65 -1.44 15.94 -4.88
CA ASN B 65 -2.18 17.10 -4.38
C ASN B 65 -2.37 18.17 -5.45
N VAL B 66 -1.30 18.44 -6.20
CA VAL B 66 -1.38 19.39 -7.28
C VAL B 66 -2.36 18.87 -8.32
N GLN B 67 -2.35 17.56 -8.51
CA GLN B 67 -3.27 16.91 -9.43
C GLN B 67 -4.71 17.07 -8.99
N ARG B 68 -4.98 16.79 -7.72
CA ARG B 68 -6.31 16.99 -7.15
C ARG B 68 -6.79 18.42 -7.41
N GLN B 69 -5.87 19.38 -7.28
CA GLN B 69 -6.18 20.79 -7.49
C GLN B 69 -6.55 21.05 -8.93
N ASP B 70 -5.84 20.38 -9.84
CA ASP B 70 -6.19 20.46 -11.24
C ASP B 70 -7.58 19.85 -11.47
N ILE B 71 -7.77 18.63 -10.97
CA ILE B 71 -9.06 17.95 -11.09
C ILE B 71 -10.21 18.83 -10.62
N ALA B 72 -10.04 19.45 -9.46
CA ALA B 72 -11.09 20.26 -8.87
C ALA B 72 -11.46 21.51 -9.70
N PHE B 73 -10.48 22.07 -10.41
CA PHE B 73 -10.71 23.26 -11.20
C PHE B 73 -11.42 22.92 -12.50
N ALA B 74 -10.96 21.87 -13.18
CA ALA B 74 -11.69 21.34 -14.34
C ALA B 74 -13.15 21.01 -14.01
N TYR B 75 -13.40 20.55 -12.79
CA TYR B 75 -14.76 20.24 -12.39
C TYR B 75 -15.65 21.49 -12.25
N GLN B 76 -15.10 22.57 -11.69
CA GLN B 76 -15.84 23.82 -11.54
C GLN B 76 -16.03 24.45 -12.92
N ARG B 77 -15.13 24.10 -13.83
CA ARG B 77 -15.19 24.60 -15.19
C ARG B 77 -16.37 23.97 -15.92
N ARG B 78 -16.49 22.65 -15.82
CA ARG B 78 -17.58 21.91 -16.47
C ARG B 78 -18.91 22.15 -15.77
N THR B 79 -18.96 21.88 -14.48
CA THR B 79 -20.22 21.87 -13.75
C THR B 79 -20.69 23.23 -13.27
N LYS B 80 -19.76 24.20 -13.26
CA LYS B 80 -20.01 25.53 -12.71
C LYS B 80 -20.32 25.41 -11.20
N LYS B 81 -19.78 24.36 -10.57
CA LYS B 81 -20.00 24.12 -9.14
C LYS B 81 -18.76 23.56 -8.43
N GLU B 82 -18.60 23.90 -7.15
CA GLU B 82 -17.41 23.51 -6.38
C GLU B 82 -17.36 22.01 -6.10
N LEU B 83 -16.30 21.35 -6.53
CA LEU B 83 -16.14 19.92 -6.30
C LEU B 83 -16.24 19.62 -4.81
N PRO B 84 -15.50 20.40 -4.01
CA PRO B 84 -15.54 20.25 -2.56
C PRO B 84 -16.96 20.17 -2.06
N SER B 85 -17.84 21.03 -2.57
CA SER B 85 -19.25 20.98 -2.17
C SER B 85 -19.99 19.75 -2.68
N ALA B 86 -19.63 19.27 -3.86
CA ALA B 86 -20.27 18.09 -4.39
C ALA B 86 -20.00 16.88 -3.48
N LEU B 87 -18.73 16.63 -3.19
CA LEU B 87 -18.33 15.48 -2.36
C LEU B 87 -18.83 15.51 -0.92
N LYS B 88 -18.86 16.71 -0.32
CA LYS B 88 -19.43 16.85 1.02
C LYS B 88 -20.88 16.38 1.04
N SER B 89 -21.59 16.59 -0.06
CA SER B 89 -22.94 16.08 -0.22
C SER B 89 -22.96 14.60 -0.58
N ALA B 90 -22.17 14.22 -1.58
CA ALA B 90 -22.14 12.84 -2.08
C ALA B 90 -21.59 11.77 -1.11
N LEU B 91 -20.71 12.15 -0.17
CA LEU B 91 -20.12 11.19 0.76
C LEU B 91 -20.58 11.43 2.20
N SER B 92 -20.18 10.56 3.12
CA SER B 92 -20.51 10.77 4.53
C SER B 92 -19.51 10.08 5.48
N GLY B 93 -19.73 10.21 6.78
CA GLY B 93 -18.87 9.59 7.77
C GLY B 93 -17.38 9.91 7.65
N HIS B 94 -16.54 8.92 7.98
CA HIS B 94 -15.10 9.07 7.97
C HIS B 94 -14.53 9.24 6.55
N LEU B 95 -15.13 8.56 5.58
CA LEU B 95 -14.65 8.70 4.20
C LEU B 95 -14.70 10.14 3.68
N GLU B 96 -15.79 10.84 4.01
CA GLU B 96 -15.96 12.25 3.65
C GLU B 96 -14.87 13.12 4.27
N THR B 97 -14.60 12.90 5.55
CA THR B 97 -13.57 13.66 6.22
C THR B 97 -12.22 13.48 5.53
N VAL B 98 -11.94 12.28 5.03
CA VAL B 98 -10.68 12.02 4.32
C VAL B 98 -10.60 12.67 2.93
N ILE B 99 -11.60 12.41 2.10
CA ILE B 99 -11.61 12.96 0.75
C ILE B 99 -11.59 14.50 0.82
N LEU B 100 -12.36 15.08 1.73
CA LEU B 100 -12.38 16.54 1.89
C LEU B 100 -11.02 17.08 2.33
N GLY B 101 -10.28 16.31 3.12
CA GLY B 101 -8.95 16.70 3.59
C GLY B 101 -7.92 16.57 2.48
N LEU B 102 -8.09 15.54 1.66
CA LEU B 102 -7.24 15.35 0.49
C LEU B 102 -7.42 16.44 -0.54
N LEU B 103 -8.62 17.03 -0.53
CA LEU B 103 -8.95 18.03 -1.54
C LEU B 103 -8.39 19.41 -1.20
N LYS B 104 -7.72 19.54 -0.06
CA LYS B 104 -7.14 20.81 0.35
C LYS B 104 -5.64 20.80 0.08
N THR B 105 -5.11 21.98 -0.24
CA THR B 105 -3.67 22.19 -0.27
C THR B 105 -3.16 21.94 1.13
N PRO B 106 -1.87 21.57 1.25
CA PRO B 106 -1.30 21.25 2.56
C PRO B 106 -1.50 22.39 3.55
N ALA B 107 -1.24 23.60 3.11
CA ALA B 107 -1.44 24.79 3.94
C ALA B 107 -2.90 24.96 4.33
N GLN B 108 -3.77 24.82 3.35
CA GLN B 108 -5.18 25.03 3.57
C GLN B 108 -5.71 24.02 4.56
N TYR B 109 -5.27 22.77 4.42
CA TYR B 109 -5.67 21.71 5.35
C TYR B 109 -5.26 22.04 6.78
N ASP B 110 -3.99 22.35 6.97
CA ASP B 110 -3.51 22.68 8.31
C ASP B 110 -4.22 23.91 8.88
N ALA B 111 -4.38 24.94 8.06
CA ALA B 111 -5.13 26.14 8.46
C ALA B 111 -6.54 25.79 8.92
N SER B 112 -7.32 25.11 8.07
CA SER B 112 -8.67 24.68 8.46
C SER B 112 -8.69 23.78 9.70
N GLU B 113 -7.70 22.91 9.85
CA GLU B 113 -7.63 22.06 11.05
C GLU B 113 -7.42 22.88 12.33
N LEU B 114 -6.50 23.84 12.25
CA LEU B 114 -6.24 24.74 13.37
C LEU B 114 -7.47 25.50 13.84
N LYS B 115 -8.17 26.11 12.88
CA LYS B 115 -9.39 26.86 13.15
C LYS B 115 -10.42 25.97 13.84
N ALA B 116 -10.49 24.71 13.40
CA ALA B 116 -11.47 23.77 13.95
C ALA B 116 -11.16 23.47 15.41
N SER B 117 -9.89 23.43 15.76
CA SER B 117 -9.49 23.12 17.12
C SER B 117 -9.80 24.28 18.06
N MET B 118 -9.40 25.48 17.67
CA MET B 118 -9.56 26.66 18.51
C MET B 118 -10.99 27.18 18.65
N LYS B 119 -11.95 26.59 17.95
CA LYS B 119 -13.32 27.04 18.13
C LYS B 119 -13.82 26.61 19.50
N GLY B 120 -14.23 27.57 20.32
CA GLY B 120 -14.72 27.28 21.66
C GLY B 120 -13.77 27.64 22.79
N LEU B 121 -14.18 27.33 24.01
CA LEU B 121 -13.41 27.62 25.22
C LEU B 121 -12.30 26.61 25.38
N GLY B 122 -12.67 25.39 25.69
CA GLY B 122 -11.74 24.29 25.57
C GLY B 122 -11.48 24.13 24.08
N THR B 123 -10.21 24.28 23.72
CA THR B 123 -9.73 24.05 22.36
C THR B 123 -9.77 22.54 22.16
N ASP B 124 -9.64 22.07 20.93
CA ASP B 124 -9.22 20.68 20.81
C ASP B 124 -7.70 20.81 20.85
N GLU B 125 -7.12 20.36 21.96
CA GLU B 125 -5.78 20.78 22.35
C GLU B 125 -4.70 20.02 21.59
N ASP B 126 -4.90 18.72 21.46
CA ASP B 126 -3.90 17.85 20.84
C ASP B 126 -3.60 18.28 19.40
N SER B 127 -4.64 18.51 18.62
CA SER B 127 -4.46 18.78 17.19
C SER B 127 -3.66 20.06 16.93
N LEU B 128 -3.95 21.10 17.72
CA LEU B 128 -3.21 22.37 17.68
C LEU B 128 -1.70 22.14 17.87
N ILE B 129 -1.38 21.44 18.97
CA ILE B 129 -0.02 21.06 19.33
C ILE B 129 0.68 20.29 18.24
N GLU B 130 0.00 19.29 17.68
CA GLU B 130 0.56 18.47 16.62
C GLU B 130 1.13 19.32 15.50
N ILE B 131 0.24 19.91 14.70
CA ILE B 131 0.66 20.75 13.59
C ILE B 131 1.78 21.70 13.99
N ILE B 132 1.52 22.53 14.99
CA ILE B 132 2.50 23.49 15.47
C ILE B 132 3.87 22.83 15.67
N CYS B 133 3.94 21.92 16.63
CA CYS B 133 5.18 21.23 16.94
C CYS B 133 5.86 20.60 15.72
N SER B 134 5.09 20.02 14.80
CA SER B 134 5.69 19.34 13.65
C SER B 134 6.13 20.22 12.48
N ARG B 135 5.38 21.27 12.20
CA ARG B 135 5.56 22.01 10.94
C ARG B 135 6.88 22.78 10.84
N THR B 136 7.51 22.73 9.67
CA THR B 136 8.76 23.45 9.47
C THR B 136 8.52 24.94 9.32
N ASN B 137 9.60 25.70 9.16
CA ASN B 137 9.50 27.15 8.98
C ASN B 137 8.73 27.48 7.72
N GLN B 138 8.98 26.75 6.64
CA GLN B 138 8.32 27.02 5.36
C GLN B 138 6.84 26.64 5.40
N GLU B 139 6.55 25.46 5.96
CA GLU B 139 5.18 24.98 6.10
C GLU B 139 4.38 25.98 6.94
N LEU B 140 4.98 26.41 8.03
CA LEU B 140 4.32 27.31 8.98
C LEU B 140 3.96 28.70 8.43
N GLN B 141 4.83 29.29 7.63
CA GLN B 141 4.59 30.63 7.10
C GLN B 141 3.54 30.61 6.00
N GLU B 142 3.40 29.45 5.35
CA GLU B 142 2.36 29.25 4.35
C GLU B 142 1.04 29.07 5.08
N ILE B 143 1.09 28.47 6.26
CA ILE B 143 -0.10 28.38 7.09
C ILE B 143 -0.51 29.77 7.54
N ASN B 144 0.45 30.60 7.89
CA ASN B 144 0.15 31.97 8.29
C ASN B 144 -0.48 32.79 7.15
N ARG B 145 -0.03 32.57 5.92
CA ARG B 145 -0.59 33.26 4.74
C ARG B 145 -2.02 32.81 4.53
N VAL B 146 -2.19 31.51 4.38
CA VAL B 146 -3.50 30.94 4.06
C VAL B 146 -4.51 31.21 5.18
N TYR B 147 -4.09 31.07 6.43
CA TYR B 147 -4.97 31.30 7.56
C TYR B 147 -5.53 32.73 7.51
N LYS B 148 -4.70 33.70 7.15
CA LYS B 148 -5.19 35.07 6.98
C LYS B 148 -6.18 35.17 5.83
N GLU B 149 -5.82 34.64 4.65
CA GLU B 149 -6.68 34.70 3.47
C GLU B 149 -8.07 34.13 3.73
N MET B 150 -8.14 32.97 4.38
CA MET B 150 -9.42 32.32 4.67
C MET B 150 -10.20 33.02 5.78
N TYR B 151 -9.57 33.26 6.93
CA TYR B 151 -10.30 33.70 8.11
C TYR B 151 -10.26 35.19 8.40
N LYS B 152 -9.56 35.95 7.56
CA LYS B 152 -9.47 37.41 7.68
C LYS B 152 -8.94 37.81 9.05
N THR B 153 -8.01 37.02 9.57
CA THR B 153 -7.39 37.28 10.87
C THR B 153 -6.01 36.65 10.95
N ASP B 154 -5.18 37.16 11.87
CA ASP B 154 -3.91 36.53 12.16
C ASP B 154 -4.13 35.26 12.98
N LEU B 155 -3.36 34.23 12.67
CA LEU B 155 -3.40 32.96 13.38
C LEU B 155 -2.93 33.15 14.83
N GLU B 156 -1.91 34.01 15.00
CA GLU B 156 -1.38 34.41 16.29
C GLU B 156 -2.48 34.86 17.26
N LYS B 157 -3.40 35.68 16.76
CA LYS B 157 -4.48 36.22 17.58
C LYS B 157 -5.48 35.15 18.01
N ASP B 158 -5.70 34.15 17.15
CA ASP B 158 -6.58 33.04 17.50
C ASP B 158 -5.94 32.18 18.60
N ILE B 159 -4.63 31.93 18.47
CA ILE B 159 -3.88 31.23 19.50
C ILE B 159 -3.93 31.99 20.83
N ILE B 160 -3.65 33.29 20.79
CA ILE B 160 -3.76 34.15 21.98
C ILE B 160 -5.13 34.07 22.66
N SER B 161 -6.21 33.98 21.88
CA SER B 161 -7.54 33.90 22.47
C SER B 161 -7.83 32.54 23.10
N ASP B 162 -7.32 31.48 22.48
CA ASP B 162 -7.63 30.11 22.89
C ASP B 162 -6.60 29.47 23.80
N THR B 163 -5.53 30.20 24.10
CA THR B 163 -4.48 29.69 24.98
C THR B 163 -4.14 30.71 26.05
N SER B 164 -3.57 30.23 27.16
CA SER B 164 -3.18 31.11 28.26
C SER B 164 -1.87 30.62 28.87
N GLY B 165 -1.14 31.52 29.52
CA GLY B 165 0.07 31.15 30.22
C GLY B 165 1.26 30.80 29.32
N ASP B 166 2.12 29.93 29.83
CA ASP B 166 3.32 29.50 29.11
C ASP B 166 2.96 28.66 27.89
N PHE B 167 1.75 28.10 27.90
CA PHE B 167 1.25 27.40 26.73
C PHE B 167 1.17 28.36 25.53
N ARG B 168 0.46 29.46 25.75
CA ARG B 168 0.33 30.53 24.76
C ARG B 168 1.71 31.01 24.35
N LYS B 169 2.56 31.24 25.35
CA LYS B 169 3.95 31.58 25.15
C LYS B 169 4.61 30.59 24.19
N LEU B 170 4.49 29.30 24.47
CA LEU B 170 5.13 28.28 23.64
C LEU B 170 4.53 28.21 22.23
N MET B 171 3.21 28.32 22.12
CA MET B 171 2.56 28.15 20.83
C MET B 171 2.82 29.33 19.88
N VAL B 172 2.66 30.55 20.40
CA VAL B 172 2.97 31.76 19.66
C VAL B 172 4.42 31.73 19.15
N ALA B 173 5.36 31.36 20.02
CA ALA B 173 6.76 31.31 19.60
C ALA B 173 7.00 30.31 18.45
N LEU B 174 6.46 29.10 18.59
CA LEU B 174 6.65 28.09 17.58
C LEU B 174 6.00 28.49 16.26
N ALA B 175 4.75 28.96 16.32
CA ALA B 175 3.98 29.29 15.11
C ALA B 175 4.58 30.42 14.27
N LYS B 176 5.58 31.10 14.82
CA LYS B 176 6.30 32.17 14.13
C LYS B 176 7.16 31.60 13.00
N GLY B 177 7.51 30.32 13.11
CA GLY B 177 8.29 29.66 12.09
C GLY B 177 9.60 30.37 11.79
N ARG B 178 10.24 30.85 12.85
CA ARG B 178 11.55 31.49 12.74
C ARG B 178 12.79 30.67 13.13
N ARG B 179 12.62 29.37 13.36
CA ARG B 179 13.72 28.49 13.82
C ARG B 179 14.97 28.56 12.93
N ALA B 180 16.14 28.41 13.54
CA ALA B 180 17.41 28.39 12.82
C ALA B 180 17.61 27.10 11.99
N GLU B 181 18.50 27.15 11.00
CA GLU B 181 18.84 25.98 10.20
C GLU B 181 20.16 25.20 10.47
N ASP B 182 21.13 25.84 11.15
CA ASP B 182 22.45 25.26 11.52
C ASP B 182 23.19 24.31 10.53
N GLY B 183 23.11 24.61 9.23
CA GLY B 183 23.42 23.64 8.19
C GLY B 183 24.72 22.83 8.27
N SER B 184 25.87 23.49 8.38
CA SER B 184 27.15 22.77 8.32
C SER B 184 28.02 22.86 9.59
N VAL B 185 28.52 24.05 9.91
CA VAL B 185 29.28 24.28 11.14
C VAL B 185 28.52 23.85 12.39
N ILE B 186 29.19 23.12 13.29
CA ILE B 186 28.62 22.65 14.54
C ILE B 186 29.13 23.49 15.72
N ASP B 187 28.24 24.03 16.54
CA ASP B 187 28.67 24.94 17.61
C ASP B 187 28.70 24.19 18.92
N TYR B 188 29.90 23.84 19.38
CA TYR B 188 30.01 22.93 20.51
C TYR B 188 29.79 23.58 21.88
N GLU B 189 30.35 24.77 22.08
CA GLU B 189 30.11 25.52 23.32
C GLU B 189 28.62 25.83 23.46
N LEU B 190 28.00 26.26 22.37
CA LEU B 190 26.57 26.57 22.35
C LEU B 190 25.78 25.32 22.66
N ILE B 191 26.13 24.21 22.02
CA ILE B 191 25.47 22.95 22.32
C ILE B 191 25.58 22.71 23.83
N ASP B 192 26.81 22.70 24.33
CA ASP B 192 27.03 22.57 25.77
C ASP B 192 26.35 23.66 26.60
N GLN B 193 26.48 24.92 26.21
CA GLN B 193 25.77 26.00 26.90
C GLN B 193 24.28 25.69 27.00
N ASP B 194 23.64 25.44 25.85
CA ASP B 194 22.21 25.16 25.82
C ASP B 194 21.82 23.97 26.72
N ALA B 195 22.64 22.92 26.72
CA ALA B 195 22.39 21.78 27.59
C ALA B 195 22.35 22.22 29.05
N ARG B 196 23.29 23.08 29.42
CA ARG B 196 23.41 23.55 30.79
C ARG B 196 22.22 24.42 31.19
N GLU B 197 21.71 25.19 30.23
CA GLU B 197 20.57 26.06 30.49
C GLU B 197 19.30 25.25 30.73
N LEU B 198 19.07 24.26 29.88
CA LEU B 198 17.91 23.39 30.03
C LEU B 198 17.95 22.73 31.40
N TYR B 199 19.14 22.36 31.84
CA TYR B 199 19.33 21.80 33.16
C TYR B 199 19.11 22.86 34.24
N ASP B 200 19.78 24.00 34.13
CA ASP B 200 19.68 25.07 35.12
C ASP B 200 18.26 25.65 35.32
N ALA B 201 17.49 25.78 34.25
CA ALA B 201 16.11 26.26 34.36
C ALA B 201 15.19 25.10 34.72
N GLY B 202 15.79 23.90 34.64
CA GLY B 202 15.12 22.60 34.77
C GLY B 202 15.26 21.93 36.13
N VAL B 203 15.55 20.63 36.05
CA VAL B 203 15.71 19.78 37.21
C VAL B 203 16.56 20.41 38.32
N LYS B 204 17.67 21.04 37.95
CA LYS B 204 18.59 21.65 38.92
C LYS B 204 17.89 22.59 39.92
N ARG B 205 16.86 23.26 39.44
CA ARG B 205 16.20 24.32 40.19
C ARG B 205 14.86 23.89 40.75
N LYS B 206 14.51 24.43 41.91
CA LYS B 206 13.19 24.18 42.51
C LYS B 206 12.20 24.98 41.68
N GLY B 207 11.20 24.30 41.12
CA GLY B 207 10.31 24.91 40.16
C GLY B 207 10.95 24.86 38.78
N THR B 208 10.50 25.74 37.88
CA THR B 208 10.99 25.79 36.51
C THR B 208 10.98 27.21 35.97
N ASP B 209 12.00 27.56 35.18
CA ASP B 209 12.00 28.83 34.47
C ASP B 209 11.63 28.53 33.02
N VAL B 210 10.37 28.75 32.68
CA VAL B 210 9.83 28.28 31.40
C VAL B 210 10.34 28.98 30.13
N PRO B 211 10.28 30.34 30.10
CA PRO B 211 10.72 31.05 28.89
C PRO B 211 12.10 30.61 28.43
N LYS B 212 12.96 30.26 29.39
CA LYS B 212 14.30 29.78 29.08
C LYS B 212 14.23 28.55 28.19
N TRP B 213 13.29 27.65 28.51
CA TRP B 213 13.10 26.44 27.70
C TRP B 213 12.51 26.78 26.33
N ILE B 214 11.57 27.71 26.31
CA ILE B 214 10.95 28.13 25.07
C ILE B 214 11.98 28.70 24.10
N SER B 215 12.86 29.58 24.59
CA SER B 215 13.83 30.23 23.73
C SER B 215 14.68 29.20 23.00
N ILE B 216 15.37 28.36 23.77
CA ILE B 216 16.25 27.34 23.21
C ILE B 216 15.53 26.41 22.21
N MET B 217 14.36 25.92 22.59
CA MET B 217 13.70 24.87 21.83
C MET B 217 12.96 25.38 20.59
N THR B 218 12.55 26.66 20.60
CA THR B 218 12.05 27.32 19.38
C THR B 218 13.14 27.89 18.43
N GLU B 219 14.16 28.52 18.99
CA GLU B 219 15.17 29.20 18.18
C GLU B 219 16.19 28.26 17.53
N ARG B 220 16.81 27.40 18.33
CA ARG B 220 17.91 26.55 17.87
C ARG B 220 17.42 25.62 16.77
N SER B 221 18.34 25.24 15.89
CA SER B 221 18.01 24.33 14.80
C SER B 221 17.82 22.93 15.35
N VAL B 222 17.14 22.09 14.57
CA VAL B 222 16.88 20.71 14.97
C VAL B 222 18.19 19.98 15.28
N CYS B 223 19.08 19.91 14.30
CA CYS B 223 20.36 19.24 14.48
C CYS B 223 21.03 19.67 15.78
N HIS B 224 21.12 20.98 16.00
CA HIS B 224 21.73 21.52 17.19
C HIS B 224 21.04 21.01 18.45
N LEU B 225 19.71 20.91 18.39
CA LEU B 225 18.92 20.44 19.51
C LEU B 225 19.09 18.95 19.75
N GLN B 226 19.16 18.15 18.67
CA GLN B 226 19.45 16.72 18.77
C GLN B 226 20.73 16.54 19.59
N LYS B 227 21.78 17.24 19.20
CA LYS B 227 23.05 17.20 19.91
C LYS B 227 22.94 17.81 21.31
N VAL B 228 22.18 18.90 21.46
CA VAL B 228 21.93 19.46 22.79
C VAL B 228 21.29 18.45 23.73
N PHE B 229 20.25 17.77 23.24
CA PHE B 229 19.50 16.82 24.03
C PHE B 229 20.34 15.64 24.51
N GLU B 230 21.39 15.33 23.76
CA GLU B 230 22.30 14.25 24.11
C GLU B 230 23.28 14.72 25.17
N ARG B 231 23.91 15.86 24.93
CA ARG B 231 24.86 16.43 25.87
C ARG B 231 24.16 16.77 27.17
N TYR B 232 22.85 17.01 27.07
CA TYR B 232 22.01 17.29 28.22
C TYR B 232 22.19 16.22 29.30
N LYS B 233 22.33 14.97 28.85
CA LYS B 233 22.44 13.82 29.72
C LYS B 233 23.69 13.78 30.62
N SER B 234 24.68 14.62 30.34
CA SER B 234 25.90 14.64 31.14
C SER B 234 25.71 15.57 32.31
N TYR B 235 24.49 16.09 32.39
CA TYR B 235 24.08 17.04 33.41
C TYR B 235 22.97 16.42 34.27
N SER B 236 21.92 15.94 33.63
CA SER B 236 20.74 15.47 34.33
C SER B 236 20.63 13.93 34.30
N PRO B 237 20.05 13.35 35.39
CA PRO B 237 19.79 11.91 35.55
C PRO B 237 18.73 11.44 34.57
N TYR B 238 17.89 12.37 34.15
CA TYR B 238 16.79 12.05 33.27
C TYR B 238 17.12 12.63 31.90
N ASP B 239 16.66 11.96 30.87
CA ASP B 239 16.77 12.45 29.49
C ASP B 239 15.79 13.62 29.32
N MET B 240 15.90 14.37 28.22
CA MET B 240 14.99 15.50 28.01
C MET B 240 13.49 15.16 28.15
N LEU B 241 13.02 14.11 27.47
CA LEU B 241 11.62 13.69 27.62
C LEU B 241 11.22 13.49 29.07
N GLU B 242 12.01 12.73 29.82
CA GLU B 242 11.69 12.48 31.22
C GLU B 242 11.73 13.73 32.09
N SER B 243 12.67 14.65 31.83
CA SER B 243 12.77 15.88 32.62
C SER B 243 11.50 16.74 32.51
N ILE B 244 10.97 16.82 31.29
CA ILE B 244 9.75 17.57 31.04
C ILE B 244 8.61 17.06 31.90
N LYS B 245 8.51 15.74 32.03
CA LYS B 245 7.46 15.11 32.82
C LYS B 245 7.60 15.47 34.29
N LYS B 246 8.84 15.59 34.76
CA LYS B 246 9.09 15.96 36.16
C LYS B 246 9.03 17.45 36.41
N GLU B 247 9.37 18.25 35.40
CA GLU B 247 9.37 19.70 35.59
C GLU B 247 8.01 20.39 35.40
N VAL B 248 7.27 20.01 34.37
CA VAL B 248 5.99 20.68 34.07
C VAL B 248 4.81 19.71 33.89
N LYS B 249 3.63 20.29 33.70
CA LYS B 249 2.39 19.52 33.59
C LYS B 249 1.36 20.20 32.67
N GLY B 250 0.18 19.60 32.57
CA GLY B 250 -0.89 20.15 31.76
C GLY B 250 -0.65 20.16 30.26
N ASP B 251 -1.15 21.19 29.58
CA ASP B 251 -0.99 21.30 28.15
C ASP B 251 0.42 21.77 27.81
N LEU B 252 1.05 22.48 28.75
CA LEU B 252 2.44 22.87 28.58
C LEU B 252 3.26 21.59 28.41
N GLU B 253 3.01 20.63 29.29
CA GLU B 253 3.70 19.35 29.27
C GLU B 253 3.42 18.60 27.97
N ASN B 254 2.15 18.55 27.61
CA ASN B 254 1.73 17.91 26.37
C ASN B 254 2.53 18.48 25.21
N ALA B 255 2.65 19.79 25.17
CA ALA B 255 3.32 20.46 24.06
C ALA B 255 4.80 20.16 24.00
N PHE B 256 5.50 20.42 25.11
CA PHE B 256 6.92 20.18 25.18
C PHE B 256 7.28 18.74 24.81
N LEU B 257 6.54 17.77 25.35
CA LEU B 257 6.73 16.37 24.96
C LEU B 257 6.61 16.19 23.43
N ASN B 258 5.48 16.61 22.86
CA ASN B 258 5.32 16.58 21.40
C ASN B 258 6.49 17.22 20.63
N LEU B 259 6.86 18.44 21.03
CA LEU B 259 7.93 19.18 20.36
C LEU B 259 9.26 18.45 20.39
N VAL B 260 9.60 17.89 21.56
CA VAL B 260 10.85 17.17 21.71
C VAL B 260 10.94 15.92 20.82
N GLN B 261 9.88 15.13 20.76
CA GLN B 261 9.88 13.99 19.84
C GLN B 261 10.12 14.38 18.38
N CYS B 262 9.37 15.38 17.89
CA CYS B 262 9.50 15.83 16.50
C CYS B 262 10.94 16.17 16.16
N ILE B 263 11.61 16.82 17.10
CA ILE B 263 12.98 17.23 16.90
C ILE B 263 13.90 16.00 16.86
N GLN B 264 13.71 15.10 17.83
CA GLN B 264 14.49 13.87 17.97
C GLN B 264 14.28 12.88 16.82
N ASN B 265 13.04 12.41 16.67
CA ASN B 265 12.60 11.72 15.44
C ASN B 265 11.15 12.07 15.12
N LYS B 266 10.92 12.78 14.01
CA LYS B 266 9.56 13.15 13.57
C LYS B 266 8.73 11.99 13.00
N PRO B 267 9.32 11.20 12.07
CA PRO B 267 8.54 10.05 11.57
C PRO B 267 8.13 9.08 12.68
N LEU B 268 9.05 8.77 13.61
CA LEU B 268 8.69 8.01 14.81
C LEU B 268 7.58 8.68 15.64
N TYR B 269 7.65 10.00 15.79
CA TYR B 269 6.59 10.77 16.44
C TYR B 269 5.23 10.46 15.82
N PHE B 270 5.13 10.54 14.49
CA PHE B 270 3.85 10.24 13.83
C PHE B 270 3.52 8.75 13.98
N ALA B 271 4.50 7.89 13.73
CA ALA B 271 4.34 6.45 13.96
C ALA B 271 3.70 6.15 15.32
N ASP B 272 4.22 6.78 16.36
CA ASP B 272 3.67 6.61 17.69
C ASP B 272 2.24 7.14 17.78
N ARG B 273 2.00 8.32 17.21
CA ARG B 273 0.68 8.92 17.28
C ARG B 273 -0.32 8.06 16.54
N LEU B 274 0.14 7.43 15.47
CA LEU B 274 -0.69 6.52 14.68
C LEU B 274 -1.01 5.24 15.47
N TYR B 275 0.01 4.62 16.05
CA TYR B 275 -0.21 3.49 16.96
C TYR B 275 -1.22 3.86 18.05
N ASP B 276 -1.00 4.98 18.71
CA ASP B 276 -1.87 5.44 19.80
C ASP B 276 -3.33 5.63 19.37
N SER B 277 -3.52 5.94 18.09
CA SER B 277 -4.86 6.22 17.58
C SER B 277 -5.65 4.94 17.39
N MET B 278 -4.94 3.84 17.12
CA MET B 278 -5.60 2.56 16.87
C MET B 278 -5.60 1.51 17.97
N LYS B 279 -4.90 1.74 19.07
CA LYS B 279 -4.52 0.63 19.96
C LYS B 279 -5.58 0.06 20.91
N GLY B 280 -6.49 0.90 21.37
CA GLY B 280 -7.50 0.47 22.32
C GLY B 280 -8.67 -0.25 21.69
N LYS B 281 -9.81 -0.20 22.38
CA LYS B 281 -11.08 -0.59 21.79
C LYS B 281 -11.49 0.50 20.78
N GLY B 282 -11.89 0.09 19.59
CA GLY B 282 -12.18 1.05 18.52
C GLY B 282 -10.94 1.83 18.11
N THR B 283 -11.14 2.97 17.46
CA THR B 283 -10.03 3.84 17.05
C THR B 283 -10.33 5.33 17.20
N ARG B 284 -9.28 6.15 17.21
CA ARG B 284 -9.46 7.59 17.17
C ARG B 284 -9.25 7.96 15.71
N ASP B 285 -10.34 8.25 15.01
CA ASP B 285 -10.26 8.40 13.57
C ASP B 285 -9.74 9.77 13.16
N LYS B 286 -10.13 10.78 13.92
CA LYS B 286 -9.73 12.16 13.68
C LYS B 286 -8.19 12.31 13.58
N VAL B 287 -7.44 11.76 14.54
CA VAL B 287 -5.98 11.75 14.48
C VAL B 287 -5.41 10.87 13.36
N LEU B 288 -5.99 9.69 13.17
CA LEU B 288 -5.55 8.78 12.13
C LEU B 288 -5.67 9.42 10.73
N ILE B 289 -6.81 10.03 10.45
CA ILE B 289 -7.01 10.67 9.15
C ILE B 289 -6.06 11.86 8.92
N ARG B 290 -5.97 12.75 9.91
CA ARG B 290 -5.18 13.96 9.81
C ARG B 290 -3.74 13.63 9.40
N ILE B 291 -3.11 12.74 10.16
CA ILE B 291 -1.75 12.29 9.87
C ILE B 291 -1.63 11.66 8.47
N MET B 292 -2.50 10.71 8.15
CA MET B 292 -2.46 10.05 6.84
C MET B 292 -2.63 11.06 5.72
N VAL B 293 -3.44 12.10 5.91
CA VAL B 293 -3.58 13.13 4.87
C VAL B 293 -2.38 14.06 4.78
N SER B 294 -1.86 14.51 5.93
CA SER B 294 -0.79 15.50 5.94
C SER B 294 0.63 14.96 5.73
N ARG B 295 0.86 13.70 6.07
CA ARG B 295 2.21 13.17 5.92
C ARG B 295 2.35 12.38 4.63
N SER B 296 1.23 12.20 3.94
CA SER B 296 1.13 11.34 2.77
C SER B 296 2.12 11.74 1.68
N GLU B 297 2.31 13.04 1.54
CA GLU B 297 3.29 13.54 0.58
C GLU B 297 4.63 13.98 1.18
N VAL B 298 4.82 13.78 2.48
CA VAL B 298 6.08 14.18 3.09
C VAL B 298 6.98 13.05 3.58
N ASP B 299 6.67 12.53 4.77
CA ASP B 299 7.46 11.47 5.40
C ASP B 299 6.91 10.03 5.47
N MET B 300 5.75 9.74 4.86
CA MET B 300 5.05 8.45 5.08
C MET B 300 5.95 7.21 5.02
N LEU B 301 6.88 7.19 4.07
CA LEU B 301 7.79 6.05 3.91
C LEU B 301 8.62 5.82 5.18
N LYS B 302 9.11 6.88 5.81
CA LYS B 302 9.87 6.74 7.07
C LYS B 302 8.97 6.36 8.25
N ILE B 303 7.79 6.96 8.31
CA ILE B 303 6.80 6.61 9.33
C ILE B 303 6.52 5.11 9.29
N ARG B 304 6.30 4.59 8.09
CA ARG B 304 6.18 3.15 7.87
C ARG B 304 7.37 2.40 8.47
N SER B 305 8.59 2.78 8.08
CA SER B 305 9.80 2.13 8.58
C SER B 305 9.82 2.10 10.09
N GLU B 306 9.66 3.26 10.70
CA GLU B 306 9.65 3.34 12.15
C GLU B 306 8.53 2.49 12.73
N PHE B 307 7.34 2.58 12.14
CA PHE B 307 6.16 1.90 12.68
C PHE B 307 6.37 0.41 12.80
N LYS B 308 7.05 -0.17 11.82
CA LYS B 308 7.31 -1.61 11.85
C LYS B 308 8.48 -1.99 12.76
N ARG B 309 9.56 -1.19 12.70
CA ARG B 309 10.73 -1.41 13.52
C ARG B 309 10.27 -1.57 14.97
N LYS B 310 9.48 -0.61 15.43
CA LYS B 310 9.04 -0.52 16.83
C LYS B 310 7.90 -1.48 17.19
N TYR B 311 6.87 -1.54 16.36
CA TYR B 311 5.68 -2.32 16.70
C TYR B 311 5.60 -3.74 16.13
N GLY B 312 6.48 -4.04 15.17
CA GLY B 312 6.60 -5.39 14.64
C GLY B 312 5.68 -5.70 13.47
N LYS B 313 4.57 -4.98 13.39
CA LYS B 313 3.65 -5.10 12.27
C LYS B 313 3.52 -3.76 11.53
N SER B 314 3.23 -3.83 10.23
CA SER B 314 3.17 -2.64 9.37
C SER B 314 1.94 -1.76 9.61
N LEU B 315 2.07 -0.48 9.28
CA LEU B 315 0.96 0.48 9.33
C LEU B 315 -0.22 0.01 8.52
N TYR B 316 0.08 -0.56 7.37
CA TYR B 316 -0.92 -1.12 6.47
C TYR B 316 -1.80 -2.14 7.18
N TYR B 317 -1.15 -3.09 7.85
CA TYR B 317 -1.84 -4.11 8.62
C TYR B 317 -2.75 -3.48 9.66
N TYR B 318 -2.25 -2.49 10.39
CA TYR B 318 -3.05 -1.86 11.43
C TYR B 318 -4.24 -1.08 10.88
N ILE B 319 -4.08 -0.46 9.72
CA ILE B 319 -5.19 0.24 9.09
C ILE B 319 -6.29 -0.75 8.70
N GLN B 320 -5.91 -1.82 8.02
CA GLN B 320 -6.84 -2.90 7.66
C GLN B 320 -7.67 -3.33 8.85
N GLN B 321 -6.97 -3.53 9.95
CA GLN B 321 -7.55 -4.10 11.16
C GLN B 321 -8.50 -3.17 11.89
N ASP B 322 -8.21 -1.88 11.86
CA ASP B 322 -9.05 -0.92 12.57
C ASP B 322 -10.06 -0.13 11.73
N THR B 323 -10.03 -0.32 10.41
CA THR B 323 -10.90 0.38 9.49
C THR B 323 -11.44 -0.57 8.42
N LYS B 324 -12.72 -0.48 8.09
CA LYS B 324 -13.30 -1.30 7.03
C LYS B 324 -14.01 -0.42 6.01
N GLY B 325 -14.08 -0.87 4.76
CA GLY B 325 -14.77 -0.10 3.74
C GLY B 325 -13.85 0.72 2.86
N ASP B 326 -14.47 1.57 2.03
CA ASP B 326 -13.73 2.46 1.16
C ASP B 326 -12.91 3.44 2.00
N TYR B 327 -13.42 3.73 3.19
CA TYR B 327 -12.66 4.51 4.15
C TYR B 327 -11.30 3.85 4.38
N GLN B 328 -11.32 2.55 4.67
CA GLN B 328 -10.07 1.77 4.80
C GLN B 328 -9.22 1.80 3.53
N LYS B 329 -9.85 1.56 2.39
CA LYS B 329 -9.13 1.52 1.12
C LYS B 329 -8.47 2.86 0.85
N ALA B 330 -9.14 3.93 1.29
CA ALA B 330 -8.62 5.27 1.13
C ALA B 330 -7.34 5.45 1.97
N LEU B 331 -7.40 5.03 3.22
CA LEU B 331 -6.24 5.07 4.09
C LEU B 331 -5.11 4.23 3.51
N LEU B 332 -5.46 3.05 3.00
CA LEU B 332 -4.48 2.12 2.45
C LEU B 332 -3.76 2.67 1.21
N TYR B 333 -4.51 3.28 0.29
CA TYR B 333 -3.92 4.01 -0.84
C TYR B 333 -3.00 5.11 -0.29
N LEU B 334 -3.50 5.89 0.66
CA LEU B 334 -2.71 6.92 1.30
C LEU B 334 -1.46 6.37 1.99
N CYS B 335 -1.55 5.15 2.51
CA CYS B 335 -0.41 4.47 3.13
C CYS B 335 0.63 4.04 2.10
N GLY B 336 0.18 3.37 1.04
CA GLY B 336 1.02 3.05 -0.09
C GLY B 336 1.46 1.60 -0.30
N GLY B 337 1.32 0.76 0.72
CA GLY B 337 1.71 -0.64 0.63
C GLY B 337 2.09 -1.07 2.03
N ASP B 338 2.44 -2.34 2.24
CA ASP B 338 3.01 -2.68 3.55
C ASP B 338 4.50 -3.02 3.59
N ASP B 339 4.94 -3.27 4.82
CA ASP B 339 6.35 -3.46 5.10
C ASP B 339 6.49 -4.78 5.84
N PRO C 2 0.28 48.10 -20.00
CA PRO C 2 -0.17 46.92 -20.75
C PRO C 2 0.25 46.96 -22.21
N SER C 3 0.88 45.89 -22.68
CA SER C 3 1.19 45.76 -24.10
C SER C 3 -0.11 45.67 -24.87
N GLN C 4 -0.07 45.99 -26.15
CA GLN C 4 -1.26 45.94 -27.00
C GLN C 4 -1.93 44.57 -26.98
N MET C 5 -1.11 43.52 -27.13
CA MET C 5 -1.60 42.13 -27.12
C MET C 5 -2.47 41.85 -25.89
N GLU C 6 -2.10 42.46 -24.77
CA GLU C 6 -2.84 42.31 -23.53
C GLU C 6 -4.27 42.81 -23.62
N HIS C 7 -4.46 44.08 -23.99
CA HIS C 7 -5.80 44.64 -24.08
C HIS C 7 -6.56 44.13 -25.31
N ALA C 8 -5.82 43.55 -26.25
CA ALA C 8 -6.43 42.91 -27.42
C ALA C 8 -7.07 41.59 -27.01
N MET C 9 -6.30 40.80 -26.25
CA MET C 9 -6.80 39.57 -25.64
C MET C 9 -7.98 39.89 -24.72
N GLU C 10 -7.84 40.97 -23.96
CA GLU C 10 -8.89 41.43 -23.07
C GLU C 10 -10.16 41.81 -23.81
N THR C 11 -10.01 42.47 -24.96
CA THR C 11 -11.16 42.83 -25.78
C THR C 11 -11.82 41.57 -26.29
N MET C 12 -11.01 40.61 -26.73
CA MET C 12 -11.49 39.29 -27.12
C MET C 12 -12.34 38.70 -25.98
N MET C 13 -11.86 38.85 -24.76
CA MET C 13 -12.59 38.43 -23.55
C MET C 13 -13.95 39.11 -23.33
N PHE C 14 -13.94 40.40 -23.02
CA PHE C 14 -15.18 41.07 -22.60
C PHE C 14 -16.12 41.49 -23.73
N THR C 15 -15.67 41.44 -24.98
CA THR C 15 -16.58 41.70 -26.08
C THR C 15 -17.57 40.53 -26.19
N PHE C 16 -17.12 39.34 -25.82
CA PHE C 16 -17.98 38.16 -25.77
C PHE C 16 -18.96 38.30 -24.61
N HIS C 17 -18.58 39.07 -23.60
CA HIS C 17 -19.35 39.18 -22.37
C HIS C 17 -20.52 40.16 -22.46
N LYS C 18 -20.54 41.02 -23.46
CA LYS C 18 -21.67 41.91 -23.65
C LYS C 18 -22.88 41.13 -24.16
N PHE C 19 -22.66 40.30 -25.18
CA PHE C 19 -23.76 39.60 -25.84
C PHE C 19 -23.99 38.14 -25.42
N ALA C 20 -23.17 37.65 -24.49
CA ALA C 20 -23.39 36.34 -23.91
C ALA C 20 -24.54 36.40 -22.91
N GLY C 21 -25.02 37.62 -22.65
CA GLY C 21 -26.02 37.84 -21.63
C GLY C 21 -25.42 37.67 -20.25
N ASP C 22 -26.25 37.75 -19.22
CA ASP C 22 -25.82 37.48 -17.86
C ASP C 22 -26.09 36.01 -17.58
N LYS C 23 -26.52 35.31 -18.62
CA LYS C 23 -26.79 33.88 -18.57
C LYS C 23 -25.52 33.04 -18.66
N GLY C 24 -24.59 33.47 -19.50
CA GLY C 24 -23.29 32.81 -19.64
C GLY C 24 -23.14 32.02 -20.92
N TYR C 25 -24.27 31.75 -21.57
CA TYR C 25 -24.29 31.04 -22.84
C TYR C 25 -24.58 32.03 -23.96
N LEU C 26 -24.03 31.77 -25.15
CA LEU C 26 -24.38 32.62 -26.29
C LEU C 26 -25.60 32.07 -27.00
N THR C 27 -26.68 32.85 -26.98
CA THR C 27 -27.88 32.57 -27.74
C THR C 27 -27.55 32.73 -29.21
N LYS C 28 -28.38 32.18 -30.08
CA LYS C 28 -28.25 32.45 -31.51
C LYS C 28 -28.52 33.91 -31.87
N GLU C 29 -29.52 34.52 -31.21
CA GLU C 29 -29.96 35.87 -31.55
C GLU C 29 -28.98 36.99 -31.19
N ASP C 30 -28.53 37.01 -29.94
CA ASP C 30 -27.56 38.02 -29.56
C ASP C 30 -26.17 37.62 -30.06
N LEU C 31 -26.06 36.42 -30.61
CA LEU C 31 -24.89 36.07 -31.41
C LEU C 31 -24.96 36.88 -32.69
N ARG C 32 -26.14 36.87 -33.32
CA ARG C 32 -26.39 37.69 -34.50
C ARG C 32 -26.01 39.13 -34.20
N VAL C 33 -26.59 39.69 -33.13
CA VAL C 33 -26.27 41.07 -32.77
C VAL C 33 -24.77 41.29 -32.53
N LEU C 34 -24.14 40.39 -31.78
CA LEU C 34 -22.70 40.46 -31.48
C LEU C 34 -21.84 40.64 -32.74
N MET C 35 -21.91 39.61 -33.59
CA MET C 35 -21.14 39.59 -34.83
C MET C 35 -21.40 40.86 -35.65
N GLU C 36 -22.65 41.31 -35.61
CA GLU C 36 -23.06 42.54 -36.30
C GLU C 36 -22.34 43.76 -35.74
N LYS C 37 -22.28 43.87 -34.42
CA LYS C 37 -21.60 44.96 -33.76
C LYS C 37 -20.16 45.04 -34.18
N GLU C 38 -19.53 43.88 -34.37
CA GLU C 38 -18.08 43.90 -34.61
C GLU C 38 -17.53 44.34 -35.98
N PHE C 39 -18.02 43.77 -37.08
CA PHE C 39 -17.34 43.94 -38.37
C PHE C 39 -18.04 44.80 -39.42
N PRO C 40 -17.41 45.93 -39.82
CA PRO C 40 -17.94 46.90 -40.77
C PRO C 40 -18.09 46.40 -42.21
N GLY C 41 -17.07 45.72 -42.73
CA GLY C 41 -17.06 45.36 -44.14
C GLY C 41 -17.39 43.91 -44.44
N PHE C 42 -18.10 43.23 -43.55
CA PHE C 42 -18.25 41.78 -43.63
C PHE C 42 -19.66 41.27 -43.95
N LEU C 43 -20.61 41.54 -43.08
CA LEU C 43 -21.94 40.97 -43.20
C LEU C 43 -22.73 41.52 -44.39
N GLU C 44 -22.32 42.68 -44.88
CA GLU C 44 -22.96 43.32 -46.04
C GLU C 44 -22.49 42.64 -47.32
N ASN C 45 -21.20 42.32 -47.36
CA ASN C 45 -20.60 41.60 -48.47
C ASN C 45 -21.28 40.25 -48.70
N GLN C 46 -21.59 39.56 -47.60
CA GLN C 46 -22.23 38.24 -47.70
C GLN C 46 -23.68 38.42 -48.11
N LYS C 47 -24.06 37.76 -49.20
CA LYS C 47 -25.39 37.94 -49.75
C LYS C 47 -26.44 37.21 -48.92
N ASP C 48 -26.12 35.99 -48.53
CA ASP C 48 -27.05 35.15 -47.77
C ASP C 48 -27.47 35.87 -46.50
N PRO C 49 -28.78 36.16 -46.39
CA PRO C 49 -29.35 36.90 -45.25
C PRO C 49 -29.33 36.09 -43.95
N LEU C 50 -29.19 34.77 -44.08
CA LEU C 50 -29.11 33.89 -42.92
C LEU C 50 -27.67 33.67 -42.47
N ALA C 51 -26.75 34.42 -43.07
CA ALA C 51 -25.30 34.20 -42.94
C ALA C 51 -24.78 33.98 -41.51
N VAL C 52 -25.22 34.83 -40.58
CA VAL C 52 -24.82 34.66 -39.19
C VAL C 52 -25.25 33.30 -38.64
N ASP C 53 -26.49 32.91 -38.94
CA ASP C 53 -27.02 31.63 -38.49
C ASP C 53 -26.27 30.48 -39.17
N LYS C 54 -25.86 30.69 -40.42
CA LYS C 54 -25.05 29.73 -41.16
C LYS C 54 -23.71 29.54 -40.45
N ILE C 55 -23.20 30.62 -39.88
CA ILE C 55 -21.95 30.60 -39.12
C ILE C 55 -22.11 29.90 -37.77
N MET C 56 -23.27 30.10 -37.13
CA MET C 56 -23.55 29.52 -35.81
C MET C 56 -23.29 28.02 -35.72
N LYS C 57 -23.69 27.27 -36.75
CA LYS C 57 -23.55 25.82 -36.71
C LYS C 57 -22.10 25.42 -36.92
N ASP C 58 -21.77 24.16 -36.65
CA ASP C 58 -20.43 23.59 -36.92
C ASP C 58 -19.34 24.19 -36.03
N LEU C 59 -19.68 25.23 -35.27
CA LEU C 59 -18.68 26.05 -34.61
C LEU C 59 -18.45 25.49 -33.22
N ASP C 60 -17.33 24.80 -33.03
CA ASP C 60 -17.02 24.16 -31.76
C ASP C 60 -18.27 23.41 -31.29
N GLN C 61 -18.81 23.77 -30.13
CA GLN C 61 -20.13 23.28 -29.76
C GLN C 61 -21.24 24.22 -30.23
N CYS C 62 -21.93 23.82 -31.29
CA CYS C 62 -23.07 24.59 -31.83
C CYS C 62 -24.46 24.02 -31.57
N ARG C 63 -24.55 22.82 -31.03
CA ARG C 63 -25.79 22.03 -31.16
C ARG C 63 -26.95 22.49 -30.26
N ASP C 64 -26.67 22.68 -28.98
CA ASP C 64 -27.61 23.38 -28.11
C ASP C 64 -27.52 24.85 -28.51
N GLY C 65 -28.49 25.65 -28.11
CA GLY C 65 -28.52 27.05 -28.50
C GLY C 65 -27.45 27.85 -27.78
N LYS C 66 -26.51 27.16 -27.15
CA LYS C 66 -25.44 27.77 -26.36
C LYS C 66 -24.10 27.73 -27.10
N VAL C 67 -23.43 28.88 -27.14
CA VAL C 67 -22.05 28.94 -27.62
C VAL C 67 -21.17 29.50 -26.51
N GLY C 68 -20.22 28.70 -26.03
CA GLY C 68 -19.31 29.14 -24.98
C GLY C 68 -18.29 30.12 -25.49
N PHE C 69 -17.36 30.54 -24.62
CA PHE C 69 -16.29 31.41 -25.06
C PHE C 69 -15.33 30.63 -25.95
N GLN C 70 -15.18 29.34 -25.66
CA GLN C 70 -14.31 28.45 -26.43
C GLN C 70 -14.73 28.44 -27.90
N SER C 71 -16.04 28.40 -28.12
CA SER C 71 -16.65 28.33 -29.46
C SER C 71 -16.60 29.63 -30.24
N PHE C 72 -16.96 30.72 -29.57
CA PHE C 72 -16.81 32.05 -30.14
C PHE C 72 -15.35 32.26 -30.56
N PHE C 73 -14.45 31.78 -29.70
CA PHE C 73 -13.03 31.86 -29.99
C PHE C 73 -12.67 30.97 -31.17
N SER C 74 -13.44 29.93 -31.39
CA SER C 74 -13.27 29.12 -32.59
C SER C 74 -13.68 29.90 -33.83
N LEU C 75 -14.71 30.74 -33.70
CA LEU C 75 -15.06 31.67 -34.78
C LEU C 75 -13.85 32.55 -35.07
N ILE C 76 -13.28 33.14 -34.03
CA ILE C 76 -12.09 33.97 -34.20
C ILE C 76 -10.94 33.18 -34.82
N ALA C 77 -10.85 31.90 -34.50
CA ALA C 77 -9.79 31.07 -35.05
C ALA C 77 -9.94 30.94 -36.56
N GLY C 78 -11.11 30.45 -37.01
CA GLY C 78 -11.35 30.30 -38.42
C GLY C 78 -11.13 31.60 -39.17
N LEU C 79 -11.79 32.66 -38.68
CA LEU C 79 -11.72 33.97 -39.31
C LEU C 79 -10.30 34.54 -39.37
N THR C 80 -9.68 34.71 -38.21
CA THR C 80 -8.37 35.37 -38.09
C THR C 80 -7.24 34.56 -38.75
N ILE C 81 -7.37 33.23 -38.79
CA ILE C 81 -6.39 32.45 -39.53
C ILE C 81 -6.61 32.63 -41.04
N ALA C 82 -7.87 32.59 -41.46
CA ALA C 82 -8.20 32.88 -42.86
C ALA C 82 -7.61 34.21 -43.33
N CYS C 83 -7.79 35.27 -42.53
CA CYS C 83 -7.26 36.60 -42.85
C CYS C 83 -5.76 36.57 -43.12
N ASN C 84 -5.03 36.05 -42.14
CA ASN C 84 -3.57 35.96 -42.21
C ASN C 84 -3.09 35.21 -43.43
N ASP C 85 -3.83 34.16 -43.82
CA ASP C 85 -3.43 33.42 -45.02
C ASP C 85 -3.43 34.29 -46.27
N TYR C 86 -4.50 35.05 -46.48
CA TYR C 86 -4.58 35.95 -47.63
C TYR C 86 -3.63 37.15 -47.44
N PHE C 87 -3.23 37.40 -46.20
CA PHE C 87 -2.18 38.37 -45.91
C PHE C 87 -0.85 37.86 -46.48
N VAL C 88 -0.61 36.56 -46.32
CA VAL C 88 0.64 35.93 -46.76
C VAL C 88 0.69 35.66 -48.27
N VAL C 89 -0.19 34.79 -48.75
CA VAL C 89 -0.16 34.35 -50.14
C VAL C 89 -0.52 35.47 -51.13
N HIS C 90 -1.00 36.61 -50.61
CA HIS C 90 -1.40 37.73 -51.45
C HIS C 90 -0.78 39.09 -51.07
N MET C 91 -1.03 39.59 -49.87
CA MET C 91 -0.52 40.91 -49.48
C MET C 91 1.00 40.90 -49.29
N LYS C 92 1.45 40.14 -48.30
CA LYS C 92 2.87 40.01 -47.92
C LYS C 92 3.89 40.24 -49.05
N PRO D 2 -10.99 51.54 -36.49
CA PRO D 2 -12.39 51.14 -36.64
C PRO D 2 -12.93 50.44 -35.39
N SER D 3 -13.11 49.13 -35.47
CA SER D 3 -13.53 48.35 -34.30
C SER D 3 -12.33 48.05 -33.41
N GLN D 4 -12.53 48.07 -32.10
CA GLN D 4 -11.47 47.73 -31.14
C GLN D 4 -11.14 46.24 -31.30
N MET D 5 -12.09 45.50 -31.87
CA MET D 5 -11.95 44.07 -32.09
C MET D 5 -11.01 43.80 -33.26
N GLU D 6 -11.13 44.62 -34.30
CA GLU D 6 -10.27 44.49 -35.47
C GLU D 6 -8.88 45.04 -35.14
N HIS D 7 -8.86 46.05 -34.28
CA HIS D 7 -7.65 46.52 -33.61
C HIS D 7 -6.97 45.29 -33.00
N ALA D 8 -7.76 44.53 -32.24
CA ALA D 8 -7.26 43.34 -31.55
C ALA D 8 -6.69 42.27 -32.48
N MET D 9 -7.49 41.84 -33.46
CA MET D 9 -7.06 40.78 -34.37
C MET D 9 -5.80 41.17 -35.15
N GLU D 10 -5.81 42.38 -35.71
CA GLU D 10 -4.68 42.84 -36.52
C GLU D 10 -3.39 42.92 -35.71
N THR D 11 -3.52 43.26 -34.43
CA THR D 11 -2.37 43.32 -33.54
C THR D 11 -1.69 41.96 -33.48
N MET D 12 -2.48 40.93 -33.21
CA MET D 12 -2.00 39.55 -33.20
C MET D 12 -1.30 39.25 -34.52
N MET D 13 -1.98 39.57 -35.62
CA MET D 13 -1.45 39.28 -36.95
C MET D 13 -0.07 39.88 -37.21
N PHE D 14 0.11 41.18 -36.93
CA PHE D 14 1.42 41.80 -37.12
C PHE D 14 2.45 41.29 -36.11
N THR D 15 1.99 41.03 -34.90
CA THR D 15 2.85 40.58 -33.81
C THR D 15 3.56 39.27 -34.14
N PHE D 16 2.82 38.29 -34.62
CA PHE D 16 3.43 36.98 -34.90
C PHE D 16 4.60 37.10 -35.86
N HIS D 17 4.42 37.90 -36.92
CA HIS D 17 5.45 38.08 -37.94
C HIS D 17 6.60 38.96 -37.47
N LYS D 18 6.29 39.95 -36.62
CA LYS D 18 7.27 40.89 -36.11
C LYS D 18 8.46 40.19 -35.43
N PHE D 19 8.15 39.20 -34.61
CA PHE D 19 9.19 38.37 -33.99
C PHE D 19 9.69 37.21 -34.86
N ALA D 20 8.76 36.52 -35.54
CA ALA D 20 9.11 35.36 -36.35
C ALA D 20 10.06 35.68 -37.50
N GLY D 21 10.16 36.97 -37.84
CA GLY D 21 11.00 37.43 -38.93
C GLY D 21 10.40 37.03 -40.27
N ASP D 22 11.15 37.23 -41.35
CA ASP D 22 10.73 36.69 -42.64
C ASP D 22 11.23 35.26 -42.72
N LYS D 23 11.91 34.83 -41.67
CA LYS D 23 12.11 33.42 -41.38
C LYS D 23 10.70 32.81 -41.32
N GLY D 24 9.77 33.57 -40.76
CA GLY D 24 8.35 33.28 -40.84
C GLY D 24 7.76 32.49 -39.69
N TYR D 25 8.61 31.75 -38.99
CA TYR D 25 8.16 30.81 -37.95
C TYR D 25 8.80 31.09 -36.59
N LEU D 26 8.19 30.55 -35.53
CA LEU D 26 8.66 30.81 -34.17
C LEU D 26 9.55 29.71 -33.58
N THR D 27 10.79 30.06 -33.29
CA THR D 27 11.64 29.27 -32.41
C THR D 27 11.18 29.51 -30.99
N LYS D 28 11.56 28.62 -30.08
CA LYS D 28 11.35 28.82 -28.65
C LYS D 28 12.03 30.12 -28.20
N GLU D 29 13.03 30.55 -28.97
CA GLU D 29 13.75 31.79 -28.69
C GLU D 29 12.89 33.02 -29.03
N ASP D 30 12.41 33.07 -30.26
CA ASP D 30 11.54 34.16 -30.70
C ASP D 30 10.25 34.13 -29.88
N LEU D 31 9.84 32.93 -29.48
CA LEU D 31 8.70 32.77 -28.58
C LEU D 31 9.01 33.43 -27.24
N ARG D 32 10.14 33.07 -26.66
CA ARG D 32 10.55 33.57 -25.35
C ARG D 32 10.62 35.10 -25.31
N VAL D 33 11.32 35.69 -26.28
CA VAL D 33 11.38 37.15 -26.38
C VAL D 33 9.98 37.74 -26.62
N LEU D 34 9.15 37.02 -27.38
CA LEU D 34 7.77 37.43 -27.61
C LEU D 34 7.02 37.59 -26.28
N MET D 35 6.81 36.48 -25.57
CA MET D 35 6.05 36.52 -24.32
C MET D 35 6.69 37.45 -23.30
N GLU D 36 8.01 37.50 -23.29
CA GLU D 36 8.71 38.40 -22.37
C GLU D 36 8.40 39.88 -22.62
N LYS D 37 8.36 40.28 -23.89
CA LYS D 37 8.02 41.67 -24.22
C LYS D 37 6.53 41.99 -24.05
N GLU D 38 5.66 41.08 -24.49
CA GLU D 38 4.21 41.29 -24.42
C GLU D 38 3.68 41.15 -23.00
N PHE D 39 4.08 40.08 -22.31
CA PHE D 39 3.70 39.89 -20.91
C PHE D 39 4.92 39.80 -20.00
N PRO D 40 5.58 40.94 -19.75
CA PRO D 40 6.70 40.89 -18.80
C PRO D 40 6.12 40.61 -17.42
N GLY D 41 6.89 39.94 -16.57
CA GLY D 41 6.38 39.58 -15.27
C GLY D 41 5.62 38.27 -15.28
N PHE D 42 5.19 37.80 -16.45
CA PHE D 42 4.43 36.54 -16.53
C PHE D 42 5.29 35.28 -16.38
N LEU D 43 6.44 35.28 -17.04
CA LEU D 43 7.28 34.07 -17.13
C LEU D 43 8.05 33.71 -15.87
N GLU D 44 8.77 34.69 -15.31
CA GLU D 44 9.65 34.44 -14.18
C GLU D 44 8.85 34.44 -12.88
N ASN D 45 7.55 34.71 -13.00
CA ASN D 45 6.60 34.53 -11.91
C ASN D 45 6.27 33.05 -11.82
N GLN D 46 6.71 32.30 -12.82
CA GLN D 46 6.50 30.85 -12.86
C GLN D 46 7.74 30.10 -12.44
N LYS D 47 7.51 28.96 -11.79
CA LYS D 47 8.56 28.13 -11.21
C LYS D 47 9.57 27.58 -12.23
N ASP D 48 9.06 26.88 -13.23
CA ASP D 48 9.89 26.26 -14.26
C ASP D 48 10.32 27.30 -15.30
N PRO D 49 11.63 27.59 -15.37
CA PRO D 49 12.14 28.47 -16.43
C PRO D 49 12.06 27.76 -17.77
N LEU D 50 12.13 26.43 -17.71
CA LEU D 50 12.00 25.57 -18.88
C LEU D 50 10.63 25.70 -19.54
N ALA D 51 9.68 26.34 -18.86
CA ALA D 51 8.29 26.37 -19.30
C ALA D 51 8.17 26.76 -20.77
N VAL D 52 8.73 27.91 -21.14
CA VAL D 52 8.76 28.34 -22.54
C VAL D 52 9.49 27.33 -23.42
N ASP D 53 10.72 27.00 -23.04
CA ASP D 53 11.53 26.01 -23.75
C ASP D 53 10.81 24.67 -23.87
N LYS D 54 10.32 24.16 -22.74
CA LYS D 54 9.64 22.88 -22.71
C LYS D 54 8.19 22.92 -23.21
N ILE D 55 7.63 24.11 -23.42
CA ILE D 55 6.24 24.22 -23.86
C ILE D 55 6.01 23.64 -25.25
N MET D 56 6.94 23.89 -26.16
CA MET D 56 6.73 23.66 -27.59
C MET D 56 6.21 22.27 -27.94
N LYS D 57 6.55 21.27 -27.13
CA LYS D 57 5.98 19.93 -27.27
C LYS D 57 4.44 19.99 -27.25
N ASP D 58 3.90 20.81 -26.35
CA ASP D 58 2.47 21.06 -26.27
C ASP D 58 2.20 22.42 -26.91
N LEU D 59 1.59 22.37 -28.09
CA LEU D 59 1.31 23.50 -28.97
C LEU D 59 0.66 22.79 -30.13
N ASP D 60 0.25 23.50 -31.18
CA ASP D 60 -0.48 22.83 -32.25
C ASP D 60 0.43 21.85 -32.98
N GLN D 61 1.40 22.34 -33.75
CA GLN D 61 2.51 21.48 -34.12
C GLN D 61 3.88 22.17 -34.02
N CYS D 62 4.69 21.77 -33.06
CA CYS D 62 6.10 22.14 -32.99
C CYS D 62 7.07 21.03 -33.41
N ARG D 63 6.53 19.92 -33.91
CA ARG D 63 7.33 18.73 -34.16
C ARG D 63 8.59 18.98 -35.01
N ASP D 64 8.59 20.03 -35.82
CA ASP D 64 9.83 20.52 -36.45
C ASP D 64 10.46 21.71 -35.71
N GLY D 65 9.86 22.14 -34.61
CA GLY D 65 10.32 23.34 -33.92
C GLY D 65 9.73 24.59 -34.58
N LYS D 66 8.64 24.38 -35.32
CA LYS D 66 8.03 25.40 -36.15
C LYS D 66 6.65 25.78 -35.62
N VAL D 67 6.53 26.98 -35.05
CA VAL D 67 5.24 27.41 -34.51
C VAL D 67 4.49 28.16 -35.60
N GLY D 68 3.42 27.54 -36.10
CA GLY D 68 2.62 28.17 -37.13
C GLY D 68 1.77 29.27 -36.54
N PHE D 69 1.13 30.07 -37.38
CA PHE D 69 0.20 31.06 -36.87
C PHE D 69 -0.95 30.31 -36.24
N GLN D 70 -1.24 29.14 -36.82
CA GLN D 70 -2.13 28.16 -36.23
C GLN D 70 -1.69 27.84 -34.79
N SER D 71 -0.41 27.58 -34.62
CA SER D 71 0.11 27.19 -33.32
C SER D 71 0.24 28.38 -32.36
N PHE D 72 0.58 29.55 -32.90
CA PHE D 72 0.69 30.78 -32.12
C PHE D 72 -0.67 31.20 -31.57
N PHE D 73 -1.70 31.05 -32.40
CA PHE D 73 -3.07 31.30 -32.01
C PHE D 73 -3.48 30.23 -31.00
N SER D 74 -3.03 29.01 -31.25
CA SER D 74 -3.29 27.88 -30.36
C SER D 74 -2.80 28.18 -28.94
N LEU D 75 -1.64 28.81 -28.84
CA LEU D 75 -1.12 29.30 -27.56
C LEU D 75 -2.06 30.30 -26.89
N ILE D 76 -2.21 31.47 -27.50
CA ILE D 76 -3.06 32.53 -26.95
C ILE D 76 -4.41 31.99 -26.51
N ALA D 77 -4.96 31.06 -27.29
CA ALA D 77 -6.26 30.47 -26.99
C ALA D 77 -6.36 30.10 -25.51
N GLY D 78 -5.41 29.30 -25.03
CA GLY D 78 -5.38 28.89 -23.65
C GLY D 78 -5.34 30.03 -22.65
N LEU D 79 -4.47 31.02 -22.89
CA LEU D 79 -4.37 32.17 -22.01
C LEU D 79 -5.70 32.93 -21.97
N THR D 80 -6.21 33.31 -23.15
CA THR D 80 -7.40 34.13 -23.27
C THR D 80 -8.65 33.46 -22.68
N ILE D 81 -8.75 32.14 -22.84
CA ILE D 81 -9.82 31.38 -22.18
C ILE D 81 -9.62 31.47 -20.66
N ALA D 82 -8.43 31.05 -20.21
CA ALA D 82 -8.12 30.95 -18.77
C ALA D 82 -8.38 32.23 -17.98
N CYS D 83 -7.89 33.36 -18.50
CA CYS D 83 -8.10 34.66 -17.86
C CYS D 83 -9.58 34.93 -17.65
N ASN D 84 -10.35 34.71 -18.71
CA ASN D 84 -11.80 34.91 -18.69
C ASN D 84 -12.47 34.03 -17.63
N ASP D 85 -12.11 32.75 -17.64
CA ASP D 85 -12.59 31.79 -16.64
C ASP D 85 -12.40 32.43 -15.29
N TYR D 86 -11.17 32.84 -15.02
CA TYR D 86 -10.81 33.39 -13.72
C TYR D 86 -11.64 34.59 -13.33
N PHE D 87 -11.44 35.70 -14.04
CA PHE D 87 -12.02 36.96 -13.61
C PHE D 87 -13.55 36.97 -13.62
N VAL D 88 -14.19 36.17 -14.47
CA VAL D 88 -15.64 36.08 -14.35
C VAL D 88 -16.04 35.16 -13.17
N VAL D 89 -15.30 34.07 -12.99
CA VAL D 89 -15.43 33.27 -11.76
C VAL D 89 -15.09 34.12 -10.53
N HIS D 90 -13.85 34.56 -10.43
CA HIS D 90 -13.42 35.37 -9.30
C HIS D 90 -13.02 36.78 -9.74
N MET D 91 -13.98 37.70 -9.67
CA MET D 91 -13.74 39.08 -10.06
C MET D 91 -15.06 39.85 -10.03
N LYS D 92 -14.96 41.17 -9.99
CA LYS D 92 -16.14 42.03 -9.95
C LYS D 92 -17.31 41.40 -9.21
N PRO E 6 -8.11 20.60 -27.51
CA PRO E 6 -8.40 20.72 -28.95
C PRO E 6 -9.79 21.31 -29.22
N THR E 7 -9.86 22.34 -30.06
CA THR E 7 -11.15 22.85 -30.53
C THR E 7 -11.18 22.99 -32.05
N PHE E 8 -12.38 23.21 -32.57
CA PHE E 8 -12.65 23.14 -34.01
C PHE E 8 -13.13 24.48 -34.56
N PHE E 9 -12.51 24.94 -35.64
CA PHE E 9 -12.88 26.23 -36.28
C PHE E 9 -13.49 26.04 -37.67
N PRO E 10 -14.33 27.00 -38.09
CA PRO E 10 -14.93 26.83 -39.43
C PRO E 10 -14.00 27.31 -40.54
N ARG E 11 -14.41 27.08 -41.79
CA ARG E 11 -13.52 27.31 -42.92
C ARG E 11 -13.95 28.51 -43.78
N PHE E 12 -12.97 29.30 -44.20
CA PHE E 12 -13.25 30.55 -44.92
C PHE E 12 -12.40 30.66 -46.18
N GLU E 13 -13.03 30.90 -47.33
CA GLU E 13 -12.30 31.03 -48.59
C GLU E 13 -12.38 32.44 -49.15
N PHE E 14 -11.83 32.62 -50.35
CA PHE E 14 -11.73 33.94 -51.00
C PHE E 14 -11.08 34.98 -50.10
N PRO F 6 -9.83 20.79 -34.69
CA PRO F 6 -8.40 20.64 -34.38
C PRO F 6 -7.59 21.94 -34.49
N THR F 7 -7.71 22.77 -33.46
CA THR F 7 -6.82 23.90 -33.20
C THR F 7 -5.72 23.50 -32.21
N PHE F 8 -5.59 22.19 -31.96
CA PHE F 8 -5.29 21.62 -30.64
C PHE F 8 -4.24 22.43 -29.85
N PHE F 9 -4.64 22.74 -28.62
CA PHE F 9 -4.04 23.76 -27.78
C PHE F 9 -4.07 23.30 -26.32
N PRO F 10 -3.13 23.79 -25.50
CA PRO F 10 -3.23 23.70 -24.03
C PRO F 10 -4.10 24.80 -23.39
N ARG F 11 -4.70 24.53 -22.23
CA ARG F 11 -5.26 25.61 -21.41
C ARG F 11 -4.48 25.68 -20.10
N PHE F 12 -4.79 26.69 -19.29
CA PHE F 12 -4.04 26.91 -18.05
C PHE F 12 -4.96 27.12 -16.85
N GLU F 13 -4.42 26.94 -15.65
CA GLU F 13 -5.20 27.02 -14.43
C GLU F 13 -4.61 28.03 -13.43
N PHE F 14 -5.44 28.45 -12.48
CA PHE F 14 -5.12 29.52 -11.54
C PHE F 14 -5.06 30.89 -12.23
N SER G 2 15.84 -10.01 46.57
CA SER G 2 15.61 -10.04 48.01
C SER G 2 15.15 -11.41 48.48
N THR G 3 13.83 -11.59 48.51
CA THR G 3 13.20 -12.80 49.04
C THR G 3 13.50 -14.05 48.22
N VAL G 4 13.42 -13.96 46.90
CA VAL G 4 13.57 -15.13 46.04
C VAL G 4 14.88 -15.87 46.30
N HIS G 5 15.89 -15.17 46.80
CA HIS G 5 17.15 -15.79 47.13
C HIS G 5 17.02 -16.71 48.33
N GLU G 6 16.45 -16.21 49.42
CA GLU G 6 16.43 -16.97 50.68
C GLU G 6 15.64 -18.28 50.65
N ILE G 7 14.63 -18.37 49.78
CA ILE G 7 13.88 -19.62 49.60
C ILE G 7 14.59 -20.57 48.63
N LEU G 8 15.48 -20.02 47.81
CA LEU G 8 16.33 -20.83 46.94
C LEU G 8 17.37 -21.52 47.81
N CYS G 9 17.69 -20.86 48.91
CA CYS G 9 18.78 -21.26 49.78
C CYS G 9 18.59 -22.65 50.37
N LYS G 10 17.38 -22.96 50.83
CA LYS G 10 17.16 -24.28 51.42
C LYS G 10 16.44 -25.15 50.40
N LEU G 11 17.19 -26.07 49.79
CA LEU G 11 16.70 -26.92 48.71
C LEU G 11 17.72 -28.02 48.42
N SER G 12 17.38 -28.96 47.54
CA SER G 12 18.27 -30.04 47.15
C SER G 12 17.59 -30.97 46.17
N LEU G 13 18.37 -31.84 45.53
CA LEU G 13 17.81 -32.88 44.66
C LEU G 13 17.12 -33.91 45.55
N GLU G 14 16.50 -34.90 44.94
CA GLU G 14 15.96 -36.03 45.69
C GLU G 14 17.06 -37.05 45.98
N GLY G 15 18.11 -37.02 45.17
CA GLY G 15 19.23 -37.95 45.31
C GLY G 15 20.08 -37.71 46.55
N ASP G 16 19.67 -36.72 47.34
CA ASP G 16 20.36 -36.35 48.57
C ASP G 16 19.45 -36.65 49.77
N HIS G 17 20.01 -36.87 50.95
CA HIS G 17 21.41 -36.61 51.26
C HIS G 17 22.40 -37.71 50.91
N SER G 18 23.44 -37.34 50.16
CA SER G 18 24.66 -38.11 50.12
C SER G 18 25.54 -37.48 51.18
N THR G 19 25.72 -38.18 52.29
CA THR G 19 26.27 -37.61 53.50
C THR G 19 26.88 -38.76 54.31
N PRO G 20 27.55 -38.48 55.45
CA PRO G 20 28.13 -39.66 56.11
C PRO G 20 27.11 -40.61 56.73
N PRO G 21 27.19 -41.91 56.40
CA PRO G 21 26.58 -42.95 57.23
C PRO G 21 27.54 -43.28 58.39
N SER G 22 27.01 -43.64 59.56
CA SER G 22 27.86 -44.15 60.63
C SER G 22 28.22 -45.58 60.28
N ALA G 23 29.40 -46.03 60.70
CA ALA G 23 29.77 -47.42 60.48
C ALA G 23 29.19 -48.27 61.60
N TYR G 24 28.75 -47.63 62.67
CA TYR G 24 28.17 -48.35 63.80
C TYR G 24 26.62 -48.34 63.86
N GLY G 25 26.00 -47.75 62.85
CA GLY G 25 24.55 -47.80 62.71
C GLY G 25 24.07 -49.13 62.14
N SER G 26 22.89 -49.57 62.57
CA SER G 26 22.30 -50.81 62.05
C SER G 26 21.35 -50.55 60.88
N VAL G 27 21.01 -49.28 60.69
CA VAL G 27 20.15 -48.89 59.58
C VAL G 27 20.99 -48.26 58.48
N LYS G 28 20.89 -48.83 57.29
CA LYS G 28 21.58 -48.29 56.12
C LYS G 28 20.56 -47.76 55.14
N PRO G 29 20.87 -46.62 54.53
CA PRO G 29 19.97 -46.03 53.54
C PRO G 29 19.62 -47.05 52.46
N TYR G 30 18.34 -47.13 52.10
CA TYR G 30 17.91 -48.04 51.05
C TYR G 30 18.66 -47.72 49.75
N THR G 31 19.16 -48.76 49.10
CA THR G 31 19.96 -48.57 47.87
C THR G 31 19.22 -48.01 46.65
N ASN G 32 18.24 -48.77 46.15
CA ASN G 32 17.58 -48.46 44.89
C ASN G 32 16.42 -47.48 45.06
N PHE G 33 16.45 -46.79 46.19
CA PHE G 33 15.38 -45.97 46.73
C PHE G 33 14.67 -45.03 45.74
N ASP G 34 13.34 -45.02 45.84
CA ASP G 34 12.53 -44.03 45.15
C ASP G 34 11.50 -43.51 46.15
N ALA G 35 11.60 -42.23 46.48
CA ALA G 35 10.70 -41.62 47.46
C ALA G 35 9.24 -41.55 46.99
N GLU G 36 9.04 -41.32 45.70
CA GLU G 36 7.68 -41.23 45.15
C GLU G 36 6.99 -42.61 45.13
N ARG G 37 7.68 -43.62 44.62
CA ARG G 37 7.18 -44.99 44.60
C ARG G 37 6.79 -45.46 46.00
N ASP G 38 7.53 -45.00 47.00
CA ASP G 38 7.28 -45.39 48.39
C ASP G 38 6.14 -44.62 49.02
N ALA G 39 6.05 -43.33 48.74
CA ALA G 39 4.88 -42.53 49.09
C ALA G 39 3.66 -43.25 48.57
N LEU G 40 3.74 -43.64 47.31
CA LEU G 40 2.66 -44.34 46.60
C LEU G 40 2.23 -45.59 47.35
N ASN G 41 3.17 -46.50 47.58
CA ASN G 41 2.84 -47.75 48.25
C ASN G 41 2.24 -47.53 49.63
N ILE G 42 2.80 -46.61 50.42
CA ILE G 42 2.24 -46.31 51.73
C ILE G 42 0.79 -45.83 51.66
N GLU G 43 0.50 -44.90 50.75
CA GLU G 43 -0.89 -44.47 50.53
C GLU G 43 -1.78 -45.65 50.15
N THR G 44 -1.29 -46.50 49.26
CA THR G 44 -2.01 -47.72 48.87
C THR G 44 -2.27 -48.62 50.09
N ALA G 45 -1.28 -48.68 50.99
CA ALA G 45 -1.36 -49.54 52.16
C ALA G 45 -2.25 -48.95 53.24
N VAL G 46 -2.32 -47.63 53.29
CA VAL G 46 -3.13 -46.94 54.28
C VAL G 46 -4.59 -46.90 53.88
N LYS G 47 -4.84 -46.95 52.57
CA LYS G 47 -6.19 -46.91 52.04
C LYS G 47 -6.85 -48.28 52.05
N THR G 48 -6.05 -49.32 52.21
CA THR G 48 -6.57 -50.68 52.31
C THR G 48 -7.39 -50.83 53.59
N LYS G 49 -8.54 -51.48 53.50
CA LYS G 49 -9.39 -51.74 54.66
C LYS G 49 -8.60 -52.54 55.67
N GLY G 50 -8.51 -52.04 56.89
CA GLY G 50 -7.70 -52.69 57.89
C GLY G 50 -6.24 -52.24 57.91
N VAL G 51 -5.84 -51.38 56.97
CA VAL G 51 -4.48 -50.83 56.98
C VAL G 51 -3.23 -51.70 56.82
N ASP G 52 -3.04 -52.34 55.67
CA ASP G 52 -1.80 -53.10 55.49
C ASP G 52 -0.71 -52.32 56.27
N GLU G 53 -0.13 -52.98 57.27
CA GLU G 53 0.86 -52.38 58.17
C GLU G 53 2.19 -52.93 57.73
N VAL G 54 2.15 -54.24 57.44
CA VAL G 54 3.33 -55.01 57.12
C VAL G 54 4.12 -54.26 56.06
N THR G 55 3.41 -53.79 55.03
CA THR G 55 3.98 -52.92 54.00
C THR G 55 4.59 -51.63 54.55
N ILE G 56 3.82 -50.85 55.30
CA ILE G 56 4.30 -49.58 55.84
C ILE G 56 5.49 -49.72 56.77
N VAL G 57 5.45 -50.75 57.63
CA VAL G 57 6.52 -51.05 58.57
C VAL G 57 7.74 -51.51 57.79
N ASN G 58 7.51 -52.40 56.83
CA ASN G 58 8.59 -52.92 56.02
C ASN G 58 9.37 -51.83 55.30
N ILE G 59 8.65 -50.84 54.75
CA ILE G 59 9.28 -49.77 53.98
C ILE G 59 10.02 -48.82 54.89
N LEU G 60 9.31 -48.20 55.83
CA LEU G 60 9.91 -47.16 56.69
C LEU G 60 11.08 -47.65 57.58
N THR G 61 11.00 -48.86 58.11
CA THR G 61 12.11 -49.39 58.93
C THR G 61 13.30 -49.88 58.11
N ASN G 62 13.11 -49.96 56.80
CA ASN G 62 14.20 -50.20 55.87
C ASN G 62 14.74 -48.98 55.16
N ARG G 63 14.24 -47.81 55.48
CA ARG G 63 14.74 -46.56 54.90
C ARG G 63 15.55 -45.86 55.96
N SER G 64 16.56 -45.11 55.55
CA SER G 64 17.28 -44.30 56.51
C SER G 64 16.40 -43.09 56.86
N ASN G 65 16.82 -42.31 57.85
CA ASN G 65 16.02 -41.18 58.30
C ASN G 65 15.87 -40.12 57.21
N VAL G 66 16.92 -39.93 56.43
CA VAL G 66 16.88 -38.97 55.34
C VAL G 66 15.86 -39.40 54.30
N GLN G 67 15.89 -40.69 53.97
CA GLN G 67 14.96 -41.24 52.98
C GLN G 67 13.52 -41.12 53.47
N ARG G 68 13.32 -41.26 54.77
CA ARG G 68 11.98 -41.18 55.36
C ARG G 68 11.41 -39.77 55.13
N GLN G 69 12.25 -38.76 55.33
CA GLN G 69 11.89 -37.37 55.08
C GLN G 69 11.55 -37.16 53.61
N ASP G 70 12.28 -37.83 52.72
CA ASP G 70 12.01 -37.78 51.30
C ASP G 70 10.65 -38.40 50.97
N ILE G 71 10.39 -39.56 51.57
CA ILE G 71 9.11 -40.22 51.42
C ILE G 71 7.98 -39.33 51.93
N ALA G 72 8.14 -38.82 53.15
CA ALA G 72 7.12 -37.98 53.77
C ALA G 72 6.76 -36.76 52.94
N PHE G 73 7.74 -36.20 52.23
CA PHE G 73 7.49 -35.03 51.39
C PHE G 73 6.81 -35.43 50.08
N ALA G 74 7.30 -36.50 49.47
CA ALA G 74 6.67 -37.03 48.26
C ALA G 74 5.19 -37.33 48.49
N TYR G 75 4.88 -37.75 49.71
CA TYR G 75 3.51 -38.05 50.12
C TYR G 75 2.62 -36.80 50.27
N GLN G 76 3.16 -35.74 50.86
CA GLN G 76 2.38 -34.51 51.06
C GLN G 76 2.04 -33.83 49.73
N ARG G 77 3.02 -33.60 48.88
CA ARG G 77 2.77 -32.94 47.60
C ARG G 77 1.85 -33.80 46.74
N ARG G 78 1.85 -35.10 47.02
CA ARG G 78 0.95 -36.04 46.36
C ARG G 78 -0.48 -36.10 46.93
N THR G 79 -0.59 -36.27 48.24
CA THR G 79 -1.92 -36.40 48.86
C THR G 79 -2.49 -35.06 49.27
N LYS G 80 -1.62 -34.05 49.34
CA LYS G 80 -1.93 -32.75 49.94
C LYS G 80 -2.24 -32.90 51.43
N LYS G 81 -1.62 -33.89 52.06
CA LYS G 81 -1.84 -34.15 53.49
C LYS G 81 -0.59 -34.71 54.18
N GLU G 82 -0.54 -34.57 55.50
CA GLU G 82 0.66 -34.95 56.23
C GLU G 82 0.78 -36.45 56.56
N LEU G 83 1.86 -37.08 56.12
CA LEU G 83 2.08 -38.50 56.33
C LEU G 83 2.01 -38.88 57.80
N PRO G 84 2.80 -38.19 58.63
CA PRO G 84 2.84 -38.48 60.07
C PRO G 84 1.44 -38.48 60.68
N SER G 85 0.60 -37.56 60.25
CA SER G 85 -0.76 -37.47 60.79
C SER G 85 -1.66 -38.57 60.23
N ALA G 86 -1.25 -39.14 59.11
CA ALA G 86 -2.03 -40.22 58.50
C ALA G 86 -1.74 -41.55 59.18
N LEU G 87 -0.46 -41.76 59.48
CA LEU G 87 -0.04 -42.95 60.21
C LEU G 87 -0.42 -42.86 61.68
N LYS G 88 -0.54 -41.64 62.18
CA LYS G 88 -1.08 -41.44 63.52
C LYS G 88 -2.48 -42.04 63.58
N SER G 89 -3.29 -41.81 62.56
CA SER G 89 -4.64 -42.37 62.53
C SER G 89 -4.75 -43.80 61.98
N ALA G 90 -3.82 -44.25 61.16
CA ALA G 90 -3.93 -45.61 60.64
C ALA G 90 -3.31 -46.73 61.52
N LEU G 91 -2.44 -46.36 62.46
CA LEU G 91 -1.78 -47.33 63.34
C LEU G 91 -2.12 -47.06 64.81
N SER G 92 -1.98 -48.06 65.67
CA SER G 92 -2.16 -47.84 67.12
C SER G 92 -1.09 -48.52 68.00
N GLY G 93 -1.20 -48.35 69.31
CA GLY G 93 -0.31 -49.01 70.25
C GLY G 93 1.15 -48.60 70.18
N HIS G 94 2.05 -49.57 70.43
CA HIS G 94 3.48 -49.34 70.46
C HIS G 94 4.05 -49.19 69.04
N LEU G 95 3.52 -49.96 68.10
CA LEU G 95 3.88 -49.80 66.67
C LEU G 95 3.77 -48.34 66.18
N GLU G 96 2.62 -47.72 66.44
CA GLU G 96 2.39 -46.32 66.12
C GLU G 96 3.49 -45.45 66.75
N THR G 97 3.84 -45.76 67.98
CA THR G 97 4.87 -45.01 68.69
C THR G 97 6.21 -45.13 67.97
N VAL G 98 6.58 -46.36 67.59
CA VAL G 98 7.84 -46.59 66.88
C VAL G 98 7.85 -45.85 65.56
N ILE G 99 6.89 -46.18 64.70
CA ILE G 99 6.81 -45.58 63.37
C ILE G 99 6.82 -44.04 63.41
N LEU G 100 5.96 -43.44 64.23
CA LEU G 100 5.92 -41.98 64.38
C LEU G 100 7.25 -41.40 64.84
N GLY G 101 7.95 -42.09 65.74
CA GLY G 101 9.26 -41.62 66.17
C GLY G 101 10.29 -41.75 65.05
N LEU G 102 10.12 -42.80 64.23
CA LEU G 102 10.99 -43.04 63.09
C LEU G 102 10.89 -41.95 62.07
N LEU G 103 9.72 -41.32 62.02
CA LEU G 103 9.45 -40.33 60.99
C LEU G 103 10.01 -38.96 61.32
N LYS G 104 10.65 -38.86 62.48
CA LYS G 104 11.19 -37.60 62.99
C LYS G 104 12.68 -37.53 62.77
N THR G 105 13.20 -36.33 62.52
CA THR G 105 14.63 -36.13 62.50
C THR G 105 15.16 -36.36 63.91
N PRO G 106 16.43 -36.79 64.02
CA PRO G 106 17.07 -37.01 65.34
C PRO G 106 16.85 -35.84 66.29
N ALA G 107 17.08 -34.63 65.80
CA ALA G 107 16.86 -33.43 66.60
C ALA G 107 15.41 -33.30 67.04
N GLN G 108 14.50 -33.56 66.11
CA GLN G 108 13.09 -33.38 66.34
C GLN G 108 12.59 -34.38 67.37
N TYR G 109 13.06 -35.62 67.25
CA TYR G 109 12.68 -36.70 68.14
C TYR G 109 13.17 -36.47 69.57
N ASP G 110 14.45 -36.13 69.72
CA ASP G 110 14.97 -35.89 71.07
C ASP G 110 14.25 -34.69 71.68
N ALA G 111 14.05 -33.63 70.89
CA ALA G 111 13.38 -32.43 71.38
C ALA G 111 11.99 -32.76 71.88
N SER G 112 11.22 -33.49 71.06
CA SER G 112 9.85 -33.78 71.41
C SER G 112 9.74 -34.71 72.63
N GLU G 113 10.72 -35.62 72.78
CA GLU G 113 10.77 -36.53 73.92
C GLU G 113 11.04 -35.75 75.21
N LEU G 114 11.86 -34.72 75.08
CA LEU G 114 12.14 -33.84 76.20
C LEU G 114 10.90 -33.07 76.63
N LYS G 115 10.08 -32.62 75.66
CA LYS G 115 8.91 -31.83 75.98
C LYS G 115 7.88 -32.70 76.68
N ALA G 116 7.79 -33.95 76.26
CA ALA G 116 6.87 -34.89 76.89
C ALA G 116 7.35 -35.18 78.30
N SER G 117 8.66 -35.38 78.45
CA SER G 117 9.25 -35.63 79.75
C SER G 117 9.02 -34.41 80.64
N MET G 118 9.30 -33.23 80.10
CA MET G 118 9.12 -31.98 80.83
C MET G 118 7.69 -31.78 81.32
N LYS G 119 6.73 -32.06 80.46
CA LYS G 119 5.34 -31.79 80.79
C LYS G 119 4.91 -32.50 82.08
N GLY G 120 4.17 -31.79 82.90
CA GLY G 120 3.85 -32.23 84.25
C GLY G 120 4.90 -31.74 85.23
N LEU G 121 4.47 -31.47 86.46
CA LEU G 121 5.38 -31.00 87.51
C LEU G 121 6.31 -32.13 87.88
N GLY G 122 5.74 -33.31 88.05
CA GLY G 122 6.56 -34.50 88.03
C GLY G 122 7.03 -34.61 86.60
N THR G 123 8.35 -34.53 86.43
CA THR G 123 8.98 -34.78 85.15
C THR G 123 9.13 -36.28 85.04
N ASP G 124 9.26 -36.80 83.82
CA ASP G 124 9.76 -38.15 83.70
C ASP G 124 11.27 -37.92 83.59
N GLU G 125 11.97 -38.24 84.67
CA GLU G 125 13.36 -37.87 84.79
C GLU G 125 14.31 -38.82 84.10
N ASP G 126 13.95 -40.11 84.10
CA ASP G 126 14.75 -41.12 83.42
C ASP G 126 14.99 -40.72 81.97
N SER G 127 13.96 -40.20 81.30
CA SER G 127 14.05 -39.82 79.89
C SER G 127 14.90 -38.57 79.73
N LEU G 128 14.68 -37.59 80.60
CA LEU G 128 15.39 -36.32 80.57
C LEU G 128 16.87 -36.54 80.85
N ILE G 129 17.17 -37.39 81.83
CA ILE G 129 18.55 -37.76 82.15
C ILE G 129 19.25 -38.48 80.98
N GLU G 130 18.57 -39.49 80.40
CA GLU G 130 19.09 -40.28 79.27
C GLU G 130 19.52 -39.41 78.09
N ILE G 131 18.60 -38.61 77.57
CA ILE G 131 18.91 -37.78 76.42
C ILE G 131 20.07 -36.85 76.74
N ILE G 132 19.95 -36.08 77.81
CA ILE G 132 20.95 -35.06 78.14
C ILE G 132 22.36 -35.62 78.42
N CYS G 133 22.45 -36.73 79.15
CA CYS G 133 23.74 -37.35 79.48
C CYS G 133 24.43 -38.02 78.29
N SER G 134 23.62 -38.50 77.35
CA SER G 134 24.17 -39.28 76.25
C SER G 134 24.46 -38.46 75.01
N ARG G 135 23.99 -37.22 74.97
CA ARG G 135 24.04 -36.50 73.70
C ARG G 135 25.29 -35.66 73.58
N THR G 136 25.83 -35.59 72.36
CA THR G 136 27.09 -34.91 72.13
C THR G 136 26.85 -33.44 72.01
N ASN G 137 27.93 -32.68 71.90
CA ASN G 137 27.82 -31.22 71.79
C ASN G 137 27.07 -30.83 70.53
N GLN G 138 27.32 -31.53 69.42
CA GLN G 138 26.63 -31.19 68.18
C GLN G 138 25.17 -31.63 68.19
N GLU G 139 24.90 -32.81 68.76
CA GLU G 139 23.53 -33.31 68.85
C GLU G 139 22.68 -32.37 69.71
N LEU G 140 23.26 -31.91 70.82
CA LEU G 140 22.58 -31.00 71.75
C LEU G 140 22.15 -29.67 71.16
N GLN G 141 23.04 -28.91 70.53
CA GLN G 141 22.62 -27.61 70.03
C GLN G 141 21.81 -27.69 68.76
N GLU G 142 21.71 -28.87 68.16
CA GLU G 142 20.68 -29.10 67.16
C GLU G 142 19.35 -29.24 67.89
N ILE G 143 19.38 -29.95 69.02
CA ILE G 143 18.20 -30.09 69.88
C ILE G 143 17.76 -28.73 70.38
N ASN G 144 18.70 -27.96 70.93
CA ASN G 144 18.37 -26.62 71.40
C ASN G 144 17.73 -25.74 70.31
N ARG G 145 18.17 -25.89 69.06
CA ARG G 145 17.56 -25.16 67.96
C ARG G 145 16.14 -25.62 67.69
N VAL G 146 15.97 -26.92 67.47
CA VAL G 146 14.69 -27.45 67.09
C VAL G 146 13.69 -27.35 68.25
N TYR G 147 14.19 -27.46 69.47
CA TYR G 147 13.33 -27.23 70.64
C TYR G 147 12.76 -25.81 70.59
N LYS G 148 13.60 -24.83 70.30
CA LYS G 148 13.17 -23.43 70.09
C LYS G 148 12.12 -23.31 68.99
N GLU G 149 12.44 -23.84 67.81
CA GLU G 149 11.57 -23.73 66.65
C GLU G 149 10.20 -24.31 66.94
N MET G 150 10.17 -25.47 67.59
CA MET G 150 8.91 -26.17 67.85
C MET G 150 8.11 -25.53 68.98
N TYR G 151 8.69 -25.50 70.17
CA TYR G 151 7.95 -25.11 71.36
C TYR G 151 8.04 -23.63 71.71
N LYS G 152 8.69 -22.86 70.83
CA LYS G 152 8.73 -21.40 70.95
C LYS G 152 9.32 -20.93 72.27
N THR G 153 10.26 -21.72 72.78
CA THR G 153 10.96 -21.40 74.02
C THR G 153 12.32 -22.11 74.08
N ASP G 154 13.20 -21.61 74.93
CA ASP G 154 14.49 -22.25 75.14
C ASP G 154 14.31 -23.49 76.01
N LEU G 155 14.95 -24.58 75.60
CA LEU G 155 14.94 -25.83 76.36
C LEU G 155 15.37 -25.63 77.80
N GLU G 156 16.42 -24.83 77.98
CA GLU G 156 16.96 -24.49 79.29
C GLU G 156 15.91 -23.93 80.26
N LYS G 157 15.07 -23.01 79.76
CA LYS G 157 14.05 -22.38 80.58
C LYS G 157 13.00 -23.39 81.03
N ASP G 158 12.79 -24.42 80.22
CA ASP G 158 11.93 -25.54 80.59
C ASP G 158 12.54 -26.46 81.63
N ILE G 159 13.86 -26.65 81.56
CA ILE G 159 14.55 -27.42 82.59
C ILE G 159 14.46 -26.70 83.94
N ILE G 160 14.77 -25.40 83.93
CA ILE G 160 14.68 -24.57 85.14
C ILE G 160 13.27 -24.61 85.75
N SER G 161 12.25 -24.76 84.91
CA SER G 161 10.88 -24.86 85.42
C SER G 161 10.61 -26.24 86.02
N ASP G 162 11.20 -27.28 85.43
CA ASP G 162 10.94 -28.66 85.81
C ASP G 162 11.93 -29.33 86.76
N THR G 163 12.98 -28.61 87.15
CA THR G 163 14.04 -29.17 87.98
C THR G 163 14.41 -28.22 89.11
N SER G 164 15.16 -28.73 90.09
CA SER G 164 15.59 -27.94 91.23
C SER G 164 16.88 -28.51 91.80
N GLY G 165 17.41 -27.86 92.84
CA GLY G 165 18.67 -28.27 93.44
C GLY G 165 19.84 -28.29 92.46
N ASP G 166 20.79 -29.18 92.73
CA ASP G 166 21.96 -29.33 91.87
C ASP G 166 21.65 -30.23 90.68
N PHE G 167 20.47 -30.84 90.71
CA PHE G 167 19.94 -31.55 89.54
C PHE G 167 19.62 -30.57 88.42
N ARG G 168 19.06 -29.42 88.78
CA ARG G 168 18.86 -28.36 87.80
C ARG G 168 20.22 -27.92 87.33
N LYS G 169 21.08 -27.59 88.29
CA LYS G 169 22.45 -27.17 88.03
C LYS G 169 23.17 -28.12 87.07
N LEU G 170 23.04 -29.42 87.30
CA LEU G 170 23.67 -30.43 86.44
C LEU G 170 23.05 -30.52 85.05
N MET G 171 21.73 -30.63 84.96
CA MET G 171 21.06 -30.76 83.65
C MET G 171 21.28 -29.51 82.77
N VAL G 172 21.16 -28.34 83.38
CA VAL G 172 21.44 -27.09 82.68
C VAL G 172 22.86 -27.09 82.11
N ALA G 173 23.84 -27.52 82.88
CA ALA G 173 25.22 -27.46 82.43
C ALA G 173 25.49 -28.35 81.21
N LEU G 174 25.01 -29.59 81.29
CA LEU G 174 25.19 -30.57 80.23
C LEU G 174 24.50 -30.15 78.96
N ALA G 175 23.27 -29.65 79.09
CA ALA G 175 22.41 -29.34 77.94
C ALA G 175 22.93 -28.21 77.06
N LYS G 176 23.91 -27.47 77.59
CA LYS G 176 24.61 -26.42 76.85
C LYS G 176 25.48 -27.01 75.73
N GLY G 177 25.92 -28.26 75.90
CA GLY G 177 26.75 -28.93 74.89
C GLY G 177 28.00 -28.14 74.59
N ARG G 178 28.61 -27.66 75.67
CA ARG G 178 29.86 -26.92 75.58
C ARG G 178 31.10 -27.75 75.93
N ARG G 179 30.91 -29.04 76.17
CA ARG G 179 32.02 -29.90 76.63
C ARG G 179 33.24 -29.89 75.68
N ALA G 180 34.43 -29.98 76.26
CA ALA G 180 35.69 -29.93 75.51
C ALA G 180 35.95 -31.19 74.69
N GLU G 181 36.77 -31.08 73.64
CA GLU G 181 37.13 -32.20 72.76
C GLU G 181 38.35 -33.09 73.14
N ASP G 182 39.44 -32.45 73.56
CA ASP G 182 40.74 -33.11 73.89
C ASP G 182 41.21 -34.18 72.90
N GLY G 183 41.20 -33.88 71.61
CA GLY G 183 41.55 -34.88 70.61
C GLY G 183 43.00 -35.36 70.59
N SER G 184 43.95 -34.44 70.38
CA SER G 184 45.34 -34.86 70.16
C SER G 184 46.21 -35.18 71.39
N VAL G 185 46.27 -34.28 72.36
CA VAL G 185 47.22 -34.44 73.47
C VAL G 185 46.58 -34.73 74.83
N ILE G 186 47.34 -35.44 75.67
CA ILE G 186 46.88 -35.84 77.00
C ILE G 186 47.48 -34.95 78.09
N ASP G 187 46.63 -34.34 78.90
CA ASP G 187 47.10 -33.44 79.96
C ASP G 187 47.10 -34.26 81.24
N TYR G 188 48.29 -34.66 81.65
CA TYR G 188 48.43 -35.63 82.74
C TYR G 188 48.31 -35.00 84.12
N GLU G 189 48.83 -33.78 84.27
CA GLU G 189 48.71 -33.07 85.52
C GLU G 189 47.23 -32.78 85.80
N LEU G 190 46.50 -32.33 84.77
CA LEU G 190 45.08 -32.04 84.89
C LEU G 190 44.30 -33.29 85.25
N ILE G 191 44.63 -34.40 84.59
CA ILE G 191 43.98 -35.67 84.89
C ILE G 191 44.16 -36.01 86.37
N ASP G 192 45.39 -35.92 86.86
CA ASP G 192 45.62 -36.08 88.28
C ASP G 192 44.88 -35.02 89.09
N GLN G 193 45.06 -33.75 88.74
CA GLN G 193 44.33 -32.64 89.38
C GLN G 193 42.85 -32.95 89.54
N ASP G 194 42.16 -33.15 88.42
CA ASP G 194 40.75 -33.49 88.38
C ASP G 194 40.43 -34.72 89.26
N ALA G 195 41.31 -35.71 89.24
CA ALA G 195 41.11 -36.92 90.03
C ALA G 195 41.14 -36.64 91.52
N ARG G 196 42.04 -35.75 91.93
CA ARG G 196 42.16 -35.40 93.34
C ARG G 196 40.97 -34.57 93.79
N GLU G 197 40.49 -33.71 92.91
CA GLU G 197 39.34 -32.87 93.21
C GLU G 197 38.09 -33.70 93.46
N LEU G 198 37.76 -34.56 92.49
CA LEU G 198 36.60 -35.44 92.62
C LEU G 198 36.62 -36.09 94.00
N TYR G 199 37.77 -36.62 94.37
CA TYR G 199 37.95 -37.23 95.69
C TYR G 199 37.81 -36.20 96.81
N ASP G 200 38.55 -35.09 96.71
CA ASP G 200 38.47 -33.99 97.70
C ASP G 200 37.05 -33.42 97.95
N ALA G 201 36.23 -33.31 96.90
CA ALA G 201 34.86 -32.83 97.05
C ALA G 201 33.93 -33.99 97.40
N GLY G 202 34.52 -35.17 97.35
CA GLY G 202 33.86 -36.47 97.46
C GLY G 202 33.97 -37.22 98.77
N VAL G 203 34.19 -38.53 98.63
CA VAL G 203 34.35 -39.47 99.73
C VAL G 203 35.46 -39.11 100.74
N LYS G 204 36.39 -38.24 100.35
CA LYS G 204 37.49 -37.83 101.24
C LYS G 204 37.02 -37.11 102.54
N ARG G 205 35.78 -36.63 102.56
CA ARG G 205 35.21 -35.89 103.69
C ARG G 205 33.72 -36.17 103.86
N LYS G 206 33.10 -35.59 104.89
CA LYS G 206 31.64 -35.67 104.98
C LYS G 206 30.95 -34.46 104.36
N GLY G 207 29.88 -34.73 103.61
CA GLY G 207 29.22 -33.72 102.82
C GLY G 207 29.83 -33.76 101.43
N THR G 208 29.30 -32.98 100.50
CA THR G 208 29.79 -32.97 99.13
C THR G 208 29.84 -31.57 98.56
N ASP G 209 30.91 -31.27 97.80
CA ASP G 209 30.90 -30.05 97.02
C ASP G 209 30.51 -30.55 95.64
N VAL G 210 29.22 -30.41 95.35
CA VAL G 210 28.66 -30.93 94.11
C VAL G 210 29.09 -30.14 92.87
N PRO G 211 29.07 -28.79 92.97
CA PRO G 211 29.53 -28.05 91.79
C PRO G 211 30.92 -28.46 91.35
N LYS G 212 31.81 -28.80 92.28
CA LYS G 212 33.13 -29.30 91.92
C LYS G 212 33.01 -30.48 90.97
N TRP G 213 32.06 -31.37 91.25
CA TRP G 213 31.81 -32.53 90.40
C TRP G 213 31.17 -32.11 89.08
N ILE G 214 30.15 -31.28 89.17
CA ILE G 214 29.46 -30.79 87.99
C ILE G 214 30.41 -30.14 86.99
N SER G 215 31.31 -29.28 87.46
CA SER G 215 32.23 -28.61 86.54
C SER G 215 33.06 -29.62 85.79
N ILE G 216 33.82 -30.42 86.53
CA ILE G 216 34.75 -31.36 85.91
C ILE G 216 34.02 -32.25 84.92
N MET G 217 32.97 -32.93 85.40
CA MET G 217 32.23 -33.89 84.59
C MET G 217 31.47 -33.28 83.40
N THR G 218 31.07 -32.01 83.48
CA THR G 218 30.51 -31.35 82.30
C THR G 218 31.57 -30.78 81.34
N GLU G 219 32.59 -30.13 81.88
CA GLU G 219 33.57 -29.40 81.07
C GLU G 219 34.57 -30.28 80.32
N ARG G 220 35.22 -31.19 81.05
CA ARG G 220 36.33 -31.95 80.50
C ARG G 220 35.83 -32.92 79.46
N SER G 221 36.68 -33.20 78.49
CA SER G 221 36.37 -34.13 77.41
C SER G 221 36.25 -35.58 77.87
N VAL G 222 35.59 -36.37 77.04
CA VAL G 222 35.34 -37.79 77.34
C VAL G 222 36.62 -38.57 77.61
N CYS G 223 37.54 -38.56 76.65
CA CYS G 223 38.78 -39.31 76.78
C CYS G 223 39.62 -38.82 77.95
N HIS G 224 39.41 -37.57 78.35
CA HIS G 224 40.07 -37.03 79.52
C HIS G 224 39.38 -37.54 80.76
N LEU G 225 38.05 -37.56 80.72
CA LEU G 225 37.23 -38.08 81.81
C LEU G 225 37.43 -39.59 82.05
N GLN G 226 37.63 -40.35 80.98
CA GLN G 226 37.97 -41.78 81.10
C GLN G 226 39.28 -41.99 81.88
N LYS G 227 40.29 -41.17 81.64
CA LYS G 227 41.55 -41.29 82.35
C LYS G 227 41.47 -40.71 83.77
N VAL G 228 40.67 -39.65 83.94
CA VAL G 228 40.43 -39.14 85.29
C VAL G 228 39.74 -40.18 86.18
N PHE G 229 38.75 -40.88 85.64
CA PHE G 229 38.00 -41.86 86.41
C PHE G 229 38.85 -43.07 86.78
N GLU G 230 39.94 -43.27 86.05
CA GLU G 230 40.85 -44.37 86.35
C GLU G 230 41.87 -43.92 87.40
N ARG G 231 42.49 -42.78 87.17
CA ARG G 231 43.44 -42.22 88.11
C ARG G 231 42.79 -41.97 89.46
N TYR G 232 41.48 -41.75 89.44
CA TYR G 232 40.72 -41.54 90.66
C TYR G 232 40.82 -42.73 91.64
N LYS G 233 40.88 -43.95 91.11
CA LYS G 233 40.99 -45.17 91.91
C LYS G 233 42.22 -45.18 92.83
N SER G 234 43.18 -44.30 92.56
CA SER G 234 44.38 -44.24 93.38
C SER G 234 44.13 -43.50 94.67
N TYR G 235 43.29 -42.48 94.60
CA TYR G 235 42.95 -41.71 95.79
C TYR G 235 41.72 -42.21 96.56
N SER G 236 40.90 -43.05 95.92
CA SER G 236 39.61 -43.44 96.51
C SER G 236 39.42 -44.95 96.65
N PRO G 237 38.83 -45.38 97.78
CA PRO G 237 38.53 -46.80 98.03
C PRO G 237 37.52 -47.32 97.03
N TYR G 238 36.56 -46.48 96.66
CA TYR G 238 35.48 -46.89 95.77
C TYR G 238 35.69 -46.30 94.38
N ASP G 239 35.25 -47.04 93.35
CA ASP G 239 35.31 -46.53 91.98
C ASP G 239 34.28 -45.39 91.83
N MET G 240 34.45 -44.56 90.81
CA MET G 240 33.62 -43.36 90.66
C MET G 240 32.11 -43.66 90.67
N LEU G 241 31.72 -44.79 90.11
CA LEU G 241 30.30 -45.20 90.12
C LEU G 241 29.81 -45.51 91.54
N GLU G 242 30.55 -46.36 92.26
CA GLU G 242 30.22 -46.71 93.64
C GLU G 242 30.26 -45.50 94.57
N SER G 243 31.18 -44.57 94.30
CA SER G 243 31.28 -43.34 95.08
C SER G 243 30.05 -42.45 94.94
N ILE G 244 29.48 -42.41 93.74
CA ILE G 244 28.30 -41.58 93.49
C ILE G 244 27.14 -42.06 94.34
N LYS G 245 27.07 -43.37 94.54
CA LYS G 245 26.00 -43.97 95.33
C LYS G 245 26.18 -43.65 96.81
N LYS G 246 27.41 -43.36 97.20
CA LYS G 246 27.73 -43.09 98.60
C LYS G 246 27.58 -41.61 98.96
N GLU G 247 28.10 -40.73 98.11
CA GLU G 247 28.02 -39.31 98.39
C GLU G 247 26.69 -38.61 98.04
N VAL G 248 25.97 -39.09 97.02
CA VAL G 248 24.71 -38.43 96.61
C VAL G 248 23.51 -39.38 96.40
N LYS G 249 22.31 -38.84 96.56
CA LYS G 249 21.07 -39.59 96.36
C LYS G 249 20.03 -38.78 95.58
N GLY G 250 18.95 -39.44 95.16
CA GLY G 250 17.89 -38.77 94.42
C GLY G 250 18.01 -38.79 92.90
N ASP G 251 17.39 -37.80 92.24
CA ASP G 251 17.53 -37.60 90.80
C ASP G 251 18.97 -37.24 90.49
N LEU G 252 19.60 -36.52 91.43
CA LEU G 252 20.99 -36.11 91.30
C LEU G 252 21.88 -37.32 91.07
N GLU G 253 21.75 -38.30 91.96
CA GLU G 253 22.52 -39.53 91.90
C GLU G 253 22.26 -40.27 90.60
N ASN G 254 20.98 -40.42 90.26
CA ASN G 254 20.59 -41.08 89.03
C ASN G 254 21.28 -40.47 87.80
N ALA G 255 21.35 -39.14 87.77
CA ALA G 255 21.96 -38.40 86.67
C ALA G 255 23.47 -38.64 86.53
N PHE G 256 24.19 -38.42 87.63
CA PHE G 256 25.62 -38.69 87.69
C PHE G 256 26.00 -40.12 87.29
N LEU G 257 25.28 -41.11 87.83
CA LEU G 257 25.48 -42.50 87.42
C LEU G 257 25.33 -42.66 85.91
N ASN G 258 24.19 -42.23 85.38
CA ASN G 258 23.97 -42.26 83.93
C ASN G 258 25.08 -41.56 83.17
N LEU G 259 25.51 -40.40 83.68
CA LEU G 259 26.58 -39.63 83.06
C LEU G 259 27.93 -40.36 83.01
N VAL G 260 28.31 -40.99 84.11
CA VAL G 260 29.59 -41.66 84.17
C VAL G 260 29.65 -42.89 83.26
N GLN G 261 28.60 -43.71 83.27
CA GLN G 261 28.52 -44.81 82.32
C GLN G 261 28.69 -44.28 80.89
N CYS G 262 27.89 -43.28 80.54
CA CYS G 262 27.96 -42.62 79.25
C CYS G 262 29.38 -42.20 78.83
N ILE G 263 30.15 -41.68 79.78
CA ILE G 263 31.52 -41.31 79.50
C ILE G 263 32.45 -42.53 79.34
N GLN G 264 32.24 -43.56 80.17
CA GLN G 264 33.06 -44.78 80.17
C GLN G 264 32.79 -45.68 78.96
N ASN G 265 31.59 -46.28 78.90
CA ASN G 265 31.12 -46.89 77.65
C ASN G 265 29.66 -46.55 77.34
N LYS G 266 29.45 -45.74 76.30
CA LYS G 266 28.09 -45.33 75.91
C LYS G 266 27.24 -46.47 75.32
N PRO G 267 27.78 -47.21 74.32
CA PRO G 267 27.07 -48.41 73.86
C PRO G 267 26.65 -49.37 74.98
N LEU G 268 27.53 -49.63 75.95
CA LEU G 268 27.17 -50.46 77.10
C LEU G 268 26.12 -49.79 77.99
N TYR G 269 26.12 -48.46 78.02
CA TYR G 269 25.09 -47.74 78.77
C TYR G 269 23.77 -48.13 78.18
N PHE G 270 23.62 -47.92 76.88
CA PHE G 270 22.37 -48.29 76.23
C PHE G 270 22.11 -49.78 76.34
N ALA G 271 23.13 -50.62 76.09
CA ALA G 271 22.95 -52.06 76.22
C ALA G 271 22.27 -52.41 77.55
N ASP G 272 22.84 -51.89 78.64
CA ASP G 272 22.28 -52.02 79.98
C ASP G 272 20.85 -51.45 80.13
N ARG G 273 20.58 -50.32 79.47
CA ARG G 273 19.27 -49.71 79.58
C ARG G 273 18.23 -50.54 78.84
N LEU G 274 18.65 -51.13 77.73
CA LEU G 274 17.83 -52.06 76.98
C LEU G 274 17.53 -53.33 77.79
N TYR G 275 18.56 -53.92 78.37
CA TYR G 275 18.36 -55.08 79.21
C TYR G 275 17.40 -54.81 80.38
N ASP G 276 17.53 -53.64 81.01
CA ASP G 276 16.68 -53.28 82.13
C ASP G 276 15.21 -53.23 81.74
N SER G 277 14.95 -52.88 80.49
CA SER G 277 13.58 -52.66 80.06
C SER G 277 12.81 -53.95 79.76
N MET G 278 13.53 -55.04 79.52
CA MET G 278 12.87 -56.32 79.21
C MET G 278 12.84 -57.41 80.28
N LYS G 279 13.51 -57.21 81.41
CA LYS G 279 13.80 -58.31 82.31
C LYS G 279 12.67 -58.81 83.21
N GLY G 280 11.74 -57.91 83.56
CA GLY G 280 10.63 -58.24 84.43
C GLY G 280 9.47 -58.93 83.73
N LYS G 281 8.27 -58.79 84.26
CA LYS G 281 7.08 -59.23 83.53
C LYS G 281 6.73 -58.18 82.48
N GLY G 282 6.66 -58.61 81.23
CA GLY G 282 6.48 -57.67 80.14
C GLY G 282 7.72 -56.79 80.03
N THR G 283 7.55 -55.62 79.43
CA THR G 283 8.68 -54.73 79.15
C THR G 283 8.42 -53.27 79.54
N ARG G 284 9.48 -52.46 79.50
CA ARG G 284 9.28 -51.02 79.51
C ARG G 284 9.44 -50.61 78.06
N ASP G 285 8.31 -50.36 77.40
CA ASP G 285 8.31 -50.19 75.96
C ASP G 285 8.86 -48.82 75.61
N LYS G 286 8.46 -47.82 76.39
CA LYS G 286 8.89 -46.45 76.18
C LYS G 286 10.41 -46.35 76.03
N VAL G 287 11.15 -46.81 77.05
CA VAL G 287 12.61 -46.82 77.00
C VAL G 287 13.14 -47.65 75.83
N LEU G 288 12.59 -48.85 75.65
CA LEU G 288 13.02 -49.75 74.57
C LEU G 288 12.87 -49.07 73.20
N ILE G 289 11.74 -48.41 72.95
CA ILE G 289 11.54 -47.70 71.68
C ILE G 289 12.47 -46.49 71.48
N ARG G 290 12.46 -45.57 72.45
CA ARG G 290 13.23 -44.33 72.37
C ARG G 290 14.68 -44.65 71.98
N ILE G 291 15.22 -45.71 72.56
CA ILE G 291 16.57 -46.18 72.24
C ILE G 291 16.73 -46.80 70.83
N MET G 292 15.90 -47.79 70.47
CA MET G 292 16.00 -48.41 69.14
C MET G 292 15.80 -47.36 68.02
N VAL G 293 14.97 -46.36 68.29
CA VAL G 293 14.78 -45.30 67.32
C VAL G 293 15.97 -44.36 67.21
N SER G 294 16.50 -43.95 68.36
CA SER G 294 17.56 -42.95 68.42
C SER G 294 18.95 -43.48 68.10
N ARG G 295 19.22 -44.74 68.47
CA ARG G 295 20.57 -45.26 68.28
C ARG G 295 20.68 -46.05 66.99
N SER G 296 19.56 -46.21 66.30
CA SER G 296 19.47 -46.99 65.08
C SER G 296 20.60 -46.63 64.11
N GLU G 297 20.71 -45.33 63.85
CA GLU G 297 21.71 -44.80 62.90
C GLU G 297 23.04 -44.31 63.53
N VAL G 298 23.24 -44.54 64.83
CA VAL G 298 24.44 -44.06 65.48
C VAL G 298 25.38 -45.16 65.99
N ASP G 299 25.10 -45.73 67.16
CA ASP G 299 25.94 -46.79 67.72
C ASP G 299 25.41 -48.24 67.71
N MET G 300 24.24 -48.47 67.09
CA MET G 300 23.49 -49.72 67.32
C MET G 300 24.31 -51.00 67.25
N LEU G 301 25.24 -51.06 66.30
CA LEU G 301 26.09 -52.24 66.18
C LEU G 301 26.86 -52.49 67.48
N LYS G 302 27.48 -51.45 68.04
CA LYS G 302 28.24 -51.59 69.28
C LYS G 302 27.37 -52.04 70.45
N ILE G 303 26.23 -51.39 70.61
CA ILE G 303 25.25 -51.77 71.63
C ILE G 303 24.96 -53.27 71.59
N ARG G 304 24.77 -53.79 70.38
CA ARG G 304 24.66 -55.23 70.18
C ARG G 304 25.92 -55.94 70.66
N SER G 305 27.09 -55.49 70.22
CA SER G 305 28.35 -56.15 70.60
C SER G 305 28.46 -56.22 72.11
N GLU G 306 28.23 -55.09 72.76
CA GLU G 306 28.20 -55.01 74.21
C GLU G 306 27.07 -55.85 74.81
N PHE G 307 25.91 -55.84 74.18
CA PHE G 307 24.76 -56.50 74.76
C PHE G 307 25.00 -57.98 74.87
N LYS G 308 25.51 -58.57 73.79
CA LYS G 308 25.80 -60.01 73.80
C LYS G 308 26.94 -60.39 74.75
N ARG G 309 27.95 -59.55 74.86
CA ARG G 309 29.11 -59.87 75.69
C ARG G 309 28.73 -60.02 77.17
N LYS G 310 28.07 -59.00 77.69
CA LYS G 310 27.60 -58.99 79.08
C LYS G 310 26.46 -59.99 79.31
N TYR G 311 25.47 -60.01 78.42
CA TYR G 311 24.27 -60.82 78.65
C TYR G 311 24.19 -62.24 78.05
N GLY G 312 25.12 -62.57 77.17
CA GLY G 312 25.21 -63.93 76.65
C GLY G 312 24.28 -64.20 75.49
N LYS G 313 23.25 -63.36 75.36
CA LYS G 313 22.31 -63.46 74.25
C LYS G 313 22.30 -62.14 73.50
N SER G 314 21.80 -62.20 72.28
CA SER G 314 21.63 -61.03 71.43
C SER G 314 20.43 -60.19 71.88
N LEU G 315 20.49 -58.88 71.60
CA LEU G 315 19.35 -57.97 71.68
C LEU G 315 18.18 -58.46 70.83
N TYR G 316 18.48 -59.13 69.74
CA TYR G 316 17.46 -59.69 68.86
C TYR G 316 16.61 -60.69 69.62
N TYR G 317 17.29 -61.65 70.25
CA TYR G 317 16.63 -62.65 71.09
C TYR G 317 15.70 -61.99 72.11
N TYR G 318 16.21 -60.98 72.81
CA TYR G 318 15.41 -60.29 73.79
C TYR G 318 14.21 -59.59 73.19
N ILE G 319 14.42 -58.86 72.09
CA ILE G 319 13.28 -58.24 71.39
C ILE G 319 12.25 -59.29 70.96
N GLN G 320 12.70 -60.39 70.36
CA GLN G 320 11.81 -61.49 69.99
C GLN G 320 11.03 -61.98 71.19
N GLN G 321 11.73 -62.22 72.29
CA GLN G 321 11.12 -62.78 73.48
C GLN G 321 10.19 -61.84 74.20
N ASP G 322 10.50 -60.55 74.18
CA ASP G 322 9.72 -59.57 74.92
C ASP G 322 8.67 -58.75 74.14
N THR G 323 8.63 -58.93 72.81
CA THR G 323 7.67 -58.22 71.96
C THR G 323 7.06 -59.17 70.93
N LYS G 324 5.84 -58.88 70.47
CA LYS G 324 5.20 -59.72 69.46
C LYS G 324 4.58 -58.88 68.35
N GLY G 325 4.29 -59.50 67.20
CA GLY G 325 3.66 -58.80 66.08
C GLY G 325 4.55 -57.89 65.27
N ASP G 326 3.93 -57.03 64.46
CA ASP G 326 4.66 -56.10 63.60
C ASP G 326 5.47 -55.11 64.44
N TYR G 327 4.97 -54.81 65.64
CA TYR G 327 5.73 -53.99 66.59
C TYR G 327 7.12 -54.60 66.83
N GLN G 328 7.15 -55.91 67.04
CA GLN G 328 8.40 -56.62 67.21
C GLN G 328 9.23 -56.57 65.94
N LYS G 329 8.58 -56.90 64.82
CA LYS G 329 9.22 -56.91 63.52
C LYS G 329 9.89 -55.57 63.25
N ALA G 330 9.22 -54.52 63.69
CA ALA G 330 9.75 -53.17 63.56
C ALA G 330 11.02 -53.00 64.37
N LEU G 331 10.99 -53.44 65.62
CA LEU G 331 12.15 -53.38 66.50
C LEU G 331 13.26 -54.27 65.96
N LEU G 332 12.90 -55.39 65.35
CA LEU G 332 13.91 -56.29 64.81
C LEU G 332 14.59 -55.71 63.55
N TYR G 333 13.83 -54.95 62.76
CA TYR G 333 14.40 -54.24 61.62
C TYR G 333 15.35 -53.14 62.09
N LEU G 334 14.94 -52.40 63.10
CA LEU G 334 15.80 -51.37 63.69
C LEU G 334 17.06 -51.97 64.28
N CYS G 335 16.91 -53.13 64.92
CA CYS G 335 18.02 -53.87 65.53
C CYS G 335 19.09 -54.25 64.52
N GLY G 336 18.66 -54.86 63.42
CA GLY G 336 19.56 -55.16 62.32
C GLY G 336 20.05 -56.59 62.16
N GLY G 337 19.41 -57.53 62.84
CA GLY G 337 19.86 -58.91 62.83
C GLY G 337 20.47 -59.26 64.17
N ASP G 338 21.04 -60.46 64.32
CA ASP G 338 21.58 -60.83 65.63
C ASP G 338 23.01 -61.34 65.68
N ASP G 339 23.50 -61.44 66.90
CA ASP G 339 24.89 -61.68 67.15
C ASP G 339 25.08 -63.00 67.90
N SER H 2 14.85 -5.46 27.73
CA SER H 2 13.91 -4.80 26.82
C SER H 2 14.38 -4.82 25.37
N THR H 3 15.31 -5.72 25.06
CA THR H 3 15.66 -5.99 23.66
C THR H 3 14.92 -7.22 23.16
N VAL H 4 14.17 -7.86 24.06
CA VAL H 4 13.40 -9.07 23.76
C VAL H 4 12.03 -8.70 23.23
N HIS H 5 11.65 -7.44 23.40
CA HIS H 5 10.36 -6.94 22.95
C HIS H 5 10.27 -7.01 21.43
N GLU H 6 11.36 -6.65 20.75
CA GLU H 6 11.41 -6.72 19.28
C GLU H 6 11.09 -8.14 18.79
N ILE H 7 11.57 -9.13 19.52
CA ILE H 7 11.22 -10.51 19.21
C ILE H 7 9.73 -10.74 19.48
N LEU H 8 9.28 -10.37 20.68
CA LEU H 8 7.87 -10.51 21.02
C LEU H 8 6.96 -9.93 19.93
N CYS H 9 7.19 -8.68 19.58
CA CYS H 9 6.38 -7.99 18.57
C CYS H 9 6.45 -8.70 17.22
N LYS H 10 7.44 -9.56 17.06
CA LYS H 10 7.63 -10.29 15.81
C LYS H 10 6.93 -11.65 15.79
N LEU H 11 6.16 -11.96 16.82
CA LEU H 11 5.71 -13.33 17.05
C LEU H 11 4.22 -13.54 16.80
N SER H 12 3.88 -14.79 16.50
CA SER H 12 2.49 -15.25 16.43
C SER H 12 2.36 -16.32 17.52
N LEU H 13 1.30 -17.12 17.51
CA LEU H 13 1.30 -18.43 18.16
C LEU H 13 1.22 -19.43 17.00
N GLU H 14 0.01 -19.84 16.62
CA GLU H 14 -0.29 -21.10 15.94
C GLU H 14 -1.80 -21.23 15.63
N GLY H 15 -2.20 -22.27 14.91
CA GLY H 15 -1.35 -23.08 14.05
C GLY H 15 -1.75 -23.01 12.59
N ASP H 16 -2.69 -22.13 12.29
CA ASP H 16 -3.51 -22.28 11.08
C ASP H 16 -3.55 -21.06 10.18
N HIS H 17 -4.45 -21.13 9.19
CA HIS H 17 -4.69 -20.02 8.25
C HIS H 17 -4.80 -18.60 8.86
N SER H 18 -5.53 -18.38 9.95
CA SER H 18 -6.30 -19.37 10.70
C SER H 18 -7.77 -19.26 10.36
N THR H 19 -8.38 -18.18 10.82
CA THR H 19 -9.77 -17.83 10.47
C THR H 19 -10.12 -17.74 8.96
N PRO H 20 -9.17 -17.33 8.09
CA PRO H 20 -9.38 -17.37 6.63
C PRO H 20 -8.94 -18.60 5.79
N PRO H 21 -9.70 -19.70 5.78
CA PRO H 21 -9.51 -20.73 4.75
C PRO H 21 -10.14 -20.31 3.42
N SER H 22 -9.83 -20.98 2.32
CA SER H 22 -10.56 -20.73 1.06
C SER H 22 -11.49 -21.87 0.69
N ALA H 23 -12.64 -21.53 0.11
CA ALA H 23 -13.67 -22.51 -0.22
C ALA H 23 -13.34 -23.30 -1.48
N TYR H 24 -12.62 -22.66 -2.38
CA TYR H 24 -12.28 -23.21 -3.68
C TYR H 24 -10.89 -23.81 -3.79
N GLY H 25 -10.19 -23.86 -2.67
CA GLY H 25 -8.91 -24.54 -2.59
C GLY H 25 -9.03 -26.05 -2.63
N SER H 26 -8.22 -26.70 -3.46
CA SER H 26 -8.13 -28.15 -3.49
C SER H 26 -7.27 -28.63 -2.32
N VAL H 27 -6.60 -27.68 -1.68
CA VAL H 27 -5.66 -27.98 -0.60
C VAL H 27 -6.16 -27.41 0.72
N LYS H 28 -6.41 -28.30 1.67
CA LYS H 28 -6.86 -27.91 3.00
C LYS H 28 -5.89 -28.38 4.06
N PRO H 29 -5.76 -27.61 5.13
CA PRO H 29 -4.87 -27.97 6.23
C PRO H 29 -5.08 -29.41 6.69
N TYR H 30 -4.03 -30.04 7.19
CA TYR H 30 -4.13 -31.42 7.67
C TYR H 30 -4.90 -31.46 8.98
N THR H 31 -5.75 -32.48 9.12
CA THR H 31 -6.60 -32.61 10.30
C THR H 31 -5.90 -32.50 11.65
N ASN H 32 -5.16 -33.53 12.04
CA ASN H 32 -4.39 -33.46 13.27
C ASN H 32 -2.96 -33.08 12.92
N PHE H 33 -2.57 -31.83 13.19
CA PHE H 33 -1.26 -31.38 12.72
C PHE H 33 -0.19 -31.59 13.76
N ASP H 34 0.78 -32.43 13.44
CA ASP H 34 1.98 -32.56 14.25
C ASP H 34 3.10 -32.03 13.39
N ALA H 35 3.57 -30.82 13.70
CA ALA H 35 4.59 -30.19 12.87
C ALA H 35 5.96 -30.81 13.15
N GLU H 36 6.19 -31.15 14.42
CA GLU H 36 7.47 -31.71 14.83
C GLU H 36 7.65 -33.13 14.29
N ARG H 37 6.59 -33.92 14.28
CA ARG H 37 6.69 -35.30 13.81
C ARG H 37 6.88 -35.36 12.28
N ASP H 38 6.22 -34.46 11.55
CA ASP H 38 6.38 -34.39 10.09
C ASP H 38 7.82 -34.05 9.68
N ALA H 39 8.44 -33.11 10.39
CA ALA H 39 9.81 -32.71 10.09
C ALA H 39 10.74 -33.88 10.31
N LEU H 40 10.47 -34.64 11.37
CA LEU H 40 11.22 -35.84 11.67
C LEU H 40 11.18 -36.79 10.49
N ASN H 41 9.97 -37.15 10.08
CA ASN H 41 9.80 -38.05 8.95
C ASN H 41 10.55 -37.61 7.68
N ILE H 42 10.55 -36.30 7.42
CA ILE H 42 11.27 -35.76 6.27
C ILE H 42 12.77 -35.92 6.41
N GLU H 43 13.30 -35.51 7.56
CA GLU H 43 14.70 -35.76 7.94
C GLU H 43 15.04 -37.22 7.72
N THR H 44 14.32 -38.11 8.40
CA THR H 44 14.49 -39.54 8.22
C THR H 44 14.38 -40.00 6.76
N ALA H 45 13.42 -39.43 6.03
CA ALA H 45 13.21 -39.79 4.63
C ALA H 45 14.35 -39.29 3.74
N VAL H 46 14.93 -38.15 4.10
CA VAL H 46 16.03 -37.58 3.33
C VAL H 46 17.31 -38.38 3.54
N LYS H 47 17.60 -38.72 4.79
CA LYS H 47 18.79 -39.47 5.12
C LYS H 47 18.74 -40.90 4.60
N THR H 48 17.53 -41.45 4.52
CA THR H 48 17.34 -42.81 4.03
C THR H 48 18.10 -42.96 2.73
N LYS H 49 18.73 -44.11 2.54
CA LYS H 49 19.54 -44.34 1.36
C LYS H 49 18.66 -44.50 0.13
N GLY H 50 18.92 -43.67 -0.89
CA GLY H 50 18.09 -43.60 -2.08
C GLY H 50 16.93 -42.63 -1.94
N VAL H 51 16.97 -41.81 -0.87
CA VAL H 51 15.93 -40.81 -0.64
C VAL H 51 14.45 -41.13 -0.78
N ASP H 52 13.87 -41.82 0.22
CA ASP H 52 12.42 -41.97 0.20
C ASP H 52 11.86 -40.58 -0.19
N GLU H 53 11.23 -40.53 -1.37
CA GLU H 53 10.64 -39.31 -1.93
C GLU H 53 9.18 -39.36 -1.55
N VAL H 54 8.64 -40.56 -1.67
CA VAL H 54 7.23 -40.83 -1.46
C VAL H 54 6.74 -40.19 -0.16
N THR H 55 7.49 -40.40 0.94
CA THR H 55 7.12 -39.83 2.23
C THR H 55 7.23 -38.30 2.26
N ILE H 56 8.24 -37.75 1.59
CA ILE H 56 8.42 -36.30 1.51
C ILE H 56 7.25 -35.68 0.72
N VAL H 57 6.98 -36.24 -0.47
CA VAL H 57 5.88 -35.76 -1.30
C VAL H 57 4.53 -35.98 -0.62
N ASN H 58 4.29 -37.18 -0.12
CA ASN H 58 3.02 -37.52 0.52
C ASN H 58 2.60 -36.56 1.62
N ILE H 59 3.49 -36.28 2.57
CA ILE H 59 3.12 -35.33 3.62
C ILE H 59 3.07 -33.87 3.16
N LEU H 60 4.07 -33.44 2.39
CA LEU H 60 4.17 -32.03 1.98
C LEU H 60 3.00 -31.53 1.13
N THR H 61 2.53 -32.34 0.19
CA THR H 61 1.39 -32.01 -0.67
C THR H 61 0.07 -32.18 0.08
N ASN H 62 0.13 -32.86 1.22
CA ASN H 62 -1.05 -33.04 2.05
C ASN H 62 -1.12 -32.05 3.22
N ARG H 63 -0.17 -31.12 3.26
CA ARG H 63 -0.20 -30.04 4.24
C ARG H 63 -0.53 -28.71 3.55
N SER H 64 -1.19 -27.82 4.28
CA SER H 64 -1.48 -26.48 3.76
C SER H 64 -0.21 -25.64 3.78
N ASN H 65 -0.25 -24.44 3.21
CA ASN H 65 0.94 -23.62 3.14
C ASN H 65 1.48 -23.21 4.49
N VAL H 66 0.57 -22.87 5.41
CA VAL H 66 0.97 -22.47 6.76
C VAL H 66 1.57 -23.65 7.51
N GLN H 67 1.14 -24.86 7.15
CA GLN H 67 1.67 -26.07 7.77
C GLN H 67 3.08 -26.34 7.28
N ARG H 68 3.29 -26.18 5.98
CA ARG H 68 4.59 -26.39 5.38
C ARG H 68 5.59 -25.43 5.99
N GLN H 69 5.11 -24.23 6.34
CA GLN H 69 5.98 -23.25 6.99
C GLN H 69 6.29 -23.65 8.44
N ASP H 70 5.37 -24.37 9.05
CA ASP H 70 5.57 -24.89 10.39
C ASP H 70 6.58 -26.02 10.31
N ILE H 71 6.24 -27.06 9.55
CA ILE H 71 7.13 -28.18 9.32
C ILE H 71 8.54 -27.70 8.99
N ALA H 72 8.64 -26.74 8.11
CA ALA H 72 9.95 -26.22 7.71
C ALA H 72 10.74 -25.54 8.83
N PHE H 73 10.06 -24.89 9.77
CA PHE H 73 10.77 -24.20 10.85
C PHE H 73 11.24 -25.18 11.93
N ALA H 74 10.45 -26.23 12.12
CA ALA H 74 10.80 -27.30 13.04
C ALA H 74 11.96 -28.12 12.47
N TYR H 75 11.96 -28.30 11.16
CA TYR H 75 13.08 -28.97 10.52
C TYR H 75 14.36 -28.19 10.79
N GLN H 76 14.25 -26.86 10.69
CA GLN H 76 15.37 -25.97 10.96
C GLN H 76 15.75 -26.01 12.45
N ARG H 77 14.75 -26.13 13.32
CA ARG H 77 14.94 -26.28 14.76
C ARG H 77 15.91 -27.41 15.05
N ARG H 78 15.45 -28.63 14.74
CA ARG H 78 16.16 -29.85 15.07
C ARG H 78 17.49 -30.01 14.32
N THR H 79 17.45 -29.90 12.99
CA THR H 79 18.62 -30.24 12.19
C THR H 79 19.64 -29.12 11.97
N LYS H 80 19.28 -27.89 12.32
CA LYS H 80 20.15 -26.73 12.10
C LYS H 80 20.32 -26.41 10.61
N LYS H 81 19.66 -27.20 9.76
CA LYS H 81 19.72 -27.04 8.31
C LYS H 81 18.43 -26.42 7.80
N GLU H 82 18.54 -25.68 6.69
CA GLU H 82 17.38 -25.14 6.01
C GLU H 82 16.70 -26.27 5.24
N LEU H 83 15.39 -26.41 5.43
CA LEU H 83 14.64 -27.48 4.76
C LEU H 83 14.78 -27.41 3.25
N PRO H 84 14.49 -26.26 2.66
CA PRO H 84 14.56 -26.08 1.22
C PRO H 84 15.92 -26.45 0.65
N SER H 85 16.98 -26.18 1.40
CA SER H 85 18.33 -26.52 0.96
C SER H 85 18.54 -28.03 1.04
N ALA H 86 17.89 -28.65 2.03
CA ALA H 86 17.94 -30.10 2.17
C ALA H 86 17.31 -30.75 0.94
N LEU H 87 16.19 -30.18 0.50
CA LEU H 87 15.42 -30.79 -0.58
C LEU H 87 16.02 -30.59 -1.98
N LYS H 88 16.75 -29.50 -2.20
CA LYS H 88 17.45 -29.32 -3.47
C LYS H 88 18.42 -30.47 -3.71
N SER H 89 19.07 -30.94 -2.64
CA SER H 89 20.03 -32.03 -2.74
C SER H 89 19.36 -33.39 -2.80
N ALA H 90 18.28 -33.56 -2.06
CA ALA H 90 17.57 -34.83 -2.04
C ALA H 90 16.81 -35.09 -3.34
N LEU H 91 16.26 -34.03 -3.96
CA LEU H 91 15.35 -34.20 -5.09
C LEU H 91 15.97 -33.71 -6.39
N SER H 92 15.25 -33.91 -7.48
CA SER H 92 15.75 -33.60 -8.81
C SER H 92 14.58 -33.47 -9.76
N GLY H 93 14.81 -32.82 -10.90
CA GLY H 93 13.80 -32.73 -11.95
C GLY H 93 12.55 -31.96 -11.59
N HIS H 94 11.47 -32.21 -12.34
CA HIS H 94 10.23 -31.47 -12.15
C HIS H 94 9.73 -31.56 -10.69
N LEU H 95 9.94 -32.71 -10.05
CA LEU H 95 9.53 -32.87 -8.64
C LEU H 95 10.23 -31.89 -7.69
N GLU H 96 11.53 -31.66 -7.92
CA GLU H 96 12.27 -30.65 -7.17
C GLU H 96 11.56 -29.29 -7.30
N THR H 97 11.33 -28.87 -8.54
CA THR H 97 10.64 -27.62 -8.83
C THR H 97 9.31 -27.48 -8.06
N VAL H 98 8.43 -28.48 -8.20
CA VAL H 98 7.17 -28.51 -7.47
C VAL H 98 7.33 -28.46 -5.94
N ILE H 99 8.13 -29.38 -5.40
CA ILE H 99 8.31 -29.44 -3.97
C ILE H 99 8.86 -28.11 -3.48
N LEU H 100 9.89 -27.60 -4.16
CA LEU H 100 10.50 -26.31 -3.80
C LEU H 100 9.53 -25.15 -3.81
N GLY H 101 8.57 -25.18 -4.75
CA GLY H 101 7.58 -24.12 -4.89
C GLY H 101 6.51 -24.15 -3.84
N LEU H 102 6.10 -25.37 -3.47
CA LEU H 102 5.16 -25.58 -2.38
C LEU H 102 5.71 -25.06 -1.06
N LEU H 103 7.03 -25.05 -0.95
CA LEU H 103 7.71 -24.57 0.25
C LEU H 103 7.62 -23.07 0.49
N LYS H 104 7.36 -22.29 -0.55
CA LYS H 104 7.35 -20.85 -0.39
C LYS H 104 5.93 -20.36 -0.09
N THR H 105 5.82 -19.29 0.69
CA THR H 105 4.56 -18.58 0.83
C THR H 105 4.12 -18.10 -0.55
N PRO H 106 2.80 -17.86 -0.71
CA PRO H 106 2.26 -17.42 -2.01
C PRO H 106 3.00 -16.22 -2.57
N ALA H 107 3.19 -15.19 -1.74
CA ALA H 107 3.86 -13.98 -2.21
C ALA H 107 5.34 -14.23 -2.49
N GLN H 108 5.99 -15.01 -1.62
CA GLN H 108 7.37 -15.42 -1.83
C GLN H 108 7.54 -16.15 -3.17
N TYR H 109 6.64 -17.09 -3.45
CA TYR H 109 6.64 -17.83 -4.72
C TYR H 109 6.46 -16.92 -5.93
N ASP H 110 5.37 -16.15 -5.93
CA ASP H 110 5.12 -15.19 -6.98
C ASP H 110 6.32 -14.26 -7.22
N ALA H 111 6.85 -13.69 -6.14
CA ALA H 111 8.05 -12.86 -6.22
C ALA H 111 9.22 -13.59 -6.89
N SER H 112 9.46 -14.84 -6.49
CA SER H 112 10.52 -15.64 -7.12
C SER H 112 10.23 -15.85 -8.59
N GLU H 113 9.02 -16.31 -8.89
CA GLU H 113 8.67 -16.61 -10.27
C GLU H 113 8.87 -15.38 -11.12
N LEU H 114 8.39 -14.24 -10.61
CA LEU H 114 8.64 -12.95 -11.26
C LEU H 114 10.14 -12.69 -11.47
N LYS H 115 10.93 -12.78 -10.39
CA LYS H 115 12.38 -12.56 -10.46
C LYS H 115 13.02 -13.45 -11.52
N ALA H 116 12.60 -14.71 -11.57
CA ALA H 116 13.13 -15.64 -12.57
C ALA H 116 12.71 -15.20 -13.96
N SER H 117 11.51 -14.64 -14.07
CA SER H 117 11.01 -14.31 -15.38
C SER H 117 11.70 -13.04 -15.86
N MET H 118 12.05 -12.17 -14.93
CA MET H 118 12.61 -10.86 -15.25
C MET H 118 13.81 -10.91 -16.16
N LYS H 119 14.84 -11.60 -15.68
CA LYS H 119 16.18 -11.34 -16.18
C LYS H 119 16.30 -11.48 -17.68
N GLY H 120 16.58 -10.34 -18.32
CA GLY H 120 16.99 -10.27 -19.70
C GLY H 120 16.46 -9.01 -20.38
N LEU H 121 16.85 -8.84 -21.64
CA LEU H 121 15.99 -8.19 -22.61
C LEU H 121 15.31 -9.36 -23.30
N GLY H 122 15.75 -10.55 -22.88
CA GLY H 122 14.88 -11.71 -22.84
C GLY H 122 14.07 -11.48 -21.57
N THR H 123 13.02 -12.24 -21.37
CA THR H 123 12.23 -12.16 -20.14
C THR H 123 11.16 -13.14 -20.46
N ASP H 124 10.55 -13.71 -19.45
CA ASP H 124 9.48 -14.62 -19.74
C ASP H 124 8.30 -13.72 -19.53
N GLU H 125 7.73 -13.27 -20.65
CA GLU H 125 6.66 -12.31 -20.55
C GLU H 125 5.41 -13.05 -20.13
N ASP H 126 5.22 -14.24 -20.71
CA ASP H 126 4.09 -15.08 -20.37
C ASP H 126 3.98 -15.25 -18.86
N SER H 127 5.10 -15.56 -18.21
CA SER H 127 5.14 -15.75 -16.75
C SER H 127 4.87 -14.42 -16.04
N LEU H 128 5.59 -13.39 -16.47
CA LEU H 128 5.38 -12.03 -16.00
C LEU H 128 3.91 -11.66 -16.20
N ILE H 129 3.42 -11.87 -17.42
CA ILE H 129 2.03 -11.57 -17.76
C ILE H 129 1.02 -12.35 -16.93
N GLU H 130 1.21 -13.67 -16.89
CA GLU H 130 0.28 -14.54 -16.17
C GLU H 130 0.13 -14.05 -14.75
N ILE H 131 1.26 -13.77 -14.12
CA ILE H 131 1.20 -13.40 -12.71
C ILE H 131 0.61 -12.02 -12.53
N ILE H 132 1.20 -11.03 -13.20
CA ILE H 132 0.76 -9.64 -13.05
C ILE H 132 -0.70 -9.39 -13.43
N CYS H 133 -1.19 -10.07 -14.46
CA CYS H 133 -2.58 -9.90 -14.88
C CYS H 133 -3.60 -10.58 -14.00
N SER H 134 -3.21 -11.68 -13.38
CA SER H 134 -4.16 -12.47 -12.63
C SER H 134 -4.23 -12.20 -11.15
N ARG H 135 -3.29 -11.44 -10.60
CA ARG H 135 -3.22 -11.30 -9.15
C ARG H 135 -4.07 -10.15 -8.61
N THR H 136 -4.79 -10.39 -7.53
CA THR H 136 -5.62 -9.37 -6.90
C THR H 136 -4.80 -8.22 -6.27
N ASN H 137 -5.50 -7.15 -5.95
CA ASN H 137 -4.91 -5.99 -5.31
C ASN H 137 -3.98 -6.33 -4.16
N GLN H 138 -4.49 -6.96 -3.10
CA GLN H 138 -3.66 -7.30 -1.93
C GLN H 138 -2.56 -8.32 -2.22
N GLU H 139 -2.89 -9.36 -2.99
CA GLU H 139 -1.91 -10.35 -3.44
C GLU H 139 -0.72 -9.62 -4.04
N LEU H 140 -1.00 -8.59 -4.85
CA LEU H 140 0.05 -7.80 -5.46
C LEU H 140 0.88 -7.02 -4.43
N GLN H 141 0.21 -6.53 -3.39
CA GLN H 141 0.88 -5.72 -2.38
C GLN H 141 1.85 -6.54 -1.52
N GLU H 142 1.48 -7.79 -1.24
CA GLU H 142 2.36 -8.67 -0.49
C GLU H 142 3.54 -9.08 -1.34
N ILE H 143 3.29 -9.30 -2.63
CA ILE H 143 4.36 -9.54 -3.58
C ILE H 143 5.34 -8.37 -3.55
N ASN H 144 4.81 -7.15 -3.67
CA ASN H 144 5.66 -5.95 -3.62
C ASN H 144 6.52 -5.89 -2.34
N ARG H 145 5.90 -6.07 -1.18
CA ARG H 145 6.61 -6.14 0.10
C ARG H 145 7.68 -7.22 0.09
N VAL H 146 7.28 -8.43 -0.28
CA VAL H 146 8.18 -9.56 -0.26
C VAL H 146 9.30 -9.48 -1.31
N TYR H 147 8.99 -9.00 -2.50
CA TYR H 147 9.99 -8.81 -3.53
C TYR H 147 11.10 -7.86 -3.01
N LYS H 148 10.68 -6.76 -2.38
CA LYS H 148 11.58 -5.79 -1.75
C LYS H 148 12.56 -6.51 -0.81
N GLU H 149 12.01 -7.28 0.13
CA GLU H 149 12.78 -7.99 1.13
C GLU H 149 13.77 -8.98 0.53
N MET H 150 13.29 -9.83 -0.38
CA MET H 150 14.15 -10.84 -0.98
C MET H 150 15.19 -10.23 -1.92
N TYR H 151 14.75 -9.31 -2.76
CA TYR H 151 15.63 -8.79 -3.81
C TYR H 151 16.27 -7.42 -3.62
N LYS H 152 15.93 -6.73 -2.52
CA LYS H 152 16.50 -5.42 -2.17
C LYS H 152 16.14 -4.26 -3.12
N THR H 153 15.48 -4.58 -4.24
CA THR H 153 14.97 -3.57 -5.17
C THR H 153 13.44 -3.67 -5.31
N ASP H 154 12.81 -2.57 -5.71
CA ASP H 154 11.35 -2.57 -5.92
C ASP H 154 10.93 -3.41 -7.12
N LEU H 155 9.70 -3.91 -7.11
CA LEU H 155 9.22 -4.72 -8.23
C LEU H 155 9.05 -3.87 -9.49
N GLU H 156 8.62 -2.62 -9.30
CA GLU H 156 8.48 -1.64 -10.38
C GLU H 156 9.75 -1.47 -11.21
N LYS H 157 10.85 -1.17 -10.52
CA LYS H 157 12.16 -1.00 -11.15
C LYS H 157 12.52 -2.17 -12.06
N ASP H 158 12.40 -3.38 -11.52
CA ASP H 158 12.70 -4.57 -12.30
C ASP H 158 11.85 -4.64 -13.56
N ILE H 159 10.54 -4.42 -13.44
CA ILE H 159 9.70 -4.29 -14.62
C ILE H 159 10.21 -3.21 -15.58
N ILE H 160 10.48 -2.01 -15.05
CA ILE H 160 10.94 -0.89 -15.87
C ILE H 160 12.18 -1.28 -16.68
N SER H 161 13.11 -1.97 -16.03
CA SER H 161 14.37 -2.39 -16.64
C SER H 161 14.23 -3.60 -17.54
N ASP H 162 13.27 -4.46 -17.23
CA ASP H 162 13.07 -5.67 -18.01
C ASP H 162 11.97 -5.60 -19.06
N THR H 163 11.36 -4.43 -19.21
CA THR H 163 10.34 -4.22 -20.24
C THR H 163 10.53 -2.89 -20.94
N SER H 164 9.87 -2.72 -22.09
CA SER H 164 9.88 -1.44 -22.82
C SER H 164 8.49 -1.16 -23.41
N GLY H 165 8.38 -0.05 -24.12
CA GLY H 165 7.15 0.30 -24.84
C GLY H 165 5.90 0.38 -23.98
N ASP H 166 4.75 0.14 -24.61
CA ASP H 166 3.47 0.21 -23.92
C ASP H 166 3.22 -1.02 -23.07
N PHE H 167 3.86 -2.13 -23.44
CA PHE H 167 3.87 -3.32 -22.60
C PHE H 167 4.32 -2.92 -21.19
N ARG H 168 5.41 -2.16 -21.15
CA ARG H 168 5.94 -1.64 -19.89
C ARG H 168 4.90 -0.84 -19.12
N LYS H 169 4.33 0.17 -19.76
CA LYS H 169 3.29 1.00 -19.16
C LYS H 169 2.21 0.13 -18.54
N LEU H 170 1.78 -0.89 -19.28
CA LEU H 170 0.73 -1.81 -18.82
C LEU H 170 1.15 -2.62 -17.59
N MET H 171 2.31 -3.26 -17.68
CA MET H 171 2.77 -4.10 -16.58
C MET H 171 3.04 -3.30 -15.28
N VAL H 172 3.67 -2.12 -15.42
CA VAL H 172 3.87 -1.22 -14.30
C VAL H 172 2.53 -0.81 -13.67
N ALA H 173 1.55 -0.48 -14.51
CA ALA H 173 0.26 -0.04 -13.98
C ALA H 173 -0.49 -1.15 -13.24
N LEU H 174 -0.55 -2.35 -13.83
CA LEU H 174 -1.22 -3.46 -13.14
C LEU H 174 -0.52 -3.82 -11.83
N ALA H 175 0.80 -3.80 -11.83
CA ALA H 175 1.56 -4.31 -10.67
C ALA H 175 1.46 -3.44 -9.42
N LYS H 176 0.81 -2.28 -9.53
CA LYS H 176 0.66 -1.39 -8.38
C LYS H 176 -0.46 -1.87 -7.46
N GLY H 177 -1.29 -2.78 -7.95
CA GLY H 177 -2.42 -3.27 -7.18
C GLY H 177 -3.26 -2.13 -6.64
N ARG H 178 -3.44 -1.11 -7.47
CA ARG H 178 -4.31 0.03 -7.16
C ARG H 178 -5.72 -0.06 -7.76
N ARG H 179 -6.08 -1.22 -8.31
CA ARG H 179 -7.38 -1.40 -8.96
C ARG H 179 -8.57 -1.03 -8.07
N ALA H 180 -9.61 -0.48 -8.70
CA ALA H 180 -10.85 -0.13 -8.00
C ALA H 180 -11.59 -1.39 -7.55
N GLU H 181 -12.44 -1.21 -6.56
CA GLU H 181 -13.10 -2.30 -5.87
C GLU H 181 -14.54 -2.64 -6.24
N ASP H 182 -15.17 -1.95 -7.20
CA ASP H 182 -16.59 -1.56 -7.07
C ASP H 182 -17.43 -2.68 -6.47
N GLY H 183 -18.00 -2.46 -5.29
CA GLY H 183 -19.01 -3.37 -4.79
C GLY H 183 -20.47 -3.21 -5.17
N SER H 184 -21.12 -2.19 -4.58
CA SER H 184 -22.59 -2.19 -4.54
C SER H 184 -23.31 -1.37 -5.59
N VAL H 185 -22.62 -0.39 -6.17
CA VAL H 185 -23.30 0.62 -6.97
C VAL H 185 -22.80 0.52 -8.40
N ILE H 186 -23.73 0.32 -9.32
CA ILE H 186 -23.38 0.12 -10.71
C ILE H 186 -23.49 1.43 -11.47
N ASP H 187 -22.40 1.82 -12.13
CA ASP H 187 -22.37 3.10 -12.79
C ASP H 187 -22.63 2.81 -14.25
N TYR H 188 -23.87 3.01 -14.69
CA TYR H 188 -24.21 2.65 -16.06
C TYR H 188 -23.70 3.70 -17.01
N GLU H 189 -23.74 4.95 -16.58
CA GLU H 189 -23.19 6.04 -17.35
C GLU H 189 -21.71 5.79 -17.65
N LEU H 190 -20.96 5.37 -16.64
CA LEU H 190 -19.52 5.15 -16.74
C LEU H 190 -19.18 3.91 -17.52
N ILE H 191 -19.95 2.84 -17.29
CA ILE H 191 -19.88 1.65 -18.13
C ILE H 191 -19.95 2.03 -19.61
N ASP H 192 -21.09 2.60 -20.01
CA ASP H 192 -21.23 3.08 -21.38
C ASP H 192 -20.10 4.02 -21.78
N GLN H 193 -19.81 5.00 -20.94
CA GLN H 193 -18.70 5.93 -21.16
C GLN H 193 -17.41 5.18 -21.50
N ASP H 194 -17.10 4.16 -20.71
CA ASP H 194 -15.92 3.33 -20.95
C ASP H 194 -15.99 2.48 -22.24
N ALA H 195 -17.12 1.79 -22.46
CA ALA H 195 -17.30 0.97 -23.64
C ALA H 195 -16.94 1.72 -24.92
N ARG H 196 -17.41 2.96 -25.03
CA ARG H 196 -17.17 3.78 -26.21
C ARG H 196 -15.71 4.21 -26.30
N GLU H 197 -15.12 4.51 -25.16
CA GLU H 197 -13.72 4.92 -25.12
C GLU H 197 -12.83 3.80 -25.64
N LEU H 198 -13.14 2.57 -25.23
CA LEU H 198 -12.38 1.42 -25.68
C LEU H 198 -12.50 1.28 -27.19
N TYR H 199 -13.69 1.54 -27.71
CA TYR H 199 -13.92 1.50 -29.14
C TYR H 199 -13.30 2.72 -29.83
N ASP H 200 -13.45 3.90 -29.25
CA ASP H 200 -12.87 5.12 -29.82
C ASP H 200 -11.34 5.07 -29.99
N ALA H 201 -10.63 4.47 -29.03
CA ALA H 201 -9.19 4.27 -29.13
C ALA H 201 -8.89 3.03 -29.97
N GLY H 202 -9.94 2.29 -30.27
CA GLY H 202 -9.90 0.93 -30.76
C GLY H 202 -10.07 0.77 -32.25
N VAL H 203 -10.90 -0.21 -32.58
CA VAL H 203 -11.34 -0.50 -33.93
C VAL H 203 -11.71 0.75 -34.72
N LYS H 204 -12.39 1.69 -34.07
CA LYS H 204 -12.90 2.91 -34.72
C LYS H 204 -11.84 3.76 -35.46
N ARG H 205 -10.59 3.69 -35.02
CA ARG H 205 -9.58 4.64 -35.48
C ARG H 205 -8.33 4.01 -36.08
N LYS H 206 -7.54 4.83 -36.76
CA LYS H 206 -6.31 4.40 -37.42
C LYS H 206 -5.22 4.35 -36.37
N GLY H 207 -4.64 3.18 -36.17
CA GLY H 207 -3.78 2.96 -35.03
C GLY H 207 -4.63 2.76 -33.78
N THR H 208 -4.01 2.90 -32.62
CA THR H 208 -4.67 2.66 -31.34
C THR H 208 -4.15 3.63 -30.29
N ASP H 209 -5.04 4.13 -29.43
CA ASP H 209 -4.58 4.97 -28.35
C ASP H 209 -4.51 4.08 -27.10
N VAL H 210 -3.30 3.61 -26.83
CA VAL H 210 -3.10 2.56 -25.83
C VAL H 210 -3.32 3.03 -24.40
N PRO H 211 -2.78 4.22 -24.04
CA PRO H 211 -2.99 4.67 -22.66
C PRO H 211 -4.45 4.72 -22.24
N LYS H 212 -5.36 4.95 -23.19
CA LYS H 212 -6.77 4.90 -22.88
C LYS H 212 -7.18 3.47 -22.47
N TRP H 213 -6.71 2.49 -23.22
CA TRP H 213 -6.94 1.09 -22.89
C TRP H 213 -6.29 0.72 -21.57
N ILE H 214 -5.07 1.21 -21.35
CA ILE H 214 -4.38 0.95 -20.09
C ILE H 214 -5.13 1.59 -18.94
N SER H 215 -5.56 2.84 -19.13
CA SER H 215 -6.25 3.59 -18.10
C SER H 215 -7.50 2.82 -17.64
N ILE H 216 -8.41 2.55 -18.55
CA ILE H 216 -9.66 1.84 -18.24
C ILE H 216 -9.48 0.45 -17.63
N MET H 217 -8.61 -0.37 -18.25
CA MET H 217 -8.52 -1.77 -17.87
C MET H 217 -7.70 -2.06 -16.60
N THR H 218 -6.78 -1.16 -16.22
CA THR H 218 -6.10 -1.25 -14.91
C THR H 218 -6.88 -0.65 -13.76
N GLU H 219 -7.52 0.49 -14.01
CA GLU H 219 -8.15 1.26 -12.94
C GLU H 219 -9.55 0.76 -12.55
N ARG H 220 -10.34 0.37 -13.54
CA ARG H 220 -11.74 -0.01 -13.29
C ARG H 220 -11.83 -1.34 -12.57
N SER H 221 -12.93 -1.52 -11.85
CA SER H 221 -13.15 -2.74 -11.10
C SER H 221 -13.43 -3.93 -12.00
N VAL H 222 -13.34 -5.13 -11.41
CA VAL H 222 -13.58 -6.36 -12.14
C VAL H 222 -14.99 -6.42 -12.69
N CYS H 223 -15.97 -6.38 -11.79
CA CYS H 223 -17.37 -6.43 -12.17
C CYS H 223 -17.70 -5.35 -13.21
N HIS H 224 -17.27 -4.13 -12.94
CA HIS H 224 -17.53 -3.01 -13.84
C HIS H 224 -17.06 -3.33 -15.25
N LEU H 225 -15.82 -3.79 -15.37
CA LEU H 225 -15.24 -4.12 -16.67
C LEU H 225 -15.95 -5.28 -17.39
N GLN H 226 -16.48 -6.23 -16.63
CA GLN H 226 -17.32 -7.29 -17.20
C GLN H 226 -18.52 -6.67 -17.94
N LYS H 227 -19.30 -5.85 -17.25
CA LYS H 227 -20.36 -5.08 -17.89
C LYS H 227 -19.83 -4.20 -19.05
N VAL H 228 -18.72 -3.50 -18.86
CA VAL H 228 -18.14 -2.69 -19.94
C VAL H 228 -17.83 -3.52 -21.20
N PHE H 229 -17.26 -4.70 -20.99
CA PHE H 229 -16.92 -5.58 -22.10
C PHE H 229 -18.16 -6.07 -22.83
N GLU H 230 -19.29 -6.05 -22.14
CA GLU H 230 -20.56 -6.50 -22.73
C GLU H 230 -21.19 -5.39 -23.56
N ARG H 231 -21.12 -4.16 -23.07
CA ARG H 231 -21.69 -3.03 -23.79
C ARG H 231 -20.85 -2.67 -25.00
N TYR H 232 -19.55 -2.96 -24.91
CA TYR H 232 -18.64 -2.72 -26.03
C TYR H 232 -19.19 -3.35 -27.30
N LYS H 233 -19.79 -4.52 -27.14
CA LYS H 233 -20.37 -5.25 -28.23
C LYS H 233 -21.40 -4.43 -28.98
N SER H 234 -22.10 -3.53 -28.29
CA SER H 234 -23.06 -2.65 -28.98
C SER H 234 -22.34 -1.63 -29.83
N TYR H 235 -21.08 -1.33 -29.53
CA TYR H 235 -20.32 -0.40 -30.35
C TYR H 235 -19.39 -1.08 -31.35
N SER H 236 -19.28 -2.40 -31.29
CA SER H 236 -18.26 -3.10 -32.05
C SER H 236 -18.71 -4.42 -32.70
N PRO H 237 -18.25 -4.66 -33.96
CA PRO H 237 -18.45 -5.93 -34.67
C PRO H 237 -17.71 -7.05 -33.93
N TYR H 238 -16.63 -6.69 -33.26
CA TYR H 238 -15.83 -7.67 -32.54
C TYR H 238 -15.95 -7.49 -31.04
N ASP H 239 -15.81 -8.59 -30.30
CA ASP H 239 -15.79 -8.53 -28.83
C ASP H 239 -14.46 -7.97 -28.37
N MET H 240 -14.19 -7.94 -27.06
CA MET H 240 -12.89 -7.45 -26.60
C MET H 240 -11.72 -8.31 -27.10
N LEU H 241 -11.80 -9.62 -26.88
CA LEU H 241 -10.72 -10.50 -27.33
C LEU H 241 -10.37 -10.29 -28.80
N GLU H 242 -11.35 -10.37 -29.69
CA GLU H 242 -11.03 -10.26 -31.11
C GLU H 242 -10.57 -8.84 -31.53
N SER H 243 -11.07 -7.81 -30.84
CA SER H 243 -10.61 -6.44 -31.10
C SER H 243 -9.11 -6.29 -30.79
N ILE H 244 -8.71 -6.73 -29.61
CA ILE H 244 -7.32 -6.65 -29.20
C ILE H 244 -6.43 -7.34 -30.22
N LYS H 245 -6.86 -8.50 -30.69
CA LYS H 245 -6.11 -9.26 -31.68
C LYS H 245 -5.98 -8.50 -33.00
N LYS H 246 -6.94 -7.62 -33.26
CA LYS H 246 -6.93 -6.83 -34.48
C LYS H 246 -6.24 -5.49 -34.28
N GLU H 247 -6.30 -4.97 -33.06
CA GLU H 247 -5.70 -3.68 -32.75
C GLU H 247 -4.21 -3.66 -32.41
N VAL H 248 -3.76 -4.59 -31.58
CA VAL H 248 -2.37 -4.61 -31.10
C VAL H 248 -1.67 -5.96 -31.35
N LYS H 249 -0.33 -5.95 -31.31
CA LYS H 249 0.45 -7.17 -31.56
C LYS H 249 1.56 -7.41 -30.53
N GLY H 250 2.30 -8.50 -30.69
CA GLY H 250 3.42 -8.81 -29.81
C GLY H 250 3.07 -9.02 -28.35
N ASP H 251 4.01 -8.66 -27.46
CA ASP H 251 3.85 -8.83 -26.02
C ASP H 251 2.65 -8.07 -25.50
N LEU H 252 2.39 -6.90 -26.08
CA LEU H 252 1.25 -6.10 -25.66
C LEU H 252 -0.04 -6.87 -25.93
N GLU H 253 -0.14 -7.44 -27.12
CA GLU H 253 -1.31 -8.22 -27.47
C GLU H 253 -1.48 -9.37 -26.49
N ASN H 254 -0.37 -10.02 -26.16
CA ASN H 254 -0.41 -11.14 -25.25
C ASN H 254 -0.78 -10.70 -23.83
N ALA H 255 -0.36 -9.50 -23.45
CA ALA H 255 -0.70 -8.96 -22.15
C ALA H 255 -2.19 -8.64 -22.02
N PHE H 256 -2.72 -7.92 -23.00
CA PHE H 256 -4.13 -7.57 -23.01
C PHE H 256 -5.05 -8.79 -23.03
N LEU H 257 -4.79 -9.73 -23.95
CA LEU H 257 -5.56 -10.97 -24.03
C LEU H 257 -5.69 -11.67 -22.68
N ASN H 258 -4.56 -11.96 -22.04
CA ASN H 258 -4.58 -12.60 -20.74
C ASN H 258 -5.44 -11.82 -19.75
N LEU H 259 -5.22 -10.50 -19.72
CA LEU H 259 -5.91 -9.62 -18.77
C LEU H 259 -7.45 -9.68 -18.88
N VAL H 260 -7.96 -9.54 -20.10
CA VAL H 260 -9.39 -9.66 -20.36
C VAL H 260 -9.97 -10.98 -19.85
N GLN H 261 -9.36 -12.11 -20.23
CA GLN H 261 -9.78 -13.41 -19.73
C GLN H 261 -9.85 -13.42 -18.20
N CYS H 262 -8.75 -13.05 -17.54
CA CYS H 262 -8.71 -12.97 -16.07
C CYS H 262 -9.92 -12.23 -15.51
N ILE H 263 -10.29 -11.13 -16.16
CA ILE H 263 -11.45 -10.34 -15.75
C ILE H 263 -12.75 -11.08 -16.02
N GLN H 264 -12.94 -11.52 -17.27
CA GLN H 264 -14.15 -12.23 -17.71
C GLN H 264 -14.43 -13.51 -16.91
N ASN H 265 -13.58 -14.52 -17.07
CA ASN H 265 -13.54 -15.69 -16.19
C ASN H 265 -12.11 -16.09 -15.82
N LYS H 266 -11.73 -15.92 -14.55
CA LYS H 266 -10.37 -16.25 -14.07
C LYS H 266 -10.08 -17.76 -14.00
N PRO H 267 -10.96 -18.54 -13.31
CA PRO H 267 -10.73 -19.98 -13.29
C PRO H 267 -10.61 -20.57 -14.70
N LEU H 268 -11.54 -20.23 -15.60
CA LEU H 268 -11.44 -20.65 -17.00
C LEU H 268 -10.08 -20.26 -17.59
N TYR H 269 -9.62 -19.04 -17.28
CA TYR H 269 -8.32 -18.58 -17.75
C TYR H 269 -7.20 -19.53 -17.38
N PHE H 270 -7.20 -20.02 -16.14
CA PHE H 270 -6.17 -20.99 -15.76
C PHE H 270 -6.33 -22.34 -16.45
N ALA H 271 -7.57 -22.81 -16.57
CA ALA H 271 -7.88 -24.05 -17.29
C ALA H 271 -7.24 -24.09 -18.68
N ASP H 272 -7.45 -23.04 -19.47
CA ASP H 272 -6.90 -22.94 -20.82
C ASP H 272 -5.39 -23.03 -20.79
N ARG H 273 -4.80 -22.35 -19.81
CA ARG H 273 -3.35 -22.30 -19.66
C ARG H 273 -2.83 -23.69 -19.31
N LEU H 274 -3.52 -24.37 -18.42
CA LEU H 274 -3.24 -25.76 -18.06
C LEU H 274 -3.42 -26.71 -19.25
N TYR H 275 -4.51 -26.53 -19.99
CA TYR H 275 -4.73 -27.28 -21.22
C TYR H 275 -3.63 -27.00 -22.26
N ASP H 276 -3.30 -25.72 -22.46
CA ASP H 276 -2.21 -25.36 -23.38
C ASP H 276 -0.88 -26.00 -22.97
N SER H 277 -0.68 -26.15 -21.67
CA SER H 277 0.59 -26.64 -21.15
C SER H 277 0.80 -28.13 -21.44
N MET H 278 -0.27 -28.91 -21.47
CA MET H 278 -0.16 -30.33 -21.76
C MET H 278 -0.52 -30.75 -23.19
N LYS H 279 -0.98 -29.82 -24.02
CA LYS H 279 -1.68 -30.22 -25.25
C LYS H 279 -0.88 -30.77 -26.44
N GLY H 280 0.40 -30.42 -26.55
CA GLY H 280 1.21 -30.91 -27.66
C GLY H 280 1.83 -32.26 -27.37
N LYS H 281 2.97 -32.54 -27.98
CA LYS H 281 3.80 -33.65 -27.53
C LYS H 281 4.38 -33.26 -26.17
N GLY H 282 4.16 -34.09 -25.16
CA GLY H 282 4.64 -33.79 -23.82
C GLY H 282 3.98 -32.59 -23.17
N THR H 283 4.78 -31.80 -22.47
CA THR H 283 4.27 -30.79 -21.53
C THR H 283 5.18 -29.56 -21.42
N ARG H 284 4.61 -28.42 -21.04
CA ARG H 284 5.42 -27.27 -20.64
C ARG H 284 5.39 -27.25 -19.13
N ASP H 285 6.45 -27.72 -18.51
CA ASP H 285 6.38 -28.03 -17.08
C ASP H 285 6.47 -26.78 -16.19
N LYS H 286 6.98 -25.68 -16.75
CA LYS H 286 7.05 -24.42 -16.02
C LYS H 286 5.65 -23.88 -15.71
N VAL H 287 4.75 -23.90 -16.69
CA VAL H 287 3.42 -23.33 -16.51
C VAL H 287 2.53 -24.23 -15.66
N LEU H 288 2.57 -25.53 -15.96
CA LEU H 288 1.75 -26.51 -15.25
C LEU H 288 2.03 -26.46 -13.75
N ILE H 289 3.30 -26.47 -13.39
CA ILE H 289 3.67 -26.44 -11.98
C ILE H 289 3.21 -25.14 -11.29
N ARG H 290 3.53 -24.00 -11.88
CA ARG H 290 3.28 -22.71 -11.24
C ARG H 290 1.80 -22.56 -10.87
N ILE H 291 0.93 -22.74 -11.86
CA ILE H 291 -0.53 -22.78 -11.65
C ILE H 291 -0.97 -23.80 -10.58
N MET H 292 -0.47 -25.04 -10.64
CA MET H 292 -0.90 -26.08 -9.70
C MET H 292 -0.50 -25.75 -8.26
N VAL H 293 0.67 -25.13 -8.10
CA VAL H 293 1.08 -24.66 -6.79
C VAL H 293 0.27 -23.44 -6.39
N SER H 294 0.27 -22.42 -7.25
CA SER H 294 -0.28 -21.11 -6.90
C SER H 294 -1.79 -21.05 -6.76
N ARG H 295 -2.51 -21.91 -7.48
CA ARG H 295 -3.97 -21.87 -7.38
C ARG H 295 -4.55 -22.95 -6.47
N SER H 296 -3.68 -23.81 -5.95
CA SER H 296 -4.11 -24.98 -5.19
C SER H 296 -4.96 -24.57 -3.99
N GLU H 297 -4.58 -23.47 -3.36
CA GLU H 297 -5.27 -22.97 -2.18
C GLU H 297 -6.27 -21.84 -2.44
N VAL H 298 -6.48 -21.48 -3.69
CA VAL H 298 -7.38 -20.37 -3.97
C VAL H 298 -8.61 -20.75 -4.78
N ASP H 299 -8.48 -20.82 -6.09
CA ASP H 299 -9.61 -21.20 -6.95
C ASP H 299 -9.59 -22.61 -7.58
N MET H 300 -8.62 -23.44 -7.23
CA MET H 300 -8.34 -24.69 -7.95
C MET H 300 -9.59 -25.52 -8.29
N LEU H 301 -10.51 -25.61 -7.34
CA LEU H 301 -11.76 -26.34 -7.55
C LEU H 301 -12.54 -25.82 -8.78
N LYS H 302 -12.58 -24.51 -8.99
CA LYS H 302 -13.33 -23.93 -10.10
C LYS H 302 -12.63 -24.14 -11.43
N ILE H 303 -11.30 -24.07 -11.37
CA ILE H 303 -10.45 -24.41 -12.51
C ILE H 303 -10.82 -25.79 -13.02
N ARG H 304 -10.87 -26.75 -12.11
CA ARG H 304 -11.31 -28.10 -12.41
C ARG H 304 -12.71 -28.16 -13.03
N SER H 305 -13.66 -27.40 -12.50
CA SER H 305 -15.02 -27.45 -13.02
C SER H 305 -15.10 -26.85 -14.41
N GLU H 306 -14.42 -25.72 -14.61
CA GLU H 306 -14.32 -25.15 -15.95
C GLU H 306 -13.53 -26.08 -16.86
N PHE H 307 -12.54 -26.77 -16.31
CA PHE H 307 -11.71 -27.62 -17.14
C PHE H 307 -12.50 -28.79 -17.72
N LYS H 308 -13.29 -29.47 -16.89
CA LYS H 308 -14.11 -30.58 -17.39
C LYS H 308 -15.17 -30.06 -18.35
N ARG H 309 -15.81 -28.95 -17.99
CA ARG H 309 -16.86 -28.34 -18.80
C ARG H 309 -16.43 -28.14 -20.26
N LYS H 310 -15.31 -27.46 -20.46
CA LYS H 310 -14.85 -27.05 -21.78
C LYS H 310 -14.18 -28.17 -22.56
N TYR H 311 -13.32 -28.94 -21.89
CA TYR H 311 -12.58 -30.00 -22.58
C TYR H 311 -13.15 -31.42 -22.51
N GLY H 312 -14.16 -31.63 -21.67
CA GLY H 312 -14.85 -32.91 -21.60
C GLY H 312 -14.24 -33.93 -20.67
N LYS H 313 -12.96 -33.77 -20.36
CA LYS H 313 -12.27 -34.61 -19.38
C LYS H 313 -11.59 -33.77 -18.29
N SER H 314 -11.63 -34.29 -17.07
CA SER H 314 -11.03 -33.61 -15.89
C SER H 314 -9.54 -33.28 -15.99
N LEU H 315 -9.14 -32.21 -15.32
CA LEU H 315 -7.73 -31.86 -15.13
C LEU H 315 -7.01 -33.04 -14.54
N TYR H 316 -7.64 -33.71 -13.58
CA TYR H 316 -7.06 -34.89 -13.00
C TYR H 316 -6.64 -35.87 -14.09
N TYR H 317 -7.57 -36.17 -14.98
CA TYR H 317 -7.27 -37.03 -16.12
C TYR H 317 -6.07 -36.57 -16.95
N TYR H 318 -6.02 -35.29 -17.27
CA TYR H 318 -4.95 -34.78 -18.12
C TYR H 318 -3.55 -34.84 -17.49
N ILE H 319 -3.46 -34.58 -16.19
CA ILE H 319 -2.18 -34.61 -15.50
C ILE H 319 -1.63 -36.02 -15.52
N GLN H 320 -2.48 -36.95 -15.15
CA GLN H 320 -2.12 -38.36 -15.12
C GLN H 320 -1.62 -38.84 -16.49
N GLN H 321 -2.15 -38.23 -17.54
CA GLN H 321 -1.82 -38.58 -18.93
C GLN H 321 -0.47 -38.04 -19.42
N ASP H 322 -0.14 -36.82 -19.03
CA ASP H 322 1.11 -36.19 -19.46
C ASP H 322 2.29 -36.26 -18.48
N THR H 323 2.05 -36.79 -17.29
CA THR H 323 3.12 -36.91 -16.27
C THR H 323 3.09 -38.25 -15.52
N LYS H 324 4.27 -38.77 -15.22
CA LYS H 324 4.39 -39.97 -14.43
C LYS H 324 5.41 -39.73 -13.32
N GLY H 325 5.63 -40.75 -12.48
CA GLY H 325 6.54 -40.62 -11.38
C GLY H 325 5.90 -39.99 -10.15
N ASP H 326 6.73 -39.68 -9.17
CA ASP H 326 6.28 -39.02 -7.95
C ASP H 326 5.87 -37.60 -8.30
N TYR H 327 6.45 -37.10 -9.39
CA TYR H 327 6.07 -35.81 -9.93
C TYR H 327 4.56 -35.76 -10.26
N GLN H 328 4.05 -36.81 -10.89
CA GLN H 328 2.62 -36.89 -11.15
C GLN H 328 1.78 -36.90 -9.87
N LYS H 329 2.09 -37.84 -8.96
CA LYS H 329 1.32 -37.99 -7.73
C LYS H 329 1.23 -36.67 -6.97
N ALA H 330 2.30 -35.88 -7.06
CA ALA H 330 2.35 -34.58 -6.41
C ALA H 330 1.31 -33.61 -6.99
N LEU H 331 1.32 -33.44 -8.32
CA LEU H 331 0.32 -32.63 -9.00
C LEU H 331 -1.09 -33.07 -8.63
N LEU H 332 -1.31 -34.38 -8.59
CA LEU H 332 -2.63 -34.93 -8.36
C LEU H 332 -3.17 -34.63 -6.97
N TYR H 333 -2.30 -34.66 -5.96
CA TYR H 333 -2.66 -34.23 -4.62
C TYR H 333 -3.03 -32.74 -4.68
N LEU H 334 -2.21 -31.99 -5.40
CA LEU H 334 -2.45 -30.57 -5.63
C LEU H 334 -3.72 -30.29 -6.42
N CYS H 335 -4.10 -31.21 -7.30
CA CYS H 335 -5.33 -31.09 -8.06
C CYS H 335 -6.56 -31.30 -7.16
N GLY H 336 -6.43 -32.21 -6.20
CA GLY H 336 -7.44 -32.32 -5.16
C GLY H 336 -8.41 -33.46 -5.34
N GLY H 337 -8.46 -34.02 -6.53
CA GLY H 337 -9.39 -35.09 -6.82
C GLY H 337 -9.83 -35.14 -8.27
N ASP H 338 -10.88 -35.91 -8.51
CA ASP H 338 -11.44 -36.01 -9.85
C ASP H 338 -12.85 -35.43 -9.87
N ASP H 339 -13.29 -34.98 -11.04
CA ASP H 339 -14.66 -34.55 -11.25
C ASP H 339 -15.16 -34.99 -12.62
N PRO I 2 8.89 -1.13 28.35
CA PRO I 2 10.09 -1.87 28.75
C PRO I 2 9.87 -2.62 30.07
N SER I 3 9.27 -3.81 29.98
CA SER I 3 8.84 -4.59 31.16
C SER I 3 9.97 -5.30 31.90
N GLN I 4 9.71 -5.59 33.17
CA GLN I 4 10.61 -6.38 34.00
C GLN I 4 10.44 -7.87 33.72
N MET I 5 9.28 -8.25 33.18
CA MET I 5 9.07 -9.60 32.70
C MET I 5 10.01 -9.85 31.54
N GLU I 6 9.96 -8.94 30.57
CA GLU I 6 10.81 -8.98 29.39
C GLU I 6 12.28 -8.92 29.73
N HIS I 7 12.63 -8.09 30.72
CA HIS I 7 14.00 -7.99 31.18
C HIS I 7 14.43 -9.33 31.78
N ALA I 8 13.52 -9.95 32.53
CA ALA I 8 13.73 -11.27 33.10
C ALA I 8 13.93 -12.31 32.01
N MET I 9 13.14 -12.22 30.94
CA MET I 9 13.28 -13.09 29.78
C MET I 9 14.69 -12.97 29.21
N GLU I 10 15.06 -11.73 28.91
CA GLU I 10 16.36 -11.41 28.32
C GLU I 10 17.52 -11.92 29.17
N THR I 11 17.34 -11.86 30.49
CA THR I 11 18.32 -12.43 31.41
C THR I 11 18.52 -13.91 31.05
N MET I 12 17.42 -14.66 31.04
CA MET I 12 17.45 -16.08 30.66
C MET I 12 18.01 -16.31 29.27
N MET I 13 17.91 -15.31 28.41
CA MET I 13 18.47 -15.41 27.05
C MET I 13 19.98 -15.33 27.05
N PHE I 14 20.51 -14.16 27.40
CA PHE I 14 21.97 -13.99 27.31
C PHE I 14 22.77 -14.76 28.39
N THR I 15 22.16 -15.02 29.54
CA THR I 15 22.84 -15.81 30.58
C THR I 15 23.16 -17.21 30.05
N PHE I 16 22.16 -17.86 29.48
CA PHE I 16 22.39 -19.12 28.78
C PHE I 16 23.41 -18.94 27.67
N HIS I 17 23.04 -18.15 26.67
CA HIS I 17 23.82 -18.05 25.43
C HIS I 17 25.26 -17.55 25.58
N LYS I 18 25.60 -17.04 26.77
CA LYS I 18 26.97 -16.62 27.09
C LYS I 18 27.79 -17.79 27.63
N PHE I 19 27.34 -18.33 28.77
CA PHE I 19 28.07 -19.38 29.47
C PHE I 19 27.85 -20.76 28.86
N ALA I 20 26.98 -20.84 27.85
CA ALA I 20 26.83 -22.05 27.06
C ALA I 20 27.89 -22.07 25.97
N GLY I 21 28.72 -21.03 25.96
CA GLY I 21 29.82 -20.94 25.03
C GLY I 21 29.37 -20.63 23.62
N ASP I 22 30.33 -20.42 22.73
CA ASP I 22 30.04 -20.07 21.34
C ASP I 22 29.78 -21.35 20.56
N LYS I 23 29.83 -22.47 21.26
CA LYS I 23 29.44 -23.78 20.74
C LYS I 23 27.92 -23.90 20.66
N GLY I 24 27.22 -23.21 21.56
CA GLY I 24 25.77 -23.23 21.59
C GLY I 24 25.16 -24.37 22.40
N TYR I 25 25.90 -24.80 23.42
CA TYR I 25 25.48 -25.91 24.28
C TYR I 25 26.49 -26.06 25.41
N LEU I 26 26.09 -26.72 26.49
CA LEU I 26 26.98 -26.89 27.64
C LEU I 26 26.85 -28.25 28.33
N THR I 27 27.95 -28.68 28.93
CA THR I 27 27.99 -29.89 29.75
C THR I 27 28.92 -29.63 30.92
N LYS I 28 28.50 -30.01 32.12
CA LYS I 28 29.43 -30.10 33.25
C LYS I 28 30.18 -28.78 33.46
N GLU I 29 31.49 -28.83 33.25
CA GLU I 29 32.45 -27.79 33.61
C GLU I 29 31.92 -26.36 33.56
N ASP I 30 31.50 -25.90 32.39
CA ASP I 30 30.86 -24.59 32.30
C ASP I 30 29.63 -24.51 33.22
N LEU I 31 28.73 -25.49 33.13
CA LEU I 31 27.50 -25.54 33.95
C LEU I 31 27.76 -25.42 35.47
N ARG I 32 28.94 -25.85 35.89
CA ARG I 32 29.41 -25.66 37.25
C ARG I 32 29.52 -24.17 37.52
N VAL I 33 30.24 -23.48 36.64
CA VAL I 33 30.42 -22.03 36.73
C VAL I 33 29.13 -21.28 36.41
N LEU I 34 28.12 -21.99 35.91
CA LEU I 34 26.86 -21.35 35.60
C LEU I 34 26.23 -21.05 36.94
N MET I 35 25.82 -22.08 37.65
CA MET I 35 25.25 -21.91 38.98
C MET I 35 26.22 -21.21 39.92
N GLU I 36 27.47 -21.67 39.96
CA GLU I 36 28.46 -21.14 40.90
C GLU I 36 28.67 -19.63 40.80
N LYS I 37 28.75 -19.10 39.59
CA LYS I 37 28.89 -17.66 39.43
C LYS I 37 27.54 -16.93 39.37
N GLU I 38 26.45 -17.67 39.20
CA GLU I 38 25.12 -17.08 39.24
C GLU I 38 24.63 -16.78 40.65
N PHE I 39 24.68 -17.78 41.53
CA PHE I 39 24.06 -17.69 42.85
C PHE I 39 25.06 -17.40 43.98
N PRO I 40 24.79 -16.36 44.75
CA PRO I 40 25.66 -15.99 45.88
C PRO I 40 25.48 -16.97 47.04
N GLY I 41 24.25 -17.16 47.51
CA GLY I 41 23.98 -18.00 48.67
C GLY I 41 23.54 -19.45 48.53
N PHE I 42 23.73 -20.03 47.35
CA PHE I 42 23.09 -21.32 47.03
C PHE I 42 23.99 -22.56 47.04
N LEU I 43 24.96 -22.60 46.12
CA LEU I 43 25.72 -23.83 45.86
C LEU I 43 26.44 -24.38 47.08
N GLU I 44 27.00 -23.49 47.90
CA GLU I 44 27.80 -23.89 49.05
C GLU I 44 27.00 -24.05 50.34
N ASN I 45 25.68 -23.90 50.22
CA ASN I 45 24.77 -24.24 51.30
C ASN I 45 24.47 -25.73 51.21
N GLN I 46 24.86 -26.32 50.09
CA GLN I 46 24.69 -27.76 49.86
C GLN I 46 25.88 -28.54 50.39
N LYS I 47 25.62 -29.50 51.27
CA LYS I 47 26.68 -30.30 51.88
C LYS I 47 27.56 -31.04 50.88
N ASP I 48 26.92 -31.80 49.98
CA ASP I 48 27.63 -32.53 48.93
C ASP I 48 28.45 -31.52 48.11
N PRO I 49 29.78 -31.63 48.18
CA PRO I 49 30.70 -30.67 47.54
C PRO I 49 30.74 -30.76 46.01
N LEU I 50 30.29 -31.89 45.46
CA LEU I 50 30.25 -32.06 44.01
C LEU I 50 28.91 -31.60 43.43
N ALA I 51 28.11 -30.96 44.28
CA ALA I 51 26.64 -30.93 44.14
C ALA I 51 26.11 -30.69 42.73
N VAL I 52 26.81 -29.89 41.93
CA VAL I 52 26.39 -29.63 40.55
C VAL I 52 26.22 -30.90 39.68
N ASP I 53 27.14 -31.84 39.79
CA ASP I 53 27.17 -33.04 38.95
C ASP I 53 25.85 -33.83 38.91
N LYS I 54 25.09 -33.73 39.99
CA LYS I 54 23.83 -34.47 40.13
C LYS I 54 22.70 -33.97 39.21
N ILE I 55 22.63 -32.67 39.00
CA ILE I 55 21.55 -32.07 38.22
C ILE I 55 21.59 -32.50 36.75
N MET I 56 22.79 -32.54 36.17
CA MET I 56 22.99 -32.88 34.76
C MET I 56 22.27 -34.17 34.37
N LYS I 57 22.44 -35.20 35.19
CA LYS I 57 21.94 -36.54 34.89
C LYS I 57 20.42 -36.59 34.84
N ASP I 58 19.80 -35.53 35.35
CA ASP I 58 18.35 -35.37 35.33
C ASP I 58 17.85 -34.55 34.14
N LEU I 59 18.38 -33.33 34.02
CA LEU I 59 17.77 -32.25 33.23
C LEU I 59 17.32 -32.62 31.83
N ASP I 60 16.04 -32.34 31.55
CA ASP I 60 15.50 -32.43 30.19
C ASP I 60 15.85 -33.78 29.59
N GLN I 61 16.65 -33.73 28.53
CA GLN I 61 17.25 -34.91 27.94
C GLN I 61 18.77 -34.79 27.99
N CYS I 62 19.38 -35.59 28.85
CA CYS I 62 20.84 -35.64 28.98
C CYS I 62 21.49 -36.81 28.25
N ARG I 63 20.66 -37.63 27.59
CA ARG I 63 21.12 -38.87 26.96
C ARG I 63 22.21 -38.67 25.92
N ASP I 64 22.26 -37.48 25.32
CA ASP I 64 23.33 -37.13 24.40
C ASP I 64 24.62 -36.86 25.17
N GLY I 65 24.47 -36.50 26.45
CA GLY I 65 25.61 -36.17 27.30
C GLY I 65 25.78 -34.67 27.45
N LYS I 66 24.79 -33.91 26.97
CA LYS I 66 24.87 -32.45 26.97
C LYS I 66 23.57 -31.78 27.40
N VAL I 67 23.67 -30.48 27.68
CA VAL I 67 22.51 -29.68 28.10
C VAL I 67 22.28 -28.48 27.17
N GLY I 68 21.09 -28.38 26.59
CA GLY I 68 20.75 -27.29 25.68
C GLY I 68 19.91 -26.23 26.38
N PHE I 69 19.25 -25.36 25.62
CA PHE I 69 18.40 -24.33 26.23
C PHE I 69 17.05 -24.87 26.67
N GLN I 70 16.40 -25.63 25.80
CA GLN I 70 15.15 -26.30 26.13
C GLN I 70 15.38 -27.15 27.38
N SER I 71 16.64 -27.53 27.57
CA SER I 71 17.10 -28.17 28.78
C SER I 71 17.26 -27.18 29.92
N PHE I 72 18.14 -26.20 29.73
CA PHE I 72 18.45 -25.21 30.76
C PHE I 72 17.22 -24.59 31.43
N PHE I 73 16.22 -24.22 30.64
CA PHE I 73 15.05 -23.56 31.19
C PHE I 73 14.29 -24.47 32.15
N SER I 74 14.37 -25.77 31.91
CA SER I 74 13.73 -26.74 32.79
C SER I 74 14.44 -26.82 34.16
N LEU I 75 15.71 -26.44 34.20
CA LEU I 75 16.46 -26.35 35.46
C LEU I 75 15.86 -25.27 36.35
N ILE I 76 15.81 -24.05 35.84
CA ILE I 76 15.24 -22.93 36.58
C ILE I 76 13.73 -23.13 36.71
N ALA I 77 13.17 -24.05 35.93
CA ALA I 77 11.76 -24.36 36.05
C ALA I 77 11.56 -25.15 37.33
N GLY I 78 12.22 -26.30 37.42
CA GLY I 78 12.24 -27.08 38.64
C GLY I 78 12.56 -26.24 39.87
N LEU I 79 13.59 -25.40 39.76
CA LEU I 79 13.98 -24.57 40.89
C LEU I 79 12.92 -23.53 41.27
N THR I 80 12.34 -22.84 40.29
CA THR I 80 11.35 -21.78 40.57
C THR I 80 10.01 -22.34 41.06
N ILE I 81 9.58 -23.45 40.48
CA ILE I 81 8.39 -24.15 40.96
C ILE I 81 8.66 -24.59 42.41
N ALA I 82 9.84 -25.13 42.63
CA ALA I 82 10.27 -25.52 43.98
C ALA I 82 10.17 -24.35 44.97
N CYS I 83 10.75 -23.22 44.61
CA CYS I 83 10.75 -22.03 45.46
C CYS I 83 9.36 -21.53 45.77
N ASN I 84 8.60 -21.28 44.71
CA ASN I 84 7.25 -20.76 44.81
C ASN I 84 6.36 -21.64 45.68
N ASP I 85 6.54 -22.95 45.54
CA ASP I 85 5.86 -23.90 46.41
C ASP I 85 6.04 -23.52 47.87
N TYR I 86 7.28 -23.20 48.25
CA TYR I 86 7.59 -22.87 49.64
C TYR I 86 7.08 -21.48 49.98
N PHE I 87 7.13 -20.57 49.02
CA PHE I 87 6.73 -19.18 49.25
C PHE I 87 5.21 -19.03 49.34
N VAL I 88 4.50 -20.10 49.00
CA VAL I 88 3.05 -20.16 49.23
C VAL I 88 2.75 -21.01 50.48
N VAL I 89 3.20 -22.27 50.46
CA VAL I 89 3.09 -23.16 51.61
C VAL I 89 3.58 -22.53 52.91
N HIS I 90 4.81 -22.03 52.91
CA HIS I 90 5.44 -21.50 54.12
C HIS I 90 5.52 -19.96 54.17
N MET I 91 6.44 -19.39 53.40
CA MET I 91 6.70 -17.96 53.47
C MET I 91 5.50 -17.13 53.02
N LYS I 92 5.46 -15.86 53.44
CA LYS I 92 4.35 -14.99 53.10
C LYS I 92 4.80 -13.60 52.66
N PRO J 2 20.92 -5.16 43.99
CA PRO J 2 20.10 -6.36 43.82
C PRO J 2 20.77 -7.36 42.89
N SER J 3 20.14 -8.51 42.65
CA SER J 3 20.78 -9.57 41.90
C SER J 3 19.92 -10.16 40.77
N GLN J 4 20.49 -10.21 39.57
CA GLN J 4 19.79 -10.74 38.39
C GLN J 4 19.85 -12.27 38.34
N MET J 5 19.21 -12.86 37.35
CA MET J 5 19.12 -14.31 37.25
C MET J 5 18.29 -14.81 38.43
N GLU J 6 17.91 -13.87 39.30
CA GLU J 6 17.25 -14.20 40.56
C GLU J 6 16.08 -13.23 40.61
N HIS J 7 16.35 -11.95 40.37
CA HIS J 7 15.29 -10.95 40.30
C HIS J 7 14.34 -11.33 39.17
N ALA J 8 14.87 -12.11 38.23
CA ALA J 8 14.08 -12.66 37.12
C ALA J 8 12.94 -13.56 37.60
N MET J 9 13.29 -14.68 38.21
CA MET J 9 12.31 -15.63 38.74
C MET J 9 11.46 -14.99 39.84
N GLU J 10 12.07 -14.05 40.55
CA GLU J 10 11.38 -13.27 41.56
C GLU J 10 10.27 -12.47 40.88
N THR J 11 10.62 -11.83 39.77
CA THR J 11 9.66 -11.07 38.97
C THR J 11 8.57 -11.99 38.45
N MET J 12 8.92 -13.24 38.14
CA MET J 12 7.94 -14.22 37.68
C MET J 12 6.91 -14.49 38.77
N MET J 13 7.43 -14.94 39.92
CA MET J 13 6.61 -15.21 41.09
C MET J 13 5.74 -14.02 41.45
N PHE J 14 6.30 -12.82 41.34
CA PHE J 14 5.64 -11.59 41.78
C PHE J 14 4.66 -11.02 40.75
N THR J 15 4.82 -11.39 39.49
CA THR J 15 3.90 -11.01 38.43
C THR J 15 2.68 -11.92 38.46
N PHE J 16 2.94 -13.22 38.58
CA PHE J 16 1.87 -14.18 38.79
C PHE J 16 1.12 -13.80 40.05
N HIS J 17 1.86 -13.44 41.09
CA HIS J 17 1.27 -13.02 42.36
C HIS J 17 0.67 -11.62 42.31
N LYS J 18 0.97 -10.87 41.24
CA LYS J 18 0.32 -9.57 41.02
C LYS J 18 -1.06 -9.78 40.42
N PHE J 19 -1.15 -10.65 39.41
CA PHE J 19 -2.42 -10.86 38.73
C PHE J 19 -3.25 -12.05 39.21
N ALA J 20 -2.78 -12.76 40.22
CA ALA J 20 -3.51 -13.92 40.73
C ALA J 20 -4.68 -13.48 41.60
N GLY J 21 -4.75 -12.17 41.88
CA GLY J 21 -5.76 -11.62 42.75
C GLY J 21 -5.54 -12.14 44.16
N ASP J 22 -6.62 -12.16 44.97
CA ASP J 22 -6.56 -12.81 46.26
C ASP J 22 -6.73 -14.31 46.01
N LYS J 23 -7.36 -14.63 44.89
CA LYS J 23 -7.65 -16.00 44.47
C LYS J 23 -6.40 -16.89 44.41
N GLY J 24 -5.49 -16.56 43.49
CA GLY J 24 -4.28 -17.33 43.28
C GLY J 24 -4.32 -18.20 42.03
N TYR J 25 -5.51 -18.57 41.59
CA TYR J 25 -5.72 -19.07 40.25
C TYR J 25 -5.84 -17.81 39.39
N LEU J 26 -5.50 -17.87 38.11
CA LEU J 26 -5.74 -16.71 37.25
C LEU J 26 -6.37 -17.03 35.89
N THR J 27 -7.44 -16.30 35.57
CA THR J 27 -8.28 -16.56 34.41
C THR J 27 -8.01 -15.61 33.26
N LYS J 28 -8.82 -15.72 32.21
CA LYS J 28 -8.65 -14.92 31.00
C LYS J 28 -8.56 -13.42 31.25
N GLU J 29 -9.32 -12.91 32.22
CA GLU J 29 -9.19 -11.52 32.64
C GLU J 29 -7.76 -11.26 33.12
N ASP J 30 -7.43 -11.85 34.26
CA ASP J 30 -6.12 -11.73 34.88
C ASP J 30 -4.99 -12.06 33.91
N LEU J 31 -5.13 -13.17 33.19
CA LEU J 31 -4.12 -13.59 32.24
C LEU J 31 -3.91 -12.55 31.15
N ARG J 32 -4.99 -12.18 30.47
CA ARG J 32 -4.90 -11.20 29.40
C ARG J 32 -4.27 -9.90 29.89
N VAL J 33 -4.79 -9.35 30.98
CA VAL J 33 -4.24 -8.09 31.51
C VAL J 33 -2.75 -8.22 31.84
N LEU J 34 -2.37 -9.37 32.38
CA LEU J 34 -0.96 -9.68 32.63
C LEU J 34 -0.19 -9.54 31.33
N MET J 35 -0.74 -10.11 30.27
CA MET J 35 -0.10 -10.06 28.97
C MET J 35 -0.15 -8.66 28.36
N GLU J 36 -1.04 -7.82 28.89
CA GLU J 36 -1.24 -6.46 28.40
C GLU J 36 -0.19 -5.51 28.96
N LYS J 37 0.10 -5.65 30.25
CA LYS J 37 1.17 -4.87 30.88
C LYS J 37 2.58 -5.34 30.51
N GLU J 38 2.84 -6.61 30.79
CA GLU J 38 4.17 -7.20 30.64
C GLU J 38 4.65 -7.22 29.20
N PHE J 39 3.81 -7.75 28.30
CA PHE J 39 4.21 -7.85 26.90
C PHE J 39 3.34 -6.91 26.07
N PRO J 40 3.55 -5.59 26.23
CA PRO J 40 2.66 -4.60 25.61
C PRO J 40 2.51 -4.82 24.12
N GLY J 41 1.28 -4.70 23.64
CA GLY J 41 1.02 -4.83 22.22
C GLY J 41 1.34 -6.16 21.58
N PHE J 42 1.64 -7.19 22.37
CA PHE J 42 1.86 -8.51 21.81
C PHE J 42 0.56 -9.05 21.23
N LEU J 43 -0.51 -8.89 22.00
CA LEU J 43 -1.81 -9.48 21.66
C LEU J 43 -2.62 -8.70 20.61
N GLU J 44 -2.50 -7.37 20.59
CA GLU J 44 -3.18 -6.55 19.57
C GLU J 44 -2.45 -6.73 18.23
N ASN J 45 -1.17 -7.04 18.31
CA ASN J 45 -0.37 -7.46 17.17
C ASN J 45 -0.81 -8.84 16.67
N GLN J 46 -1.31 -9.67 17.58
CA GLN J 46 -1.70 -11.05 17.26
C GLN J 46 -2.92 -11.10 16.35
N LYS J 47 -3.09 -12.23 15.65
CA LYS J 47 -4.35 -12.42 14.95
C LYS J 47 -5.14 -13.58 15.56
N ASP J 48 -5.95 -13.22 16.55
CA ASP J 48 -7.26 -13.74 16.92
C ASP J 48 -7.47 -12.95 18.21
N PRO J 49 -8.73 -12.76 18.64
CA PRO J 49 -8.95 -12.33 20.01
C PRO J 49 -9.23 -13.65 20.72
N LEU J 50 -9.35 -14.70 19.91
CA LEU J 50 -9.28 -16.08 20.37
C LEU J 50 -7.91 -16.40 20.99
N ALA J 51 -6.99 -15.42 20.99
CA ALA J 51 -5.67 -15.57 21.60
C ALA J 51 -5.68 -15.98 23.07
N VAL J 52 -6.35 -15.19 23.91
CA VAL J 52 -6.39 -15.48 25.34
C VAL J 52 -7.37 -16.61 25.64
N ASP J 53 -8.24 -16.91 24.66
CA ASP J 53 -9.02 -18.14 24.66
C ASP J 53 -8.07 -19.31 24.44
N LYS J 54 -7.02 -19.06 23.65
CA LYS J 54 -6.11 -20.09 23.18
C LYS J 54 -5.05 -20.45 24.20
N ILE J 55 -4.53 -19.46 24.92
CA ILE J 55 -3.53 -19.75 25.94
C ILE J 55 -4.18 -20.46 27.14
N MET J 56 -5.29 -19.91 27.62
CA MET J 56 -6.07 -20.54 28.70
C MET J 56 -6.55 -21.95 28.34
N LYS J 57 -6.69 -22.22 27.05
CA LYS J 57 -7.11 -23.53 26.56
C LYS J 57 -6.00 -24.59 26.72
N ASP J 58 -4.80 -24.29 26.22
CA ASP J 58 -3.70 -25.25 26.29
C ASP J 58 -2.56 -24.80 27.19
N LEU J 59 -2.47 -25.44 28.35
CA LEU J 59 -1.44 -25.24 29.38
C LEU J 59 -1.41 -26.57 30.17
N ASP J 60 -0.78 -26.61 31.34
CA ASP J 60 -0.68 -27.88 32.06
C ASP J 60 -2.01 -28.31 32.71
N GLN J 61 -2.44 -27.68 33.79
CA GLN J 61 -3.81 -27.90 34.22
C GLN J 61 -4.59 -26.59 34.12
N CYS J 62 -5.26 -26.43 32.98
CA CYS J 62 -6.21 -25.36 32.74
C CYS J 62 -7.67 -25.84 32.67
N ARG J 63 -7.85 -27.16 32.76
CA ARG J 63 -9.13 -27.77 32.43
C ARG J 63 -10.24 -27.43 33.45
N ASP J 64 -9.83 -26.78 34.53
CA ASP J 64 -10.78 -26.29 35.53
C ASP J 64 -11.20 -24.85 35.22
N GLY J 65 -10.73 -24.33 34.09
CA GLY J 65 -11.05 -22.97 33.67
C GLY J 65 -10.27 -21.95 34.49
N LYS J 66 -9.41 -22.47 35.36
CA LYS J 66 -8.56 -21.66 36.22
C LYS J 66 -7.13 -22.19 36.12
N VAL J 67 -6.17 -21.28 36.15
CA VAL J 67 -4.78 -21.60 35.79
C VAL J 67 -3.77 -21.29 36.90
N GLY J 68 -2.91 -22.27 37.21
CA GLY J 68 -1.95 -22.15 38.29
C GLY J 68 -0.58 -21.65 37.89
N PHE J 69 0.34 -21.61 38.85
CA PHE J 69 1.70 -21.12 38.59
C PHE J 69 2.47 -22.02 37.64
N GLN J 70 2.38 -23.33 37.86
CA GLN J 70 3.07 -24.31 37.02
C GLN J 70 2.68 -24.13 35.54
N SER J 71 1.42 -23.80 35.28
CA SER J 71 0.94 -23.60 33.92
C SER J 71 1.29 -22.23 33.32
N PHE J 72 1.35 -21.20 34.15
CA PHE J 72 1.79 -19.87 33.69
C PHE J 72 3.28 -19.90 33.37
N PHE J 73 4.02 -20.66 34.15
CA PHE J 73 5.44 -20.85 33.92
C PHE J 73 5.64 -21.53 32.57
N SER J 74 4.78 -22.50 32.28
CA SER J 74 4.80 -23.18 30.99
C SER J 74 4.53 -22.16 29.89
N LEU J 75 3.63 -21.22 30.19
CA LEU J 75 3.33 -20.13 29.26
C LEU J 75 4.61 -19.36 28.98
N ILE J 76 5.41 -19.14 30.02
CA ILE J 76 6.71 -18.49 29.87
C ILE J 76 7.75 -19.48 29.35
N ALA J 77 7.45 -20.77 29.50
CA ALA J 77 8.33 -21.82 28.97
C ALA J 77 8.21 -21.85 27.47
N GLY J 78 7.04 -22.21 26.95
CA GLY J 78 6.83 -22.21 25.51
C GLY J 78 7.16 -20.88 24.85
N LEU J 79 7.00 -19.78 25.58
CA LEU J 79 7.19 -18.43 25.07
C LEU J 79 8.67 -18.07 24.95
N THR J 80 9.43 -18.35 26.00
CA THR J 80 10.85 -18.00 26.04
C THR J 80 11.66 -18.99 25.20
N ILE J 81 11.17 -20.23 25.18
CA ILE J 81 11.71 -21.27 24.31
C ILE J 81 11.47 -20.87 22.86
N ALA J 82 10.27 -20.41 22.53
CA ALA J 82 9.96 -19.95 21.18
C ALA J 82 10.77 -18.72 20.77
N CYS J 83 10.94 -17.81 21.73
CA CYS J 83 11.69 -16.58 21.51
C CYS J 83 13.21 -16.86 21.47
N ASN J 84 13.60 -18.06 21.90
CA ASN J 84 14.99 -18.50 21.86
C ASN J 84 15.46 -18.96 20.47
N ASP J 85 14.82 -20.00 19.94
CA ASP J 85 15.19 -20.52 18.61
C ASP J 85 14.86 -19.56 17.45
N TYR J 86 14.15 -18.46 17.76
CA TYR J 86 14.04 -17.34 16.82
C TYR J 86 15.38 -16.62 16.83
N PHE J 87 15.74 -16.12 18.01
CA PHE J 87 17.00 -15.40 18.21
C PHE J 87 18.19 -16.15 17.63
N VAL J 88 18.11 -17.48 17.66
CA VAL J 88 19.24 -18.33 17.30
C VAL J 88 19.96 -17.93 16.01
N VAL J 89 19.22 -17.83 14.90
CA VAL J 89 19.79 -17.38 13.64
C VAL J 89 19.85 -15.85 13.51
N HIS J 90 18.89 -15.17 14.13
CA HIS J 90 18.53 -13.80 13.74
C HIS J 90 19.36 -12.63 14.31
N MET J 91 19.34 -12.42 15.63
CA MET J 91 20.03 -11.27 16.20
C MET J 91 21.22 -11.69 17.05
N LYS J 92 22.20 -10.80 17.17
CA LYS J 92 23.47 -11.13 17.83
C LYS J 92 23.91 -10.03 18.80
N PRO K 6 6.08 -30.78 25.74
CA PRO K 6 6.43 -31.34 27.05
C PRO K 6 7.96 -31.43 27.28
N THR K 7 8.38 -31.02 28.47
CA THR K 7 9.75 -31.21 28.96
C THR K 7 9.67 -31.66 30.42
N PHE K 8 10.64 -32.45 30.87
CA PHE K 8 10.63 -32.93 32.25
C PHE K 8 11.57 -32.13 33.16
N PHE K 9 11.01 -31.48 34.18
CA PHE K 9 11.82 -30.71 35.13
C PHE K 9 12.26 -31.56 36.33
N PRO K 10 13.36 -31.14 37.01
CA PRO K 10 13.83 -31.86 38.20
C PRO K 10 12.99 -31.56 39.43
N ARG K 11 12.84 -32.54 40.33
CA ARG K 11 12.10 -32.30 41.57
C ARG K 11 13.04 -31.88 42.69
N PHE K 12 12.61 -30.91 43.48
CA PHE K 12 13.45 -30.32 44.52
C PHE K 12 12.70 -30.19 45.84
N GLU K 13 13.38 -30.51 46.95
CA GLU K 13 12.70 -30.62 48.24
C GLU K 13 13.08 -29.51 49.23
N PHE K 14 12.49 -29.57 50.43
CA PHE K 14 12.72 -28.60 51.50
C PHE K 14 12.31 -27.18 51.11
N PRO L 6 7.87 -32.65 34.52
CA PRO L 6 6.49 -32.90 34.09
C PRO L 6 5.69 -31.61 33.83
N THR L 7 6.05 -30.85 32.79
CA THR L 7 5.29 -29.65 32.43
C THR L 7 4.83 -29.64 30.98
N PHE L 8 3.65 -29.07 30.76
CA PHE L 8 3.00 -29.05 29.45
C PHE L 8 3.30 -27.71 28.80
N PHE L 9 4.16 -27.69 27.78
CA PHE L 9 4.44 -26.41 27.12
C PHE L 9 4.04 -26.39 25.64
N PRO L 10 3.02 -25.58 25.31
CA PRO L 10 2.78 -25.23 23.90
C PRO L 10 3.79 -24.16 23.46
N ARG L 11 4.22 -24.20 22.21
CA ARG L 11 5.27 -23.29 21.74
C ARG L 11 4.79 -22.38 20.63
N PHE L 12 5.51 -21.29 20.42
CA PHE L 12 5.12 -20.28 19.43
C PHE L 12 5.99 -20.40 18.18
N GLU L 13 5.34 -20.47 17.02
CA GLU L 13 6.03 -20.54 15.73
C GLU L 13 6.10 -19.15 15.09
N PHE L 14 6.74 -19.06 13.93
CA PHE L 14 6.88 -17.81 13.19
C PHE L 14 7.48 -16.70 14.06
#